data_8C3G
#
_entry.id   8C3G
#
_cell.length_a   87.064
_cell.length_b   87.445
_cell.length_c   228.888
_cell.angle_alpha   90.000
_cell.angle_beta   90.000
_cell.angle_gamma   90.000
#
_symmetry.space_group_name_H-M   'P 21 21 21'
#
loop_
_entity.id
_entity.type
_entity.pdbx_description
1 polymer 'Dual specificity tyrosine-phosphorylation-regulated kinase 1A'
2 non-polymer N-[2-methoxy-4-(4-methylpiperazin-1-yl)phenyl]-4-(1-methylpyrrolo[2,3-c]pyridin-3-yl)pyrimidin-2-amine
3 non-polymer 1,2-ETHANEDIOL
4 non-polymer 'SULFATE ION'
5 water water
#
_entity_poly.entity_id   1
_entity_poly.type   'polypeptide(L)'
_entity_poly.pdbx_seq_one_letter_code
;MDSSHKKERKVYNDGYDDDNYDYIVKNGEKWMDRYEIDSLIGKGSFGQVVKAYDRVEQEWVAIKIIKNKKAFLNQAQIEV
RLLELMNKHDTEMKYYIVHLKRHFMFRNHLCLVFEMLSYNLYDLLRNTNFRGVSLNLTRKFAQQMCTALLFLATPELSII
HCDLKPENILLCNPKRSAIKIVDFGSSCQLGQRIYQ(PTR)IQSRFYRSPEVLLGMPYDLAIDMWSLGCILVEMHTGEPL
FSGANEVDQMNKIVEVLGIPPAHILDQAPKARKFFEKLPDGTWNLKKTKDGKREYKPPGTRKLHNILGVETGGPGGRRAG
ESGHTVADYLKFKDLILRMLDYDPKTRIQPYYALQHSFFKKTADEGTNTHHHHHH
;
_entity_poly.pdbx_strand_id   A,B,C,D
#
# COMPACT_ATOMS: atom_id res chain seq x y z
N LYS A 10 30.51 -17.00 -10.52
CA LYS A 10 30.78 -17.83 -11.72
C LYS A 10 29.64 -17.67 -12.74
N VAL A 11 28.51 -18.34 -12.51
CA VAL A 11 27.33 -18.15 -13.41
C VAL A 11 26.20 -17.46 -12.66
N TYR A 12 25.46 -16.58 -13.34
CA TYR A 12 24.39 -15.83 -12.76
C TYR A 12 23.14 -15.98 -13.60
N ASN A 13 22.04 -16.40 -12.98
CA ASN A 13 20.77 -16.55 -13.69
C ASN A 13 20.95 -17.47 -14.89
N ASP A 14 21.58 -18.61 -14.64
CA ASP A 14 21.85 -19.63 -15.65
C ASP A 14 22.74 -19.11 -16.77
N GLY A 15 23.53 -18.08 -16.49
CA GLY A 15 24.39 -17.48 -17.50
C GLY A 15 23.81 -16.27 -18.20
N TYR A 16 22.51 -16.02 -18.07
CA TYR A 16 21.88 -14.90 -18.76
C TYR A 16 22.26 -13.55 -18.16
N ASP A 17 22.72 -13.50 -16.92
CA ASP A 17 23.04 -12.25 -16.25
C ASP A 17 24.54 -12.14 -16.02
N ASP A 18 25.00 -10.89 -15.83
CA ASP A 18 26.34 -10.65 -15.34
C ASP A 18 26.33 -10.61 -13.82
N ASP A 19 27.50 -10.28 -13.24
CA ASP A 19 27.61 -10.26 -11.79
C ASP A 19 26.83 -9.11 -11.17
N ASN A 20 26.34 -8.17 -11.97
CA ASN A 20 25.43 -7.12 -11.49
C ASN A 20 23.97 -7.54 -11.60
N TYR A 21 23.73 -8.75 -12.10
CA TYR A 21 22.39 -9.27 -12.40
C TYR A 21 21.65 -8.38 -13.41
N ASP A 22 22.43 -7.73 -14.27
CA ASP A 22 21.96 -7.17 -15.53
C ASP A 22 21.87 -8.28 -16.57
N TYR A 23 20.89 -8.18 -17.45
CA TYR A 23 20.80 -9.13 -18.54
C TYR A 23 21.91 -8.87 -19.55
N ILE A 24 22.64 -9.93 -19.93
CA ILE A 24 23.73 -9.77 -20.89
C ILE A 24 23.10 -9.58 -22.26
N VAL A 25 23.07 -8.34 -22.74
CA VAL A 25 22.43 -8.01 -24.01
C VAL A 25 23.28 -8.51 -25.16
N LYS A 26 22.67 -9.29 -26.05
CA LYS A 26 23.30 -9.79 -27.27
C LYS A 26 22.55 -9.24 -28.48
N ASN A 27 23.28 -8.58 -29.37
CA ASN A 27 22.65 -8.00 -30.57
C ASN A 27 22.12 -9.13 -31.44
N GLY A 28 20.86 -9.03 -31.83
CA GLY A 28 20.31 -10.04 -32.72
C GLY A 28 19.57 -11.17 -32.03
N GLU A 29 19.56 -11.20 -30.70
CA GLU A 29 18.70 -12.16 -30.02
C GLU A 29 17.25 -11.85 -30.32
N LYS A 30 16.42 -12.89 -30.33
CA LYS A 30 14.98 -12.75 -30.48
C LYS A 30 14.30 -13.24 -29.20
N TRP A 31 13.42 -12.42 -28.62
CA TRP A 31 12.72 -12.80 -27.39
C TRP A 31 11.28 -13.18 -27.68
N MET A 32 10.88 -14.36 -27.17
CA MET A 32 9.48 -14.77 -27.16
C MET A 32 8.91 -14.85 -28.55
N ASP A 33 9.80 -15.17 -29.51
CA ASP A 33 9.48 -15.19 -30.93
C ASP A 33 8.79 -13.90 -31.35
N ARG A 34 9.20 -12.78 -30.75
CA ARG A 34 8.51 -11.51 -30.94
C ARG A 34 9.44 -10.29 -31.07
N TYR A 35 10.36 -10.09 -30.11
CA TYR A 35 11.19 -8.90 -30.09
C TYR A 35 12.59 -9.22 -30.62
N GLU A 36 13.03 -8.47 -31.63
CA GLU A 36 14.34 -8.67 -32.23
C GLU A 36 15.28 -7.61 -31.65
N ILE A 37 16.17 -8.04 -30.75
CA ILE A 37 17.04 -7.09 -30.05
C ILE A 37 18.08 -6.53 -31.01
N ASP A 38 18.15 -5.21 -31.09
CA ASP A 38 19.07 -4.55 -32.00
C ASP A 38 20.34 -4.09 -31.30
N SER A 39 20.22 -3.22 -30.29
CA SER A 39 21.39 -2.60 -29.69
C SER A 39 20.99 -1.95 -28.37
N LEU A 40 22.01 -1.61 -27.58
CA LEU A 40 21.82 -0.93 -26.30
C LEU A 40 21.53 0.55 -26.52
N ILE A 41 20.47 1.04 -25.91
CA ILE A 41 20.13 2.46 -25.97
C ILE A 41 20.78 3.21 -24.82
N GLY A 42 20.66 2.65 -23.62
CA GLY A 42 21.17 3.27 -22.42
C GLY A 42 21.30 2.30 -21.28
N LYS A 43 21.98 2.77 -20.23
CA LYS A 43 22.22 1.98 -19.03
C LYS A 43 22.02 2.88 -17.82
N GLY A 44 21.53 2.31 -16.74
CA GLY A 44 21.45 3.01 -15.47
C GLY A 44 21.48 2.04 -14.33
N SER A 45 21.30 2.51 -13.09
CA SER A 45 21.31 1.57 -11.97
C SER A 45 20.08 0.67 -12.01
N PHE A 46 18.98 1.13 -12.62
CA PHE A 46 17.77 0.30 -12.79
C PHE A 46 18.04 -0.94 -13.62
N GLY A 47 19.06 -0.91 -14.47
CA GLY A 47 19.25 -1.89 -15.52
C GLY A 47 19.61 -1.24 -16.85
N GLN A 48 19.03 -1.73 -17.94
CA GLN A 48 19.40 -1.29 -19.28
C GLN A 48 18.15 -0.99 -20.12
N VAL A 49 18.37 -0.24 -21.21
CA VAL A 49 17.36 0.03 -22.22
C VAL A 49 17.92 -0.38 -23.57
N VAL A 50 17.18 -1.20 -24.30
CA VAL A 50 17.60 -1.66 -25.62
C VAL A 50 16.61 -1.18 -26.68
N LYS A 51 17.15 -1.07 -27.88
CA LYS A 51 16.38 -0.89 -29.10
C LYS A 51 16.01 -2.25 -29.67
N ALA A 52 14.72 -2.47 -29.91
CA ALA A 52 14.23 -3.76 -30.35
C ALA A 52 13.16 -3.57 -31.40
N TYR A 53 13.09 -4.49 -32.34
CA TYR A 53 12.01 -4.48 -33.31
C TYR A 53 10.91 -5.44 -32.86
N ASP A 54 9.69 -4.92 -32.70
CA ASP A 54 8.52 -5.71 -32.36
C ASP A 54 7.91 -6.27 -33.64
N ARG A 55 8.06 -7.58 -33.84
CA ARG A 55 7.57 -8.26 -35.03
C ARG A 55 6.05 -8.29 -35.10
N VAL A 56 5.37 -8.13 -33.97
CA VAL A 56 3.91 -8.27 -33.97
C VAL A 56 3.29 -6.94 -34.36
N GLU A 57 3.62 -5.87 -33.63
CA GLU A 57 3.14 -4.55 -34.00
C GLU A 57 3.86 -3.99 -35.23
N GLN A 58 4.94 -4.64 -35.68
CA GLN A 58 5.77 -4.17 -36.79
C GLN A 58 6.19 -2.72 -36.56
N GLU A 59 6.99 -2.56 -35.51
CA GLU A 59 7.49 -1.25 -35.13
C GLU A 59 8.68 -1.39 -34.19
N TRP A 60 9.49 -0.34 -34.14
CA TRP A 60 10.60 -0.26 -33.18
C TRP A 60 10.08 0.13 -31.82
N VAL A 61 10.63 -0.50 -30.79
CA VAL A 61 10.32 -0.19 -29.40
C VAL A 61 11.62 -0.06 -28.63
N ALA A 62 11.54 0.62 -27.49
CA ALA A 62 12.59 0.65 -26.51
C ALA A 62 12.16 -0.22 -25.33
N ILE A 63 12.95 -1.24 -25.01
CA ILE A 63 12.65 -2.13 -23.89
C ILE A 63 13.60 -1.81 -22.74
N LYS A 64 13.02 -1.40 -21.63
CA LYS A 64 13.75 -1.21 -20.38
C LYS A 64 13.78 -2.56 -19.66
N ILE A 65 14.98 -3.13 -19.49
CA ILE A 65 15.17 -4.43 -18.84
C ILE A 65 15.65 -4.15 -17.44
N ILE A 66 14.77 -4.32 -16.45
CA ILE A 66 15.12 -4.07 -15.06
C ILE A 66 16.07 -5.15 -14.57
N LYS A 67 17.03 -4.74 -13.75
CA LYS A 67 17.94 -5.68 -13.10
C LYS A 67 17.16 -6.79 -12.42
N ASN A 68 17.70 -8.01 -12.51
CA ASN A 68 17.14 -9.17 -11.80
C ASN A 68 17.57 -9.13 -10.34
N LYS A 69 16.95 -8.20 -9.61
CA LYS A 69 17.20 -7.96 -8.21
C LYS A 69 15.92 -7.42 -7.58
N LYS A 70 15.58 -7.92 -6.40
CA LYS A 70 14.30 -7.58 -5.78
C LYS A 70 14.11 -6.07 -5.65
N ALA A 71 15.14 -5.36 -5.20
CA ALA A 71 14.96 -3.93 -4.94
C ALA A 71 14.61 -3.17 -6.22
N PHE A 72 15.20 -3.56 -7.35
CA PHE A 72 14.96 -2.80 -8.58
C PHE A 72 13.63 -3.20 -9.19
N LEU A 73 13.28 -4.48 -9.09
CA LEU A 73 11.96 -4.94 -9.47
C LEU A 73 10.87 -4.14 -8.77
N ASN A 74 10.95 -4.02 -7.44
CA ASN A 74 9.91 -3.29 -6.73
C ASN A 74 9.86 -1.84 -7.19
N GLN A 75 11.02 -1.23 -7.36
CA GLN A 75 11.08 0.13 -7.90
CA GLN A 75 11.05 0.15 -7.91
C GLN A 75 10.33 0.30 -9.28
N ALA A 76 10.69 -0.63 -10.16
CA ALA A 76 10.08 -0.58 -11.47
C ALA A 76 8.57 -0.85 -11.41
N GLN A 77 8.11 -1.68 -10.48
CA GLN A 77 6.66 -1.87 -10.30
C GLN A 77 5.96 -0.57 -9.95
N ILE A 78 6.60 0.31 -9.17
CA ILE A 78 6.02 1.61 -8.93
C ILE A 78 5.92 2.39 -10.24
N GLU A 79 6.97 2.32 -11.05
CA GLU A 79 6.97 3.02 -12.31
C GLU A 79 5.90 2.49 -13.25
N VAL A 80 5.75 1.17 -13.28
CA VAL A 80 4.69 0.56 -14.08
C VAL A 80 3.32 1.06 -13.63
N ARG A 81 3.11 1.12 -12.32
CA ARG A 81 1.82 1.56 -11.83
C ARG A 81 1.54 3.01 -12.23
N LEU A 82 2.54 3.89 -12.12
CA LEU A 82 2.32 5.30 -12.49
C LEU A 82 1.99 5.43 -13.96
N LEU A 83 2.74 4.74 -14.82
CA LEU A 83 2.46 4.81 -16.25
C LEU A 83 1.07 4.25 -16.57
N GLU A 84 0.69 3.12 -15.96
CA GLU A 84 -0.63 2.56 -16.25
C GLU A 84 -1.73 3.46 -15.70
N LEU A 85 -1.47 4.14 -14.60
CA LEU A 85 -2.41 5.11 -14.06
C LEU A 85 -2.61 6.27 -15.05
N MET A 86 -1.52 6.65 -15.74
CA MET A 86 -1.57 7.69 -16.75
C MET A 86 -2.33 7.23 -17.98
N ASN A 87 -2.04 6.00 -18.43
CA ASN A 87 -2.68 5.40 -19.59
C ASN A 87 -4.20 5.38 -19.48
N LYS A 88 -4.77 5.44 -18.28
CA LYS A 88 -6.22 5.43 -18.14
C LYS A 88 -6.85 6.78 -18.41
N HIS A 89 -6.05 7.82 -18.67
CA HIS A 89 -6.58 9.15 -18.95
C HIS A 89 -6.62 9.35 -20.46
N ASP A 90 -7.74 9.83 -21.00
CA ASP A 90 -7.89 9.88 -22.48
C ASP A 90 -7.41 11.21 -23.08
N THR A 91 -6.96 12.15 -22.25
CA THR A 91 -6.59 13.49 -22.77
C THR A 91 -5.46 13.42 -23.79
N GLU A 92 -5.48 14.34 -24.75
CA GLU A 92 -4.36 14.45 -25.68
C GLU A 92 -3.06 14.81 -24.96
N MET A 93 -3.13 15.53 -23.83
CA MET A 93 -1.91 15.95 -23.14
C MET A 93 -1.05 14.76 -22.74
N LYS A 94 -1.65 13.59 -22.58
CA LYS A 94 -0.93 12.33 -22.35
C LYS A 94 0.14 12.06 -23.41
N TYR A 95 -0.02 12.63 -24.61
CA TYR A 95 0.93 12.45 -25.70
C TYR A 95 2.35 12.86 -25.31
N TYR A 96 2.51 13.77 -24.36
CA TYR A 96 3.81 14.33 -24.05
C TYR A 96 4.58 13.52 -23.00
N ILE A 97 4.09 12.33 -22.65
CA ILE A 97 4.81 11.36 -21.82
C ILE A 97 5.20 10.18 -22.68
N VAL A 98 6.44 9.69 -22.54
CA VAL A 98 6.83 8.52 -23.31
C VAL A 98 5.90 7.37 -22.93
N HIS A 99 5.29 6.75 -23.92
CA HIS A 99 4.17 5.85 -23.67
C HIS A 99 4.62 4.43 -23.34
N LEU A 100 4.06 3.87 -22.28
CA LEU A 100 4.30 2.47 -21.94
C LEU A 100 3.32 1.62 -22.72
N LYS A 101 3.84 0.78 -23.62
CA LYS A 101 2.96 -0.07 -24.42
C LYS A 101 2.54 -1.32 -23.67
N ARG A 102 3.49 -1.99 -23.00
CA ARG A 102 3.16 -3.19 -22.22
C ARG A 102 4.37 -3.53 -21.36
N HIS A 103 4.23 -4.58 -20.55
CA HIS A 103 5.35 -5.08 -19.78
C HIS A 103 5.23 -6.59 -19.68
N PHE A 104 6.36 -7.25 -19.41
CA PHE A 104 6.35 -8.69 -19.22
C PHE A 104 7.57 -9.10 -18.41
N MET A 105 7.53 -10.34 -17.95
CA MET A 105 8.69 -10.97 -17.33
C MET A 105 9.41 -11.78 -18.38
N PHE A 106 10.73 -11.65 -18.46
CA PHE A 106 11.54 -12.45 -19.38
C PHE A 106 12.83 -12.82 -18.66
N ARG A 107 13.04 -14.13 -18.50
CA ARG A 107 14.24 -14.69 -17.88
C ARG A 107 14.55 -13.98 -16.57
N ASN A 108 13.50 -13.80 -15.77
CA ASN A 108 13.54 -13.24 -14.43
C ASN A 108 13.80 -11.74 -14.44
N HIS A 109 13.63 -11.08 -15.58
CA HIS A 109 13.74 -9.63 -15.69
C HIS A 109 12.39 -9.03 -16.04
N LEU A 110 11.96 -8.07 -15.25
CA LEU A 110 10.82 -7.27 -15.66
C LEU A 110 11.22 -6.36 -16.84
N CYS A 111 10.46 -6.43 -17.93
CA CYS A 111 10.74 -5.63 -19.12
C CYS A 111 9.58 -4.69 -19.41
N LEU A 112 9.89 -3.40 -19.54
CA LEU A 112 8.90 -2.39 -19.89
C LEU A 112 9.10 -1.97 -21.35
N VAL A 113 8.03 -2.06 -22.14
CA VAL A 113 8.09 -1.78 -23.57
C VAL A 113 7.51 -0.40 -23.80
N PHE A 114 8.36 0.51 -24.27
CA PHE A 114 8.00 1.88 -24.58
C PHE A 114 8.03 2.11 -26.07
N GLU A 115 7.28 3.11 -26.52
CA GLU A 115 7.50 3.67 -27.83
C GLU A 115 8.95 4.17 -27.94
N MET A 116 9.54 3.95 -29.10
CA MET A 116 10.92 4.34 -29.36
C MET A 116 11.00 5.80 -29.81
N LEU A 117 11.79 6.61 -29.12
CA LEU A 117 12.09 7.97 -29.55
C LEU A 117 13.53 8.06 -30.08
N SER A 118 13.95 9.26 -30.51
CA SER A 118 15.16 9.34 -31.33
C SER A 118 16.44 9.57 -30.52
N TYR A 119 16.40 10.50 -29.59
CA TYR A 119 17.55 10.83 -28.74
C TYR A 119 17.07 11.82 -27.68
N ASN A 120 17.96 12.18 -26.75
CA ASN A 120 17.55 13.06 -25.65
C ASN A 120 18.08 14.46 -25.85
N LEU A 121 17.62 15.38 -24.99
CA LEU A 121 17.94 16.78 -25.19
C LEU A 121 19.38 17.11 -24.79
N TYR A 122 20.04 16.23 -24.04
CA TYR A 122 21.47 16.43 -23.83
C TYR A 122 22.23 16.14 -25.11
N ASP A 123 21.86 15.07 -25.83
CA ASP A 123 22.39 14.87 -27.18
C ASP A 123 22.23 16.14 -28.00
N LEU A 124 21.03 16.74 -27.99
CA LEU A 124 20.81 17.94 -28.80
C LEU A 124 21.77 19.06 -28.39
N LEU A 125 21.89 19.31 -27.07
CA LEU A 125 22.85 20.29 -26.58
C LEU A 125 24.24 20.02 -27.14
N ARG A 126 24.71 18.78 -27.00
CA ARG A 126 26.00 18.40 -27.55
C ARG A 126 26.10 18.74 -29.02
N ASN A 127 24.99 18.54 -29.77
CA ASN A 127 25.04 18.75 -31.21
C ASN A 127 25.09 20.23 -31.58
N THR A 128 24.78 21.13 -30.64
CA THR A 128 25.01 22.56 -30.83
C THR A 128 26.36 23.03 -30.30
N ASN A 129 27.23 22.09 -29.94
CA ASN A 129 28.49 22.42 -29.25
C ASN A 129 28.23 23.28 -28.03
N PHE A 130 27.14 22.98 -27.34
CA PHE A 130 26.78 23.63 -26.09
C PHE A 130 26.63 25.13 -26.26
N ARG A 131 26.11 25.54 -27.43
CA ARG A 131 25.76 26.93 -27.70
C ARG A 131 24.27 27.21 -27.77
N GLY A 132 23.41 26.18 -27.70
CA GLY A 132 21.98 26.31 -27.55
C GLY A 132 21.23 26.16 -28.88
N VAL A 133 19.92 26.00 -28.78
CA VAL A 133 19.04 26.08 -29.94
C VAL A 133 18.29 27.42 -29.89
N SER A 134 17.61 27.75 -30.98
CA SER A 134 16.99 29.06 -31.13
C SER A 134 15.91 29.29 -30.07
N LEU A 135 15.53 30.55 -29.91
CA LEU A 135 14.41 30.88 -29.04
C LEU A 135 13.10 30.33 -29.60
N ASN A 136 13.03 30.13 -30.92
CA ASN A 136 11.82 29.59 -31.52
C ASN A 136 11.64 28.12 -31.17
N LEU A 137 12.71 27.33 -31.24
CA LEU A 137 12.62 25.94 -30.85
C LEU A 137 12.47 25.79 -29.34
N THR A 138 13.17 26.63 -28.57
CA THR A 138 12.98 26.63 -27.13
C THR A 138 11.53 26.90 -26.77
N ARG A 139 10.89 27.85 -27.47
CA ARG A 139 9.48 28.13 -27.23
C ARG A 139 8.63 26.89 -27.43
N LYS A 140 8.90 26.13 -28.51
CA LYS A 140 8.13 24.92 -28.79
C LYS A 140 8.30 23.91 -27.67
N PHE A 141 9.55 23.66 -27.25
CA PHE A 141 9.84 22.79 -26.11
C PHE A 141 9.11 23.27 -24.87
N ALA A 142 9.14 24.57 -24.60
CA ALA A 142 8.52 25.11 -23.39
C ALA A 142 7.03 24.78 -23.34
N GLN A 143 6.33 25.02 -24.45
CA GLN A 143 4.88 24.82 -24.46
C GLN A 143 4.53 23.35 -24.29
N GLN A 144 5.30 22.46 -24.92
CA GLN A 144 5.07 21.03 -24.78
C GLN A 144 5.34 20.55 -23.36
N MET A 145 6.47 21.00 -22.75
CA MET A 145 6.78 20.60 -21.39
C MET A 145 5.77 21.15 -20.40
N CYS A 146 5.28 22.37 -20.62
CA CYS A 146 4.25 22.89 -19.72
C CYS A 146 2.99 22.05 -19.81
N THR A 147 2.69 21.54 -21.02
CA THR A 147 1.52 20.68 -21.19
C THR A 147 1.74 19.35 -20.47
N ALA A 148 2.94 18.79 -20.60
CA ALA A 148 3.28 17.57 -19.85
C ALA A 148 3.06 17.78 -18.36
N LEU A 149 3.59 18.87 -17.82
CA LEU A 149 3.41 19.14 -16.40
C LEU A 149 1.96 19.34 -16.05
N LEU A 150 1.17 19.94 -16.96
CA LEU A 150 -0.26 20.07 -16.72
C LEU A 150 -0.90 18.70 -16.58
N PHE A 151 -0.52 17.77 -17.44
CA PHE A 151 -1.01 16.41 -17.35
C PHE A 151 -0.67 15.78 -16.00
N LEU A 152 0.60 15.89 -15.58
CA LEU A 152 1.04 15.32 -14.31
C LEU A 152 0.26 15.89 -13.15
N ALA A 153 -0.15 17.14 -13.25
CA ALA A 153 -0.93 17.78 -12.20
C ALA A 153 -2.42 17.44 -12.26
N THR A 154 -2.86 16.63 -13.22
CA THR A 154 -4.22 16.10 -13.14
C THR A 154 -4.44 15.51 -11.74
N PRO A 155 -5.45 15.98 -11.00
CA PRO A 155 -5.54 15.64 -9.56
C PRO A 155 -5.48 14.15 -9.26
N GLU A 156 -6.18 13.33 -10.04
CA GLU A 156 -6.13 11.89 -9.87
C GLU A 156 -4.71 11.36 -10.01
N LEU A 157 -3.85 12.10 -10.73
CA LEU A 157 -2.47 11.69 -10.93
C LEU A 157 -1.57 12.33 -9.87
N SER A 158 -1.47 13.67 -9.89
CA SER A 158 -0.63 14.41 -8.96
C SER A 158 0.79 13.84 -8.93
N ILE A 159 1.34 13.61 -10.12
CA ILE A 159 2.61 12.90 -10.24
C ILE A 159 3.75 13.90 -10.30
N ILE A 160 4.73 13.74 -9.41
CA ILE A 160 5.98 14.51 -9.45
C ILE A 160 7.04 13.67 -10.16
N HIS A 161 7.57 14.16 -11.28
CA HIS A 161 8.59 13.39 -11.99
C HIS A 161 9.84 13.19 -11.14
N CYS A 162 10.34 14.28 -10.55
CA CYS A 162 11.45 14.32 -9.58
C CYS A 162 12.85 14.23 -10.20
N ASP A 163 12.98 14.09 -11.50
CA ASP A 163 14.32 14.06 -12.07
C ASP A 163 14.28 14.65 -13.47
N LEU A 164 13.56 15.76 -13.62
CA LEU A 164 13.50 16.46 -14.91
C LEU A 164 14.87 17.06 -15.21
N LYS A 165 15.41 16.72 -16.36
CA LYS A 165 16.73 17.15 -16.79
C LYS A 165 16.82 16.86 -18.29
N PRO A 166 17.80 17.43 -18.99
CA PRO A 166 17.84 17.24 -20.45
C PRO A 166 17.88 15.78 -20.87
N GLU A 167 18.56 14.92 -20.10
CA GLU A 167 18.66 13.51 -20.47
C GLU A 167 17.32 12.80 -20.39
N ASN A 168 16.37 13.31 -19.59
CA ASN A 168 15.06 12.69 -19.45
C ASN A 168 13.96 13.40 -20.25
N ILE A 169 14.35 14.17 -21.26
CA ILE A 169 13.41 14.69 -22.25
C ILE A 169 13.88 14.20 -23.60
N LEU A 170 13.03 13.47 -24.31
CA LEU A 170 13.44 12.84 -25.56
C LEU A 170 12.78 13.54 -26.74
N LEU A 171 13.52 13.61 -27.84
CA LEU A 171 13.03 14.13 -29.10
C LEU A 171 12.41 12.98 -29.88
N CYS A 172 11.15 13.16 -30.32
CA CYS A 172 10.40 12.06 -30.90
CA CYS A 172 10.38 12.08 -30.94
C CYS A 172 10.99 11.62 -32.24
N ASN A 173 11.21 12.58 -33.15
CA ASN A 173 11.52 12.30 -34.55
C ASN A 173 12.64 13.26 -34.93
N PRO A 174 13.74 12.76 -35.50
CA PRO A 174 14.87 13.65 -35.77
C PRO A 174 14.53 14.86 -36.62
N LYS A 175 13.36 14.88 -37.30
CA LYS A 175 13.00 16.00 -38.15
C LYS A 175 11.70 16.67 -37.72
N ARG A 176 11.36 16.56 -36.44
CA ARG A 176 10.23 17.31 -35.88
C ARG A 176 10.63 17.83 -34.53
N SER A 177 9.80 18.69 -33.97
CA SER A 177 10.08 19.37 -32.72
C SER A 177 9.36 18.74 -31.54
N ALA A 178 8.68 17.61 -31.74
CA ALA A 178 7.95 17.01 -30.63
C ALA A 178 8.91 16.40 -29.61
N ILE A 179 8.65 16.68 -28.33
CA ILE A 179 9.42 16.11 -27.23
C ILE A 179 8.46 15.47 -26.23
N LYS A 180 9.02 14.60 -25.37
CA LYS A 180 8.26 13.90 -24.35
C LYS A 180 9.15 13.60 -23.16
N ILE A 181 8.52 13.53 -21.98
CA ILE A 181 9.22 13.21 -20.74
C ILE A 181 9.33 11.70 -20.60
N VAL A 182 10.53 11.23 -20.26
CA VAL A 182 10.81 9.81 -20.14
C VAL A 182 11.33 9.51 -18.72
N ASP A 183 11.22 8.23 -18.35
CA ASP A 183 11.81 7.63 -17.15
C ASP A 183 11.16 8.10 -15.85
N PHE A 184 10.09 7.42 -15.42
CA PHE A 184 9.41 7.77 -14.18
C PHE A 184 9.82 6.85 -13.04
N GLY A 185 11.01 6.26 -13.12
CA GLY A 185 11.51 5.40 -12.07
C GLY A 185 11.80 6.09 -10.75
N SER A 186 12.05 7.40 -10.77
CA SER A 186 12.30 8.18 -9.55
C SER A 186 11.07 8.91 -9.07
N SER A 187 9.95 8.74 -9.76
CA SER A 187 8.79 9.57 -9.55
C SER A 187 8.01 9.13 -8.34
N CYS A 188 7.13 10.02 -7.87
CA CYS A 188 6.21 9.69 -6.80
C CYS A 188 4.95 10.51 -7.01
N GLN A 189 3.87 10.07 -6.38
CA GLN A 189 2.67 10.90 -6.30
C GLN A 189 2.76 11.81 -5.10
N LEU A 190 2.18 13.01 -5.23
CA LEU A 190 2.08 13.93 -4.12
C LEU A 190 1.55 13.19 -2.90
N GLY A 191 2.27 13.28 -1.80
CA GLY A 191 1.80 12.66 -0.58
C GLY A 191 2.68 13.07 0.57
N GLN A 192 2.55 12.33 1.67
CA GLN A 192 3.49 12.48 2.76
C GLN A 192 4.90 12.32 2.22
N ARG A 193 5.83 13.09 2.77
CA ARG A 193 7.18 13.07 2.23
C ARG A 193 7.86 11.75 2.57
N ILE A 194 8.40 11.10 1.54
CA ILE A 194 9.23 9.91 1.73
C ILE A 194 10.71 10.23 1.48
N TYR A 195 11.03 10.86 0.35
CA TYR A 195 12.39 11.09 -0.08
C TYR A 195 12.77 12.56 0.09
N GLN A 196 14.04 12.80 0.41
CA GLN A 196 14.52 14.17 0.50
C GLN A 196 15.69 14.47 -0.47
N ILE A 198 16.41 14.24 -3.78
CA ILE A 198 15.83 14.04 -5.11
C ILE A 198 16.29 15.13 -6.08
N GLN A 199 16.04 14.89 -7.37
CA GLN A 199 16.35 15.80 -8.47
C GLN A 199 17.85 15.81 -8.72
N SER A 200 18.26 15.88 -9.99
CA SER A 200 19.67 16.06 -10.28
C SER A 200 20.09 17.44 -9.79
N ARG A 201 21.31 17.49 -9.25
CA ARG A 201 21.79 18.67 -8.55
C ARG A 201 21.55 19.96 -9.34
N PHE A 202 21.98 20.00 -10.62
CA PHE A 202 21.83 21.25 -11.40
C PHE A 202 20.39 21.73 -11.45
N TYR A 203 19.43 20.80 -11.36
CA TYR A 203 18.02 21.05 -11.58
C TYR A 203 17.24 21.00 -10.28
N ARG A 204 17.95 21.02 -9.14
CA ARG A 204 17.35 20.76 -7.84
C ARG A 204 16.75 22.05 -7.29
N SER A 205 15.53 21.97 -6.85
CA SER A 205 14.81 23.15 -6.40
C SER A 205 15.29 23.61 -5.03
N PRO A 206 15.14 24.90 -4.73
CA PRO A 206 15.57 25.38 -3.40
C PRO A 206 14.82 24.72 -2.26
N GLU A 207 13.54 24.35 -2.42
CA GLU A 207 12.86 23.75 -1.29
C GLU A 207 13.49 22.40 -0.93
N VAL A 208 13.95 21.67 -1.94
CA VAL A 208 14.65 20.41 -1.70
C VAL A 208 16.00 20.67 -1.06
N LEU A 209 16.78 21.60 -1.64
CA LEU A 209 18.07 21.95 -1.05
C LEU A 209 17.92 22.35 0.41
N LEU A 210 16.85 23.04 0.72
CA LEU A 210 16.63 23.49 2.09
C LEU A 210 15.99 22.44 2.97
N GLY A 211 15.67 21.25 2.47
CA GLY A 211 15.04 20.23 3.29
C GLY A 211 13.62 20.55 3.72
N MET A 212 12.89 21.25 2.87
CA MET A 212 11.55 21.76 3.13
C MET A 212 10.52 20.82 2.53
N PRO A 213 9.24 21.00 2.88
CA PRO A 213 8.18 20.30 2.15
C PRO A 213 8.20 20.67 0.67
N TYR A 214 7.84 19.71 -0.19
CA TYR A 214 7.81 19.98 -1.61
C TYR A 214 6.57 19.35 -2.24
N ASP A 215 6.30 19.75 -3.47
CA ASP A 215 5.16 19.24 -4.20
C ASP A 215 5.53 19.25 -5.67
N LEU A 216 4.51 19.31 -6.55
CA LEU A 216 4.76 19.28 -7.99
C LEU A 216 5.51 20.51 -8.47
N ALA A 217 5.59 21.57 -7.66
CA ALA A 217 6.29 22.75 -8.13
C ALA A 217 7.80 22.53 -8.33
N ILE A 218 8.36 21.41 -7.84
CA ILE A 218 9.80 21.19 -8.02
C ILE A 218 10.10 20.88 -9.46
N ASP A 219 9.15 20.23 -10.17
CA ASP A 219 9.36 19.97 -11.60
C ASP A 219 9.35 21.27 -12.42
N MET A 220 8.55 22.26 -12.01
CA MET A 220 8.51 23.55 -12.71
C MET A 220 9.81 24.31 -12.54
N TRP A 221 10.36 24.31 -11.32
CA TRP A 221 11.72 24.82 -11.12
C TRP A 221 12.71 24.17 -12.07
N SER A 222 12.68 22.85 -12.18
CA SER A 222 13.62 22.17 -13.07
C SER A 222 13.40 22.63 -14.50
N LEU A 223 12.13 22.77 -14.92
CA LEU A 223 11.83 23.21 -16.28
C LEU A 223 12.41 24.60 -16.56
N GLY A 224 12.22 25.54 -15.62
CA GLY A 224 12.89 26.85 -15.72
C GLY A 224 14.37 26.75 -16.03
N CYS A 225 15.10 25.95 -15.26
CA CYS A 225 16.54 25.77 -15.50
C CYS A 225 16.82 25.13 -16.85
N ILE A 226 16.00 24.15 -17.25
CA ILE A 226 16.23 23.42 -18.49
C ILE A 226 16.01 24.33 -19.70
N LEU A 227 14.95 25.14 -19.65
CA LEU A 227 14.64 26.01 -20.79
C LEU A 227 15.74 27.05 -21.00
N VAL A 228 16.30 27.58 -19.92
CA VAL A 228 17.42 28.51 -20.11
C VAL A 228 18.58 27.80 -20.78
N GLU A 229 18.93 26.61 -20.27
CA GLU A 229 20.07 25.86 -20.79
C GLU A 229 19.88 25.47 -22.25
N MET A 230 18.65 25.08 -22.63
CA MET A 230 18.36 24.72 -24.01
C MET A 230 18.69 25.87 -24.94
N HIS A 231 18.40 27.11 -24.53
CA HIS A 231 18.70 28.27 -25.36
C HIS A 231 20.17 28.73 -25.24
N THR A 232 20.75 28.76 -24.02
CA THR A 232 22.15 29.21 -23.92
C THR A 232 23.17 28.12 -24.25
N GLY A 233 22.77 26.85 -24.19
CA GLY A 233 23.70 25.74 -24.33
C GLY A 233 24.33 25.25 -23.03
N GLU A 234 24.19 26.00 -21.94
CA GLU A 234 24.93 25.68 -20.72
C GLU A 234 24.00 25.68 -19.53
N PRO A 235 24.29 24.87 -18.51
CA PRO A 235 23.38 24.82 -17.37
C PRO A 235 23.35 26.17 -16.68
N LEU A 236 22.16 26.54 -16.22
CA LEU A 236 22.00 27.82 -15.55
C LEU A 236 22.67 27.82 -14.19
N PHE A 237 22.49 26.74 -13.41
CA PHE A 237 23.11 26.59 -12.07
C PHE A 237 23.94 25.30 -12.04
N SER A 238 25.23 25.40 -12.33
CA SER A 238 26.08 24.21 -12.45
C SER A 238 26.84 23.96 -11.15
N GLY A 239 26.09 23.66 -10.09
CA GLY A 239 26.70 23.36 -8.80
C GLY A 239 27.61 22.15 -8.77
N ALA A 240 28.82 22.31 -8.24
CA ALA A 240 29.70 21.16 -8.02
C ALA A 240 29.31 20.35 -6.79
N ASN A 241 28.52 20.94 -5.89
CA ASN A 241 28.05 20.33 -4.66
C ASN A 241 26.89 21.18 -4.19
N GLU A 242 26.21 20.74 -3.12
CA GLU A 242 25.01 21.47 -2.75
C GLU A 242 25.30 22.92 -2.36
N VAL A 243 26.44 23.19 -1.73
CA VAL A 243 26.73 24.57 -1.32
C VAL A 243 27.00 25.43 -2.55
N ASP A 244 27.80 24.92 -3.49
CA ASP A 244 27.98 25.60 -4.75
C ASP A 244 26.64 25.80 -5.47
N GLN A 245 25.80 24.76 -5.51
CA GLN A 245 24.50 24.87 -6.15
C GLN A 245 23.69 26.02 -5.56
N MET A 246 23.61 26.11 -4.24
CA MET A 246 22.76 27.18 -3.70
C MET A 246 23.42 28.56 -3.88
N ASN A 247 24.75 28.63 -3.85
CA ASN A 247 25.40 29.92 -4.09
C ASN A 247 25.17 30.42 -5.50
N LYS A 248 25.24 29.53 -6.51
CA LYS A 248 24.98 29.93 -7.88
C LYS A 248 23.54 30.37 -8.07
N ILE A 249 22.60 29.71 -7.37
CA ILE A 249 21.20 30.14 -7.42
C ILE A 249 21.06 31.55 -6.85
N VAL A 250 21.73 31.81 -5.72
CA VAL A 250 21.66 33.10 -5.07
C VAL A 250 22.30 34.19 -5.92
N GLU A 251 23.36 33.86 -6.68
CA GLU A 251 23.97 34.81 -7.59
C GLU A 251 22.91 35.42 -8.50
N VAL A 252 22.01 34.58 -9.01
CA VAL A 252 21.06 35.02 -10.01
C VAL A 252 19.81 35.59 -9.36
N LEU A 253 19.30 34.95 -8.30
CA LEU A 253 17.99 35.28 -7.80
C LEU A 253 17.97 35.98 -6.46
N GLY A 254 19.15 36.20 -5.84
CA GLY A 254 19.24 36.86 -4.54
C GLY A 254 19.01 35.91 -3.36
N ILE A 255 19.12 36.46 -2.16
CA ILE A 255 18.91 35.64 -0.94
C ILE A 255 17.45 35.18 -0.89
N PRO A 256 17.18 33.90 -0.63
CA PRO A 256 15.78 33.48 -0.50
C PRO A 256 15.11 34.24 0.63
N PRO A 257 13.78 34.43 0.55
CA PRO A 257 13.10 35.26 1.56
C PRO A 257 13.21 34.68 2.96
N ALA A 258 13.31 35.58 3.93
CA ALA A 258 13.59 35.19 5.29
C ALA A 258 12.53 34.24 5.83
N HIS A 259 11.27 34.40 5.40
CA HIS A 259 10.21 33.53 5.93
C HIS A 259 10.37 32.10 5.45
N ILE A 260 11.01 31.88 4.31
CA ILE A 260 11.33 30.52 3.92
C ILE A 260 12.50 29.99 4.74
N LEU A 261 13.57 30.79 4.82
CA LEU A 261 14.77 30.38 5.55
C LEU A 261 14.47 30.15 7.02
N ASP A 262 13.58 30.95 7.60
CA ASP A 262 13.22 30.79 8.99
C ASP A 262 12.66 29.39 9.28
N GLN A 263 12.13 28.69 8.27
CA GLN A 263 11.55 27.37 8.42
C GLN A 263 12.41 26.25 7.87
N ALA A 264 13.44 26.55 7.11
CA ALA A 264 14.19 25.52 6.40
C ALA A 264 15.07 24.72 7.37
N PRO A 265 14.88 23.42 7.48
CA PRO A 265 15.78 22.63 8.35
C PRO A 265 17.24 22.73 7.94
N LYS A 266 17.53 23.03 6.68
CA LYS A 266 18.90 23.04 6.21
C LYS A 266 19.39 24.44 5.88
N ALA A 267 18.69 25.46 6.37
CA ALA A 267 19.10 26.84 6.12
C ALA A 267 20.55 27.07 6.52
N ARG A 268 20.96 26.55 7.66
CA ARG A 268 22.29 26.80 8.16
C ARG A 268 23.37 26.01 7.42
N LYS A 269 23.01 25.13 6.50
CA LYS A 269 24.00 24.61 5.56
C LYS A 269 24.51 25.71 4.62
N PHE A 270 23.69 26.72 4.33
CA PHE A 270 24.07 27.71 3.33
C PHE A 270 24.12 29.13 3.86
N PHE A 271 23.34 29.46 4.88
CA PHE A 271 23.16 30.82 5.32
C PHE A 271 23.38 30.94 6.83
N GLU A 272 23.66 32.16 7.24
CA GLU A 272 23.83 32.59 8.62
C GLU A 272 22.71 33.56 8.98
N LYS A 273 22.12 33.39 10.15
CA LYS A 273 21.18 34.38 10.67
C LYS A 273 21.97 35.36 11.51
N LEU A 274 22.01 36.62 11.07
CA LEU A 274 22.84 37.63 11.71
C LEU A 274 22.13 38.19 12.94
N PRO A 275 22.86 38.92 13.80
CA PRO A 275 22.21 39.55 14.97
C PRO A 275 21.07 40.51 14.62
N ASP A 276 20.99 41.03 13.40
CA ASP A 276 19.89 41.91 13.01
C ASP A 276 18.69 41.15 12.47
N GLY A 277 18.68 39.81 12.59
CA GLY A 277 17.57 39.01 12.14
C GLY A 277 17.62 38.64 10.68
N THR A 278 18.51 39.23 9.91
CA THR A 278 18.56 38.95 8.48
C THR A 278 19.42 37.74 8.21
N TRP A 279 19.18 37.13 7.07
CA TRP A 279 19.93 35.95 6.64
C TRP A 279 20.95 36.38 5.60
N ASN A 280 22.18 35.88 5.74
CA ASN A 280 23.20 36.10 4.73
C ASN A 280 23.89 34.78 4.42
N LEU A 281 24.58 34.74 3.30
CA LEU A 281 25.35 33.56 2.95
C LEU A 281 26.50 33.33 3.93
N LYS A 282 26.77 32.06 4.23
CA LYS A 282 28.04 31.72 4.87
C LYS A 282 29.18 31.82 3.86
N LYS A 283 30.35 32.20 4.34
CA LYS A 283 31.54 32.17 3.49
C LYS A 283 31.85 30.74 3.08
N THR A 284 32.44 30.57 1.89
CA THR A 284 32.78 29.24 1.39
C THR A 284 34.15 28.84 1.93
N LYS A 285 34.20 27.66 2.55
CA LYS A 285 35.42 27.14 3.16
C LYS A 285 36.46 26.75 2.11
N ARG A 289 35.56 29.64 -5.30
CA ARG A 289 34.68 29.91 -4.17
C ARG A 289 34.31 31.38 -4.10
N GLU A 290 34.41 32.09 -5.24
CA GLU A 290 34.09 33.50 -5.35
C GLU A 290 32.80 33.66 -6.15
N TYR A 291 31.79 34.23 -5.53
CA TYR A 291 30.51 34.45 -6.19
C TYR A 291 30.23 35.95 -6.31
N LYS A 292 29.57 36.31 -7.39
CA LYS A 292 29.01 37.65 -7.50
C LYS A 292 28.08 37.90 -6.30
N PRO A 293 27.91 39.14 -5.89
CA PRO A 293 26.99 39.44 -4.79
C PRO A 293 25.59 38.96 -5.14
N PRO A 294 24.77 38.69 -4.12
CA PRO A 294 23.47 38.07 -4.38
C PRO A 294 22.62 38.87 -5.38
N GLY A 295 22.14 38.17 -6.41
CA GLY A 295 21.20 38.75 -7.34
C GLY A 295 21.80 39.70 -8.35
N THR A 296 23.14 39.76 -8.45
CA THR A 296 23.80 40.61 -9.43
C THR A 296 24.19 39.87 -10.69
N ARG A 297 23.94 38.56 -10.78
CA ARG A 297 24.10 37.84 -12.05
C ARG A 297 22.71 37.71 -12.70
N LYS A 298 22.31 38.78 -13.39
CA LYS A 298 20.91 38.92 -13.79
C LYS A 298 20.58 38.03 -14.98
N LEU A 299 19.45 37.32 -14.87
CA LEU A 299 19.00 36.50 -15.99
C LEU A 299 18.80 37.35 -17.25
N HIS A 300 18.41 38.63 -17.08
CA HIS A 300 18.33 39.58 -18.19
C HIS A 300 19.62 39.58 -19.02
N ASN A 301 20.75 39.54 -18.34
CA ASN A 301 22.05 39.51 -18.99
C ASN A 301 22.51 38.12 -19.36
N ILE A 302 22.14 37.09 -18.59
CA ILE A 302 22.47 35.74 -19.02
C ILE A 302 21.83 35.45 -20.37
N LEU A 303 20.57 35.84 -20.54
CA LEU A 303 19.89 35.60 -21.80
C LEU A 303 20.36 36.52 -22.93
N GLY A 304 21.02 37.63 -22.59
CA GLY A 304 21.37 38.62 -23.60
C GLY A 304 20.18 39.32 -24.21
N VAL A 305 19.18 39.67 -23.38
CA VAL A 305 17.91 40.22 -23.83
C VAL A 305 18.11 41.42 -24.78
N GLU A 306 19.04 42.30 -24.45
CA GLU A 306 19.29 43.49 -25.26
C GLU A 306 20.56 43.43 -26.08
N THR A 307 21.28 42.30 -26.08
CA THR A 307 22.58 42.26 -26.76
C THR A 307 22.69 41.08 -27.71
N GLY A 308 21.60 40.67 -28.35
CA GLY A 308 21.71 39.64 -29.36
C GLY A 308 21.64 38.22 -28.86
N GLY A 309 21.12 38.00 -27.65
CA GLY A 309 20.95 36.65 -27.15
C GLY A 309 22.26 36.11 -26.62
N PRO A 310 22.29 34.81 -26.30
CA PRO A 310 23.48 34.22 -25.66
C PRO A 310 24.72 34.40 -26.53
N GLY A 311 25.75 35.01 -25.93
CA GLY A 311 26.95 35.32 -26.67
C GLY A 311 26.73 36.17 -27.90
N GLY A 312 25.64 36.93 -27.94
CA GLY A 312 25.34 37.70 -29.13
C GLY A 312 25.07 36.91 -30.39
N ARG A 313 24.95 35.59 -30.32
CA ARG A 313 24.82 34.79 -31.54
C ARG A 313 23.44 34.86 -32.19
N ARG A 314 22.44 35.46 -31.54
CA ARG A 314 21.10 35.52 -32.10
C ARG A 314 20.77 36.90 -32.71
N ALA A 315 21.71 37.85 -32.69
CA ALA A 315 21.48 39.18 -33.25
C ALA A 315 20.94 39.10 -34.66
N GLY A 316 19.82 39.76 -34.89
CA GLY A 316 19.25 39.84 -36.23
C GLY A 316 18.42 38.65 -36.65
N GLU A 317 18.31 37.62 -35.80
CA GLU A 317 17.64 36.39 -36.18
C GLU A 317 16.16 36.54 -35.91
N SER A 318 15.34 36.06 -36.83
CA SER A 318 13.90 36.19 -36.69
C SER A 318 13.43 35.56 -35.39
N GLY A 319 12.54 36.27 -34.69
CA GLY A 319 11.95 35.78 -33.46
C GLY A 319 12.80 35.99 -32.23
N HIS A 320 13.84 36.80 -32.32
CA HIS A 320 14.78 37.03 -31.24
C HIS A 320 14.89 38.51 -30.90
N THR A 321 13.77 39.24 -30.99
CA THR A 321 13.80 40.65 -30.66
C THR A 321 13.86 40.84 -29.14
N VAL A 322 14.17 42.08 -28.73
CA VAL A 322 14.10 42.43 -27.32
C VAL A 322 12.75 42.06 -26.72
N ALA A 323 11.66 42.32 -27.47
CA ALA A 323 10.32 41.98 -26.99
C ALA A 323 10.16 40.48 -26.76
N ASP A 324 10.68 39.66 -27.69
CA ASP A 324 10.61 38.22 -27.55
C ASP A 324 11.41 37.74 -26.33
N TYR A 325 12.63 38.26 -26.17
CA TYR A 325 13.47 37.89 -25.03
C TYR A 325 12.83 38.33 -23.71
N LEU A 326 12.15 39.46 -23.70
CA LEU A 326 11.57 39.94 -22.46
C LEU A 326 10.45 39.01 -22.00
N LYS A 327 9.67 38.48 -22.94
CA LYS A 327 8.59 37.57 -22.56
C LYS A 327 9.17 36.26 -22.04
N PHE A 328 10.22 35.76 -22.70
CA PHE A 328 10.91 34.57 -22.25
C PHE A 328 11.48 34.75 -20.86
N LYS A 329 12.17 35.88 -20.63
CA LYS A 329 12.70 36.17 -19.30
C LYS A 329 11.60 36.13 -18.25
N ASP A 330 10.47 36.77 -18.54
CA ASP A 330 9.40 36.87 -17.56
C ASP A 330 8.89 35.49 -17.17
N LEU A 331 8.67 34.63 -18.15
CA LEU A 331 8.14 33.30 -17.85
C LEU A 331 9.12 32.54 -16.98
N ILE A 332 10.40 32.54 -17.37
CA ILE A 332 11.44 31.85 -16.62
C ILE A 332 11.47 32.34 -15.17
N LEU A 333 11.41 33.66 -14.97
CA LEU A 333 11.46 34.16 -13.61
C LEU A 333 10.28 33.66 -12.77
N ARG A 334 9.10 33.50 -13.39
CA ARG A 334 7.96 32.95 -12.66
CA ARG A 334 7.95 32.94 -12.67
C ARG A 334 8.13 31.46 -12.37
N MET A 335 8.84 30.76 -13.25
CA MET A 335 9.24 29.37 -13.03
C MET A 335 10.27 29.24 -11.92
N LEU A 336 11.04 30.30 -11.64
CA LEU A 336 12.14 30.27 -10.66
C LEU A 336 11.79 31.07 -9.42
N ASP A 337 10.50 31.28 -9.18
CA ASP A 337 10.03 31.81 -7.91
C ASP A 337 10.51 30.92 -6.77
N TYR A 338 11.14 31.54 -5.77
CA TYR A 338 11.60 30.81 -4.59
C TYR A 338 10.46 30.15 -3.82
N ASP A 339 9.27 30.74 -3.88
CA ASP A 339 8.14 30.27 -3.09
C ASP A 339 7.33 29.26 -3.90
N PRO A 340 7.37 27.96 -3.59
CA PRO A 340 6.62 26.99 -4.41
C PRO A 340 5.13 27.25 -4.41
N LYS A 341 4.63 28.06 -3.49
CA LYS A 341 3.20 28.36 -3.43
C LYS A 341 2.79 29.38 -4.49
N THR A 342 3.70 30.24 -4.94
CA THR A 342 3.41 31.24 -5.96
C THR A 342 4.17 31.02 -7.25
N ARG A 343 5.09 30.06 -7.28
CA ARG A 343 5.72 29.64 -8.54
C ARG A 343 4.64 29.32 -9.57
N ILE A 344 4.91 29.65 -10.83
CA ILE A 344 3.84 29.57 -11.82
C ILE A 344 3.45 28.12 -12.04
N GLN A 345 2.17 27.88 -12.11
CA GLN A 345 1.62 26.55 -12.34
C GLN A 345 1.44 26.30 -13.83
N PRO A 346 1.42 25.03 -14.25
CA PRO A 346 1.42 24.76 -15.70
C PRO A 346 0.26 25.41 -16.44
N TYR A 347 -0.94 25.41 -15.85
CA TYR A 347 -2.09 26.02 -16.50
C TYR A 347 -1.79 27.48 -16.84
N TYR A 348 -1.28 28.25 -15.89
CA TYR A 348 -1.03 29.66 -16.13
C TYR A 348 0.21 29.90 -16.95
N ALA A 349 1.23 29.05 -16.81
CA ALA A 349 2.36 29.12 -17.72
C ALA A 349 1.90 29.04 -19.16
N LEU A 350 0.92 28.18 -19.44
CA LEU A 350 0.46 28.02 -20.81
C LEU A 350 -0.29 29.26 -21.32
N GLN A 351 -0.76 30.13 -20.44
CA GLN A 351 -1.44 31.37 -20.90
C GLN A 351 -0.43 32.52 -21.08
N HIS A 352 0.85 32.27 -20.84
CA HIS A 352 1.84 33.35 -20.85
C HIS A 352 2.01 33.93 -22.26
N SER A 353 2.33 35.23 -22.31
CA SER A 353 2.48 35.93 -23.59
C SER A 353 3.61 35.36 -24.43
N PHE A 354 4.61 34.75 -23.79
CA PHE A 354 5.66 34.07 -24.55
C PHE A 354 5.09 33.08 -25.55
N PHE A 355 3.90 32.53 -25.28
CA PHE A 355 3.23 31.60 -26.18
C PHE A 355 2.17 32.26 -27.05
N LYS A 356 1.77 33.49 -26.73
CA LYS A 356 0.75 34.19 -27.51
C LYS A 356 1.34 34.70 -28.81
N LYS B 10 -32.71 -12.74 13.92
CA LYS B 10 -33.06 -12.80 15.35
C LYS B 10 -31.94 -12.24 16.23
N VAL B 11 -30.80 -12.93 16.27
CA VAL B 11 -29.63 -12.50 17.04
C VAL B 11 -28.51 -12.08 16.08
N TYR B 12 -27.53 -11.35 16.63
CA TYR B 12 -26.39 -10.86 15.86
C TYR B 12 -25.15 -10.95 16.74
N ASN B 13 -24.08 -11.58 16.24
CA ASN B 13 -22.82 -11.71 16.98
C ASN B 13 -23.04 -12.39 18.33
N ASP B 14 -23.78 -13.52 18.29
CA ASP B 14 -24.16 -14.29 19.49
C ASP B 14 -24.96 -13.44 20.47
N GLY B 15 -25.74 -12.48 19.97
CA GLY B 15 -26.53 -11.60 20.80
C GLY B 15 -25.80 -10.37 21.33
N TYR B 16 -24.52 -10.19 21.00
CA TYR B 16 -23.78 -9.04 21.49
C TYR B 16 -24.02 -7.78 20.67
N ASP B 17 -24.61 -7.90 19.48
CA ASP B 17 -24.76 -6.80 18.53
C ASP B 17 -26.23 -6.56 18.24
N ASP B 18 -26.57 -5.34 17.84
CA ASP B 18 -27.91 -5.06 17.34
C ASP B 18 -27.96 -5.34 15.84
N ASP B 19 -29.04 -4.89 15.16
CA ASP B 19 -29.22 -5.17 13.74
C ASP B 19 -28.26 -4.37 12.86
N ASN B 20 -27.73 -3.24 13.35
CA ASN B 20 -26.71 -2.47 12.63
C ASN B 20 -25.29 -2.90 13.00
N TYR B 21 -25.15 -4.04 13.69
CA TYR B 21 -23.89 -4.59 14.19
C TYR B 21 -23.11 -3.63 15.10
N ASP B 22 -23.81 -2.68 15.72
CA ASP B 22 -23.26 -1.94 16.85
C ASP B 22 -23.27 -2.84 18.08
N TYR B 23 -22.22 -2.73 18.90
CA TYR B 23 -22.25 -3.40 20.20
C TYR B 23 -23.40 -2.85 21.03
N ILE B 24 -24.17 -3.73 21.66
CA ILE B 24 -25.28 -3.31 22.51
C ILE B 24 -24.68 -2.85 23.83
N VAL B 25 -24.54 -1.53 24.02
CA VAL B 25 -23.87 -1.00 25.20
C VAL B 25 -24.76 -1.20 26.42
N LYS B 26 -24.17 -1.77 27.49
CA LYS B 26 -24.87 -2.02 28.74
C LYS B 26 -24.09 -1.29 29.84
N ASN B 27 -24.68 -0.21 30.38
CA ASN B 27 -24.02 0.55 31.44
C ASN B 27 -23.76 -0.34 32.64
N GLY B 28 -22.54 -0.26 33.17
CA GLY B 28 -22.12 -1.07 34.27
C GLY B 28 -21.45 -2.36 33.90
N GLU B 29 -21.48 -2.76 32.63
CA GLU B 29 -20.74 -3.95 32.20
C GLU B 29 -19.24 -3.74 32.41
N LYS B 30 -18.53 -4.83 32.65
CA LYS B 30 -17.09 -4.79 32.88
C LYS B 30 -16.41 -5.69 31.86
N TRP B 31 -15.45 -5.14 31.14
CA TRP B 31 -14.76 -5.85 30.08
C TRP B 31 -13.46 -6.37 30.64
N MET B 32 -13.30 -7.70 30.62
CA MET B 32 -12.00 -8.34 30.90
C MET B 32 -11.47 -7.92 32.28
N ASP B 33 -12.38 -7.83 33.26
CA ASP B 33 -12.05 -7.43 34.64
C ASP B 33 -11.22 -6.15 34.67
N ARG B 34 -11.44 -5.25 33.71
CA ARG B 34 -10.61 -4.06 33.59
C ARG B 34 -11.40 -2.77 33.34
N TYR B 35 -12.19 -2.73 32.26
CA TYR B 35 -12.91 -1.51 31.86
C TYR B 35 -14.36 -1.63 32.31
N GLU B 36 -14.78 -0.75 33.22
CA GLU B 36 -16.18 -0.69 33.64
C GLU B 36 -16.88 0.36 32.78
N ILE B 37 -17.80 -0.09 31.93
CA ILE B 37 -18.53 0.83 31.09
C ILE B 37 -19.43 1.69 31.96
N ASP B 38 -19.33 3.02 31.80
CA ASP B 38 -20.17 3.91 32.59
C ASP B 38 -21.40 4.35 31.82
N SER B 39 -21.22 4.94 30.64
CA SER B 39 -22.32 5.56 29.92
C SER B 39 -21.85 5.86 28.50
N LEU B 40 -22.81 6.12 27.64
CA LEU B 40 -22.52 6.40 26.24
C LEU B 40 -22.12 7.87 26.08
N ILE B 41 -21.00 8.12 25.39
CA ILE B 41 -20.54 9.47 25.12
C ILE B 41 -21.19 10.05 23.88
N GLY B 42 -21.32 9.24 22.84
CA GLY B 42 -22.01 9.65 21.63
C GLY B 42 -22.08 8.47 20.68
N LYS B 43 -22.92 8.62 19.66
CA LYS B 43 -23.06 7.64 18.61
C LYS B 43 -22.55 8.23 17.30
N GLY B 44 -22.41 7.37 16.30
CA GLY B 44 -21.98 7.84 15.00
C GLY B 44 -22.00 6.73 13.99
N SER B 45 -21.56 7.08 12.77
CA SER B 45 -21.48 6.12 11.68
C SER B 45 -20.46 5.02 12.00
N PHE B 46 -19.31 5.41 12.55
CA PHE B 46 -18.26 4.48 12.93
C PHE B 46 -18.72 3.44 13.94
N GLY B 47 -19.67 3.80 14.80
CA GLY B 47 -20.00 2.99 15.96
C GLY B 47 -20.33 3.88 17.15
N GLN B 48 -19.78 3.55 18.32
CA GLN B 48 -20.16 4.23 19.55
C GLN B 48 -18.91 4.62 20.33
N VAL B 49 -19.08 5.63 21.18
CA VAL B 49 -18.06 6.08 22.11
C VAL B 49 -18.65 6.05 23.51
N VAL B 50 -17.96 5.38 24.45
CA VAL B 50 -18.43 5.18 25.81
C VAL B 50 -17.41 5.72 26.78
N LYS B 51 -17.91 6.27 27.88
CA LYS B 51 -17.06 6.63 29.00
C LYS B 51 -16.87 5.39 29.86
N ALA B 52 -15.62 5.15 30.28
CA ALA B 52 -15.25 3.90 30.94
C ALA B 52 -14.10 4.16 31.91
N TYR B 53 -14.07 3.37 32.99
CA TYR B 53 -13.01 3.43 33.97
C TYR B 53 -12.05 2.26 33.78
N ASP B 54 -10.77 2.57 33.61
CA ASP B 54 -9.72 1.57 33.49
C ASP B 54 -9.27 1.21 34.91
N ARG B 55 -9.76 0.07 35.42
CA ARG B 55 -9.43 -0.34 36.79
C ARG B 55 -7.95 -0.65 36.95
N VAL B 56 -7.28 -1.03 35.86
CA VAL B 56 -5.88 -1.41 35.98
C VAL B 56 -5.00 -0.17 36.03
N GLU B 57 -5.20 0.76 35.10
CA GLU B 57 -4.46 2.01 35.11
C GLU B 57 -5.04 3.02 36.09
N GLN B 58 -6.27 2.79 36.60
CA GLN B 58 -6.95 3.70 37.52
C GLN B 58 -7.23 5.06 36.87
N GLU B 59 -7.58 5.06 35.60
CA GLU B 59 -7.88 6.30 34.90
C GLU B 59 -9.16 6.12 34.09
N TRP B 60 -9.85 7.25 33.88
CA TRP B 60 -10.98 7.32 32.96
C TRP B 60 -10.49 7.35 31.52
N VAL B 61 -11.26 6.73 30.64
CA VAL B 61 -10.92 6.64 29.23
C VAL B 61 -12.18 6.72 28.40
N ALA B 62 -12.02 7.11 27.16
CA ALA B 62 -13.08 7.02 26.17
C ALA B 62 -12.77 5.85 25.26
N ILE B 63 -13.73 4.96 25.08
CA ILE B 63 -13.56 3.83 24.18
C ILE B 63 -14.50 4.01 23.00
N LYS B 64 -13.90 4.07 21.81
CA LYS B 64 -14.61 4.06 20.54
C LYS B 64 -14.74 2.60 20.14
N ILE B 65 -15.98 2.11 20.11
CA ILE B 65 -16.28 0.73 19.76
C ILE B 65 -16.70 0.70 18.30
N ILE B 66 -15.82 0.24 17.43
CA ILE B 66 -16.10 0.19 15.99
C ILE B 66 -17.13 -0.90 15.69
N LYS B 67 -18.03 -0.60 14.76
CA LYS B 67 -19.05 -1.55 14.33
C LYS B 67 -18.43 -2.84 13.82
N ASN B 68 -19.09 -3.96 14.12
CA ASN B 68 -18.64 -5.28 13.71
C ASN B 68 -19.02 -5.50 12.24
N LYS B 69 -18.33 -4.74 11.37
CA LYS B 69 -18.47 -4.89 9.93
C LYS B 69 -17.14 -4.56 9.29
N LYS B 70 -16.78 -5.31 8.24
CA LYS B 70 -15.45 -5.19 7.66
C LYS B 70 -15.14 -3.75 7.21
N ALA B 71 -16.10 -3.08 6.56
CA ALA B 71 -15.84 -1.74 6.02
C ALA B 71 -15.42 -0.76 7.11
N PHE B 72 -16.09 -0.79 8.27
CA PHE B 72 -15.75 0.16 9.33
C PHE B 72 -14.51 -0.26 10.12
N LEU B 73 -14.27 -1.56 10.19
CA LEU B 73 -13.02 -2.06 10.74
C LEU B 73 -11.84 -1.54 9.94
N ASN B 74 -11.93 -1.63 8.60
CA ASN B 74 -10.81 -1.20 7.77
C ASN B 74 -10.59 0.30 7.90
N GLN B 75 -11.67 1.06 7.97
CA GLN B 75 -11.54 2.52 8.14
C GLN B 75 -10.84 2.78 9.46
N ALA B 76 -11.32 2.14 10.52
CA ALA B 76 -10.75 2.39 11.84
C ALA B 76 -9.29 1.96 11.88
N GLN B 77 -8.89 1.01 11.03
CA GLN B 77 -7.47 0.67 10.94
C GLN B 77 -6.65 1.85 10.44
N ILE B 78 -7.13 2.54 9.40
CA ILE B 78 -6.47 3.75 8.92
C ILE B 78 -6.30 4.74 10.06
N GLU B 79 -7.40 5.00 10.79
CA GLU B 79 -7.36 5.92 11.92
C GLU B 79 -6.33 5.50 12.96
N VAL B 80 -6.29 4.20 13.31
CA VAL B 80 -5.26 3.72 14.24
C VAL B 80 -3.87 4.00 13.69
N ARG B 81 -3.64 3.68 12.41
CA ARG B 81 -2.34 3.92 11.82
C ARG B 81 -1.99 5.41 11.88
N LEU B 82 -2.94 6.29 11.51
CA LEU B 82 -2.66 7.72 11.58
C LEU B 82 -2.31 8.16 13.00
N LEU B 83 -3.02 7.63 14.00
CA LEU B 83 -2.75 8.01 15.38
C LEU B 83 -1.41 7.46 15.86
N GLU B 84 -1.07 6.22 15.50
CA GLU B 84 0.21 5.67 15.91
C GLU B 84 1.37 6.34 15.18
N LEU B 85 1.15 6.91 14.00
CA LEU B 85 2.17 7.75 13.38
C LEU B 85 2.44 9.00 14.21
N MET B 86 1.38 9.62 14.73
CA MET B 86 1.57 10.83 15.50
C MET B 86 2.31 10.55 16.79
N ASN B 87 2.00 9.40 17.44
CA ASN B 87 2.66 9.03 18.70
C ASN B 87 4.17 9.05 18.58
N LYS B 88 4.70 8.66 17.41
CA LYS B 88 6.14 8.55 17.24
C LYS B 88 6.85 9.89 17.27
N HIS B 89 6.12 10.97 17.01
CA HIS B 89 6.75 12.30 16.90
C HIS B 89 7.09 12.87 18.27
N ASP B 90 8.30 13.41 18.43
CA ASP B 90 8.79 13.88 19.71
C ASP B 90 8.19 15.22 20.13
N THR B 91 7.67 16.00 19.18
CA THR B 91 7.34 17.39 19.48
C THR B 91 6.20 17.51 20.49
N GLU B 92 6.22 18.61 21.24
CA GLU B 92 5.16 18.95 22.18
C GLU B 92 3.87 19.31 21.46
N MET B 93 3.96 19.63 20.16
CA MET B 93 2.77 20.02 19.41
C MET B 93 1.73 18.90 19.36
N LYS B 94 2.16 17.63 19.44
CA LYS B 94 1.22 16.53 19.28
C LYS B 94 0.20 16.46 20.41
N TYR B 95 0.40 17.21 21.48
CA TYR B 95 -0.51 17.08 22.60
C TYR B 95 -1.83 17.79 22.38
N TYR B 96 -1.96 18.56 21.29
CA TYR B 96 -3.24 19.10 20.88
C TYR B 96 -4.09 18.10 20.10
N ILE B 97 -3.64 16.84 20.02
CA ILE B 97 -4.40 15.77 19.43
C ILE B 97 -4.82 14.83 20.56
N VAL B 98 -6.09 14.42 20.56
CA VAL B 98 -6.55 13.49 21.60
C VAL B 98 -5.76 12.19 21.46
N HIS B 99 -5.10 11.78 22.55
CA HIS B 99 -4.18 10.64 22.51
C HIS B 99 -4.89 9.29 22.55
N LEU B 100 -4.54 8.44 21.59
CA LEU B 100 -4.92 7.03 21.59
C LEU B 100 -4.02 6.26 22.55
N LYS B 101 -4.58 5.79 23.68
CA LYS B 101 -3.76 5.07 24.66
C LYS B 101 -3.43 3.68 24.16
N ARG B 102 -4.40 2.99 23.57
CA ARG B 102 -4.22 1.62 23.09
C ARG B 102 -5.48 1.20 22.34
N HIS B 103 -5.40 0.03 21.70
CA HIS B 103 -6.55 -0.56 21.05
C HIS B 103 -6.52 -2.05 21.27
N PHE B 104 -7.70 -2.67 21.24
CA PHE B 104 -7.85 -4.10 21.42
C PHE B 104 -9.13 -4.56 20.74
N MET B 105 -9.17 -5.84 20.43
CA MET B 105 -10.39 -6.49 19.93
C MET B 105 -11.20 -6.98 21.12
N PHE B 106 -12.48 -6.63 21.15
CA PHE B 106 -13.38 -7.13 22.18
C PHE B 106 -14.66 -7.60 21.54
N ARG B 107 -14.95 -8.89 21.68
CA ARG B 107 -16.14 -9.53 21.13
C ARG B 107 -16.39 -9.09 19.67
N ASN B 108 -15.33 -9.19 18.86
CA ASN B 108 -15.34 -8.94 17.43
C ASN B 108 -15.52 -7.46 17.07
N HIS B 109 -15.31 -6.55 18.03
CA HIS B 109 -15.28 -5.11 17.80
C HIS B 109 -13.90 -4.56 18.07
N LEU B 110 -13.34 -3.84 17.09
CA LEU B 110 -12.16 -3.02 17.34
C LEU B 110 -12.49 -1.89 18.30
N CYS B 111 -11.72 -1.78 19.37
CA CYS B 111 -11.92 -0.75 20.39
C CYS B 111 -10.70 0.14 20.47
N LEU B 112 -10.90 1.45 20.28
CA LEU B 112 -9.83 2.44 20.41
C LEU B 112 -10.00 3.15 21.75
N VAL B 113 -9.00 3.06 22.62
CA VAL B 113 -9.03 3.65 23.95
C VAL B 113 -8.33 5.00 23.90
N PHE B 114 -9.02 6.04 24.34
CA PHE B 114 -8.47 7.38 24.27
C PHE B 114 -8.41 7.97 25.67
N GLU B 115 -7.51 8.93 25.82
CA GLU B 115 -7.58 9.81 26.97
C GLU B 115 -8.94 10.49 27.02
N MET B 116 -9.40 10.75 28.23
CA MET B 116 -10.75 11.23 28.45
C MET B 116 -10.75 12.74 28.58
N LEU B 117 -11.58 13.40 27.77
CA LEU B 117 -11.78 14.85 27.85
C LEU B 117 -13.20 15.15 28.31
N SER B 118 -13.45 16.41 28.66
CA SER B 118 -14.69 16.82 29.33
C SER B 118 -15.89 16.83 28.39
N TYR B 119 -15.86 17.66 27.35
CA TYR B 119 -16.94 17.75 26.36
C TYR B 119 -16.41 18.50 25.15
N ASN B 120 -17.26 18.68 24.13
CA ASN B 120 -16.81 19.29 22.88
C ASN B 120 -17.23 20.76 22.80
N LEU B 121 -16.71 21.44 21.77
CA LEU B 121 -16.94 22.88 21.66
C LEU B 121 -18.39 23.22 21.33
N TYR B 122 -19.11 22.31 20.67
CA TYR B 122 -20.54 22.50 20.52
C TYR B 122 -21.24 22.60 21.87
N ASP B 123 -20.94 21.66 22.79
CA ASP B 123 -21.49 21.75 24.15
C ASP B 123 -21.18 23.09 24.77
N LEU B 124 -19.94 23.57 24.61
CA LEU B 124 -19.61 24.92 25.07
C LEU B 124 -20.55 25.95 24.46
N LEU B 125 -20.76 25.89 23.13
CA LEU B 125 -21.65 26.84 22.48
C LEU B 125 -23.08 26.68 22.96
N ARG B 126 -23.52 25.43 23.18
CA ARG B 126 -24.81 25.23 23.85
C ARG B 126 -24.82 25.87 25.22
N ASN B 127 -23.70 25.80 25.95
CA ASN B 127 -23.63 26.37 27.30
C ASN B 127 -23.89 27.87 27.27
N THR B 128 -23.22 28.59 26.36
CA THR B 128 -23.40 30.03 26.23
C THR B 128 -24.71 30.41 25.52
N ASN B 129 -25.66 29.48 25.41
CA ASN B 129 -26.91 29.71 24.69
C ASN B 129 -26.63 30.24 23.28
N PHE B 130 -25.58 29.69 22.66
CA PHE B 130 -25.19 30.05 21.30
C PHE B 130 -25.02 31.56 21.14
N ARG B 131 -24.42 32.19 22.17
CA ARG B 131 -24.03 33.58 22.13
C ARG B 131 -22.54 33.76 21.97
N GLY B 132 -21.78 32.67 21.94
CA GLY B 132 -20.34 32.73 21.69
C GLY B 132 -19.54 33.04 22.95
N VAL B 133 -18.25 32.77 22.87
CA VAL B 133 -17.32 33.06 23.95
C VAL B 133 -16.56 34.34 23.66
N SER B 134 -15.79 34.81 24.63
CA SER B 134 -15.05 36.06 24.48
C SER B 134 -13.95 35.92 23.44
N LEU B 135 -13.51 37.08 22.93
CA LEU B 135 -12.43 37.10 21.97
C LEU B 135 -11.14 36.57 22.58
N ASN B 136 -10.96 36.76 23.89
CA ASN B 136 -9.76 36.28 24.55
C ASN B 136 -9.76 34.76 24.66
N LEU B 137 -10.92 34.17 24.97
CA LEU B 137 -11.03 32.73 24.88
C LEU B 137 -10.91 32.26 23.44
N THR B 138 -11.49 33.02 22.50
CA THR B 138 -11.37 32.66 21.09
C THR B 138 -9.92 32.72 20.62
N ARG B 139 -9.18 33.74 21.07
CA ARG B 139 -7.76 33.83 20.75
C ARG B 139 -7.01 32.58 21.21
N LYS B 140 -7.29 32.12 22.43
CA LYS B 140 -6.63 30.95 23.01
C LYS B 140 -6.94 29.69 22.20
N PHE B 141 -8.21 29.45 21.90
CA PHE B 141 -8.57 28.31 21.05
C PHE B 141 -7.84 28.37 19.71
N ALA B 142 -7.75 29.56 19.11
CA ALA B 142 -7.20 29.69 17.75
C ALA B 142 -5.72 29.30 17.72
N GLN B 143 -4.94 29.77 18.70
CA GLN B 143 -3.52 29.44 18.73
C GLN B 143 -3.30 27.95 18.96
N GLN B 144 -4.08 27.35 19.86
CA GLN B 144 -4.01 25.91 20.04
C GLN B 144 -4.35 25.18 18.74
N MET B 145 -5.46 25.57 18.11
CA MET B 145 -5.86 24.94 16.85
C MET B 145 -4.82 25.14 15.75
N CYS B 146 -4.25 26.35 15.64
CA CYS B 146 -3.20 26.58 14.66
C CYS B 146 -2.01 25.67 14.91
N THR B 147 -1.67 25.44 16.19
CA THR B 147 -0.54 24.57 16.52
C THR B 147 -0.84 23.12 16.19
N ALA B 148 -2.07 22.67 16.48
CA ALA B 148 -2.47 21.34 16.06
C ALA B 148 -2.33 21.17 14.55
N LEU B 149 -2.71 22.20 13.78
CA LEU B 149 -2.65 22.12 12.33
C LEU B 149 -1.22 22.17 11.80
N LEU B 150 -0.34 22.90 12.50
CA LEU B 150 1.08 22.83 12.16
C LEU B 150 1.60 21.42 12.37
N PHE B 151 1.15 20.75 13.44
CA PHE B 151 1.61 19.39 13.70
C PHE B 151 1.14 18.44 12.60
N LEU B 152 -0.15 18.51 12.25
CA LEU B 152 -0.65 17.70 11.14
C LEU B 152 0.08 18.00 9.84
N ALA B 153 0.59 19.23 9.67
CA ALA B 153 1.32 19.62 8.46
C ALA B 153 2.76 19.14 8.39
N THR B 154 3.34 18.59 9.48
CA THR B 154 4.65 17.93 9.44
C THR B 154 4.76 17.09 8.17
N PRO B 155 5.79 17.26 7.36
CA PRO B 155 5.76 16.65 6.00
C PRO B 155 5.61 15.14 6.03
N GLU B 156 6.13 14.48 7.06
CA GLU B 156 6.05 13.04 7.15
C GLU B 156 4.64 12.59 7.54
N LEU B 157 3.87 13.46 8.17
CA LEU B 157 2.46 13.18 8.45
C LEU B 157 1.58 13.65 7.29
N SER B 158 1.56 14.96 7.01
CA SER B 158 0.72 15.54 5.96
C SER B 158 -0.72 15.06 6.07
N ILE B 159 -1.25 15.09 7.30
CA ILE B 159 -2.58 14.56 7.60
C ILE B 159 -3.62 15.66 7.41
N ILE B 160 -4.68 15.34 6.68
CA ILE B 160 -5.85 16.21 6.59
C ILE B 160 -6.92 15.66 7.50
N HIS B 161 -7.38 16.46 8.47
CA HIS B 161 -8.41 15.94 9.39
C HIS B 161 -9.72 15.66 8.67
N CYS B 162 -10.15 16.57 7.77
CA CYS B 162 -11.27 16.45 6.84
C CYS B 162 -12.63 16.62 7.49
N ASP B 163 -12.74 16.74 8.82
CA ASP B 163 -14.03 17.01 9.43
C ASP B 163 -13.89 17.89 10.66
N LEU B 164 -13.06 18.93 10.56
CA LEU B 164 -12.96 19.90 11.64
C LEU B 164 -14.29 20.63 11.83
N LYS B 165 -14.71 20.73 13.09
CA LYS B 165 -15.98 21.37 13.43
C LYS B 165 -16.03 21.44 14.95
N PRO B 166 -16.89 22.28 15.53
CA PRO B 166 -16.90 22.40 17.00
C PRO B 166 -17.09 21.07 17.71
N GLU B 167 -17.90 20.17 17.14
CA GLU B 167 -18.17 18.90 17.79
C GLU B 167 -16.93 18.02 17.87
N ASN B 168 -15.98 18.20 16.95
CA ASN B 168 -14.74 17.42 16.95
C ASN B 168 -13.59 18.15 17.62
N ILE B 169 -13.87 19.19 18.40
CA ILE B 169 -12.89 19.87 19.23
C ILE B 169 -13.31 19.68 20.68
N LEU B 170 -12.40 19.12 21.49
CA LEU B 170 -12.76 18.70 22.85
C LEU B 170 -12.12 19.59 23.88
N LEU B 171 -12.88 19.92 24.92
CA LEU B 171 -12.39 20.73 26.03
C LEU B 171 -11.86 19.82 27.14
N CYS B 172 -10.63 20.10 27.57
CA CYS B 172 -9.99 19.33 28.63
C CYS B 172 -10.76 19.47 29.93
N ASN B 173 -10.85 20.70 30.42
CA ASN B 173 -11.31 21.01 31.76
C ASN B 173 -12.24 22.20 31.69
N PRO B 174 -13.48 22.08 32.18
CA PRO B 174 -14.41 23.23 32.15
C PRO B 174 -13.87 24.47 32.81
N LYS B 175 -12.82 24.34 33.62
CA LYS B 175 -12.15 25.46 34.24
C LYS B 175 -10.87 25.86 33.50
N ARG B 176 -10.65 25.32 32.30
CA ARG B 176 -9.41 25.52 31.56
C ARG B 176 -9.72 25.70 30.08
N SER B 177 -8.81 26.39 29.39
CA SER B 177 -8.94 26.70 27.97
C SER B 177 -8.31 25.64 27.06
N ALA B 178 -7.71 24.60 27.63
CA ALA B 178 -7.03 23.59 26.84
C ALA B 178 -8.03 22.81 25.99
N ILE B 179 -7.69 22.61 24.71
CA ILE B 179 -8.52 21.88 23.77
C ILE B 179 -7.65 20.93 22.98
N LYS B 180 -8.31 19.97 22.30
CA LYS B 180 -7.64 18.97 21.49
C LYS B 180 -8.54 18.59 20.34
N ILE B 181 -7.92 18.20 19.21
CA ILE B 181 -8.67 17.67 18.07
C ILE B 181 -8.97 16.20 18.33
N VAL B 182 -10.19 15.78 18.03
CA VAL B 182 -10.55 14.38 18.17
C VAL B 182 -11.13 13.87 16.86
N ASP B 183 -11.12 12.54 16.73
CA ASP B 183 -11.80 11.79 15.68
C ASP B 183 -11.15 11.95 14.32
N PHE B 184 -10.17 11.08 14.05
CA PHE B 184 -9.50 11.00 12.76
C PHE B 184 -10.00 9.86 11.90
N GLY B 185 -11.25 9.42 12.12
CA GLY B 185 -11.81 8.37 11.30
C GLY B 185 -12.12 8.79 9.88
N SER B 186 -12.30 10.09 9.64
CA SER B 186 -12.48 10.64 8.29
C SER B 186 -11.18 11.12 7.68
N SER B 187 -10.08 11.07 8.42
CA SER B 187 -8.83 11.69 8.02
C SER B 187 -8.14 10.88 6.93
N CYS B 188 -7.27 11.58 6.22
CA CYS B 188 -6.40 10.92 5.26
C CYS B 188 -5.09 11.69 5.23
N GLN B 189 -4.07 11.04 4.70
CA GLN B 189 -2.82 11.71 4.39
C GLN B 189 -2.86 12.24 2.97
N LEU B 190 -2.07 13.29 2.74
CA LEU B 190 -2.02 13.94 1.43
C LEU B 190 -1.72 12.92 0.35
N GLY B 191 -2.37 13.08 -0.79
CA GLY B 191 -2.15 12.13 -1.86
C GLY B 191 -2.91 12.54 -3.10
N GLN B 192 -2.81 11.69 -4.13
CA GLN B 192 -3.73 11.78 -5.25
C GLN B 192 -5.17 11.80 -4.72
N ARG B 193 -6.02 12.58 -5.38
CA ARG B 193 -7.38 12.78 -4.89
C ARG B 193 -8.22 11.53 -5.12
N ILE B 194 -8.90 11.07 -4.05
CA ILE B 194 -9.81 9.92 -4.10
C ILE B 194 -11.24 10.33 -3.77
N TYR B 195 -11.42 11.08 -2.67
CA TYR B 195 -12.74 11.47 -2.19
C TYR B 195 -12.99 12.94 -2.48
N GLN B 196 -14.17 13.24 -3.02
CA GLN B 196 -14.53 14.63 -3.27
C GLN B 196 -15.66 15.13 -2.37
N ILE B 198 -16.40 15.63 0.93
CA ILE B 198 -15.83 15.62 2.27
C ILE B 198 -16.15 16.89 3.04
N GLN B 199 -15.79 16.84 4.33
CA GLN B 199 -16.03 17.89 5.32
C GLN B 199 -17.51 18.03 5.63
N SER B 200 -17.83 18.52 6.82
CA SER B 200 -19.21 18.85 7.15
C SER B 200 -19.62 20.12 6.42
N ARG B 201 -20.86 20.13 5.91
CA ARG B 201 -21.28 21.13 4.94
C ARG B 201 -20.97 22.55 5.42
N PHE B 202 -21.33 22.88 6.67
CA PHE B 202 -21.11 24.23 7.17
C PHE B 202 -19.64 24.63 7.07
N TYR B 203 -18.73 23.66 7.20
CA TYR B 203 -17.29 23.89 7.27
C TYR B 203 -16.58 23.47 5.99
N ARG B 204 -17.32 23.24 4.92
CA ARG B 204 -16.74 22.71 3.70
C ARG B 204 -16.11 23.84 2.89
N SER B 205 -14.90 23.60 2.40
CA SER B 205 -14.13 24.64 1.72
C SER B 205 -14.63 24.87 0.29
N PRO B 206 -14.36 26.06 -0.27
CA PRO B 206 -14.78 26.31 -1.66
C PRO B 206 -14.13 25.37 -2.67
N GLU B 207 -12.86 24.99 -2.48
CA GLU B 207 -12.23 24.07 -3.41
C GLU B 207 -12.97 22.73 -3.44
N VAL B 208 -13.45 22.27 -2.28
CA VAL B 208 -14.21 21.03 -2.25
C VAL B 208 -15.51 21.21 -3.01
N LEU B 209 -16.25 22.29 -2.72
CA LEU B 209 -17.54 22.53 -3.35
C LEU B 209 -17.41 22.66 -4.86
N LEU B 210 -16.34 23.29 -5.34
CA LEU B 210 -16.10 23.45 -6.75
C LEU B 210 -15.47 22.22 -7.42
N GLY B 211 -15.22 21.16 -6.65
CA GLY B 211 -14.61 19.95 -7.21
C GLY B 211 -13.19 20.12 -7.66
N MET B 212 -12.41 20.94 -6.97
CA MET B 212 -11.05 21.26 -7.33
C MET B 212 -10.05 20.42 -6.54
N PRO B 213 -8.77 20.42 -6.94
CA PRO B 213 -7.73 19.80 -6.09
C PRO B 213 -7.71 20.41 -4.69
N TYR B 214 -7.28 19.62 -3.71
CA TYR B 214 -7.31 20.12 -2.35
C TYR B 214 -6.19 19.50 -1.53
N ASP B 215 -5.94 20.11 -0.37
CA ASP B 215 -4.85 19.67 0.45
C ASP B 215 -5.18 20.03 1.89
N LEU B 216 -4.14 20.15 2.72
CA LEU B 216 -4.34 20.50 4.11
C LEU B 216 -5.02 21.85 4.29
N ALA B 217 -5.04 22.71 3.25
CA ALA B 217 -5.67 24.02 3.42
C ALA B 217 -7.17 23.95 3.71
N ILE B 218 -7.85 22.84 3.38
CA ILE B 218 -9.28 22.75 3.69
C ILE B 218 -9.50 22.84 5.20
N ASP B 219 -8.56 22.28 6.00
CA ASP B 219 -8.71 22.33 7.46
C ASP B 219 -8.58 23.75 7.97
N MET B 220 -7.68 24.53 7.38
CA MET B 220 -7.58 25.95 7.75
C MET B 220 -8.86 26.71 7.43
N TRP B 221 -9.44 26.47 6.24
CA TRP B 221 -10.77 27.02 5.95
C TRP B 221 -11.75 26.68 7.07
N SER B 222 -11.85 25.39 7.43
CA SER B 222 -12.78 24.99 8.49
C SER B 222 -12.50 25.76 9.78
N LEU B 223 -11.22 25.90 10.14
CA LEU B 223 -10.88 26.58 11.38
C LEU B 223 -11.38 28.02 11.38
N GLY B 224 -11.27 28.70 10.24
CA GLY B 224 -11.76 30.07 10.17
C GLY B 224 -13.26 30.17 10.40
N CYS B 225 -14.01 29.22 9.85
CA CYS B 225 -15.44 29.19 10.12
C CYS B 225 -15.71 28.90 11.60
N ILE B 226 -14.92 28.00 12.18
CA ILE B 226 -15.12 27.62 13.58
C ILE B 226 -14.82 28.80 14.50
N LEU B 227 -13.72 29.51 14.22
CA LEU B 227 -13.30 30.57 15.14
C LEU B 227 -14.31 31.70 15.21
N VAL B 228 -14.88 32.06 14.05
CA VAL B 228 -15.90 33.13 14.03
C VAL B 228 -17.12 32.59 14.76
N GLU B 229 -17.48 31.33 14.56
CA GLU B 229 -18.65 30.72 15.22
C GLU B 229 -18.45 30.67 16.73
N MET B 230 -17.23 30.40 17.18
CA MET B 230 -16.96 30.34 18.62
C MET B 230 -17.24 31.68 19.29
N HIS B 231 -16.98 32.79 18.57
CA HIS B 231 -17.11 34.13 19.12
C HIS B 231 -18.50 34.72 18.89
N THR B 232 -19.16 34.37 17.79
CA THR B 232 -20.54 34.83 17.58
C THR B 232 -21.57 33.87 18.16
N GLY B 233 -21.24 32.59 18.27
CA GLY B 233 -22.19 31.60 18.73
C GLY B 233 -22.96 30.94 17.62
N GLU B 234 -22.87 31.43 16.39
CA GLU B 234 -23.63 30.89 15.29
C GLU B 234 -22.71 30.45 14.16
N PRO B 235 -23.08 29.42 13.39
CA PRO B 235 -22.27 29.03 12.24
C PRO B 235 -22.11 30.19 11.28
N LEU B 236 -20.91 30.30 10.69
CA LEU B 236 -20.64 31.37 9.75
C LEU B 236 -21.42 31.18 8.45
N PHE B 237 -21.38 29.97 7.89
CA PHE B 237 -22.05 29.67 6.62
C PHE B 237 -22.94 28.47 6.84
N SER B 238 -24.21 28.71 7.20
CA SER B 238 -25.14 27.64 7.54
C SER B 238 -25.94 27.27 6.30
N GLY B 239 -25.30 26.52 5.40
CA GLY B 239 -25.96 26.12 4.16
C GLY B 239 -26.87 24.93 4.38
N ALA B 240 -28.09 25.01 3.82
CA ALA B 240 -29.02 23.90 3.80
C ALA B 240 -28.65 22.84 2.77
N ASN B 241 -27.80 23.19 1.81
CA ASN B 241 -27.36 22.31 0.74
C ASN B 241 -26.14 22.97 0.09
N GLU B 242 -25.56 22.30 -0.90
CA GLU B 242 -24.31 22.81 -1.46
C GLU B 242 -24.51 24.17 -2.14
N VAL B 243 -25.62 24.36 -2.87
CA VAL B 243 -25.83 25.66 -3.52
C VAL B 243 -26.10 26.74 -2.46
N ASP B 244 -26.94 26.43 -1.47
CA ASP B 244 -27.15 27.36 -0.36
C ASP B 244 -25.84 27.67 0.36
N GLN B 245 -24.91 26.70 0.40
CA GLN B 245 -23.65 26.89 1.11
C GLN B 245 -22.74 27.83 0.36
N MET B 246 -22.53 27.58 -0.94
CA MET B 246 -21.68 28.47 -1.73
C MET B 246 -22.24 29.89 -1.74
N ASN B 247 -23.57 30.03 -1.75
CA ASN B 247 -24.16 31.37 -1.78
C ASN B 247 -23.96 32.11 -0.47
N LYS B 248 -23.99 31.39 0.66
CA LYS B 248 -23.73 32.04 1.94
C LYS B 248 -22.26 32.39 2.10
N ILE B 249 -21.37 31.61 1.49
CA ILE B 249 -19.97 32.06 1.39
C ILE B 249 -19.88 33.32 0.54
N VAL B 250 -20.54 33.34 -0.63
CA VAL B 250 -20.46 34.49 -1.53
C VAL B 250 -21.01 35.76 -0.88
N GLU B 251 -22.05 35.61 -0.06
CA GLU B 251 -22.58 36.76 0.68
C GLU B 251 -21.47 37.52 1.39
N VAL B 252 -20.48 36.79 1.92
CA VAL B 252 -19.46 37.37 2.77
C VAL B 252 -18.21 37.74 1.98
N LEU B 253 -17.79 36.89 1.04
CA LEU B 253 -16.47 36.98 0.45
C LEU B 253 -16.50 37.36 -1.02
N GLY B 254 -17.68 37.65 -1.58
CA GLY B 254 -17.77 38.03 -2.98
C GLY B 254 -17.60 36.84 -3.92
N ILE B 255 -17.75 37.13 -5.20
CA ILE B 255 -17.60 36.08 -6.20
C ILE B 255 -16.18 35.55 -6.16
N PRO B 256 -15.97 34.24 -6.22
CA PRO B 256 -14.62 33.69 -6.28
C PRO B 256 -13.83 34.31 -7.41
N PRO B 257 -12.51 34.36 -7.27
CA PRO B 257 -11.66 34.89 -8.36
C PRO B 257 -11.89 34.12 -9.66
N ALA B 258 -11.83 34.86 -10.77
CA ALA B 258 -12.09 34.28 -12.09
C ALA B 258 -11.16 33.12 -12.40
N HIS B 259 -9.88 33.23 -12.03
CA HIS B 259 -8.93 32.18 -12.37
C HIS B 259 -9.28 30.87 -11.68
N ILE B 260 -9.91 30.94 -10.51
CA ILE B 260 -10.35 29.72 -9.83
C ILE B 260 -11.52 29.09 -10.56
N LEU B 261 -12.56 29.88 -10.85
CA LEU B 261 -13.74 29.33 -11.50
C LEU B 261 -13.44 28.85 -12.92
N ASP B 262 -12.50 29.49 -13.60
CA ASP B 262 -12.06 29.02 -14.92
C ASP B 262 -11.56 27.58 -14.88
N GLN B 263 -10.97 27.16 -13.75
CA GLN B 263 -10.50 25.80 -13.59
C GLN B 263 -11.47 24.92 -12.85
N ALA B 264 -12.40 25.51 -12.12
CA ALA B 264 -13.30 24.75 -11.25
C ALA B 264 -14.20 23.85 -12.08
N PRO B 265 -14.15 22.53 -11.90
CA PRO B 265 -15.04 21.65 -12.64
C PRO B 265 -16.52 21.86 -12.32
N LYS B 266 -16.87 22.21 -11.09
CA LYS B 266 -18.26 22.43 -10.74
C LYS B 266 -18.61 23.93 -10.65
N ALA B 267 -17.89 24.78 -11.38
CA ALA B 267 -18.13 26.21 -11.33
C ALA B 267 -19.57 26.55 -11.71
N ARG B 268 -20.13 25.84 -12.69
CA ARG B 268 -21.45 26.16 -13.21
C ARG B 268 -22.58 25.50 -12.43
N LYS B 269 -22.27 24.76 -11.37
CA LYS B 269 -23.28 24.43 -10.38
C LYS B 269 -23.73 25.68 -9.64
N PHE B 270 -22.84 26.66 -9.49
CA PHE B 270 -23.16 27.86 -8.73
C PHE B 270 -23.10 29.14 -9.56
N PHE B 271 -22.17 29.24 -10.51
CA PHE B 271 -21.90 30.47 -11.23
C PHE B 271 -22.11 30.27 -12.73
N GLU B 272 -22.06 31.40 -13.45
CA GLU B 272 -22.21 31.38 -14.93
C GLU B 272 -21.17 32.32 -15.50
N LYS B 273 -20.53 31.91 -16.60
CA LYS B 273 -19.44 32.74 -17.19
C LYS B 273 -20.07 33.65 -18.24
N LEU B 274 -19.56 34.87 -18.34
CA LEU B 274 -20.20 35.83 -19.28
C LEU B 274 -19.27 36.10 -20.46
N PRO B 275 -19.80 36.53 -21.62
CA PRO B 275 -18.98 36.90 -22.76
C PRO B 275 -17.73 37.70 -22.34
N ASP B 276 -17.90 38.65 -21.43
CA ASP B 276 -16.75 39.46 -20.93
C ASP B 276 -15.68 38.52 -20.36
N TRP B 279 -17.71 36.35 -14.68
CA TRP B 279 -18.28 35.37 -13.74
C TRP B 279 -19.28 36.01 -12.76
N ASN B 280 -20.54 35.58 -12.86
CA ASN B 280 -21.60 36.00 -11.95
C ASN B 280 -22.30 34.77 -11.38
N LEU B 281 -23.11 34.99 -10.34
CA LEU B 281 -23.87 33.92 -9.71
C LEU B 281 -25.03 33.46 -10.58
N LYS B 282 -25.44 32.21 -10.37
CA LYS B 282 -26.71 31.71 -10.86
C LYS B 282 -27.76 31.77 -9.76
N LYS B 283 -29.02 31.67 -10.17
CA LYS B 283 -30.13 31.65 -9.22
C LYS B 283 -30.84 30.30 -9.22
N GLU B 290 -33.13 36.52 -2.68
CA GLU B 290 -33.11 36.19 -1.25
C GLU B 290 -31.74 36.51 -0.64
N TYR B 291 -30.69 36.11 -1.33
CA TYR B 291 -29.34 36.29 -0.81
C TYR B 291 -28.92 37.76 -0.84
N LYS B 292 -28.15 38.15 0.16
CA LYS B 292 -27.47 39.43 0.10
C LYS B 292 -26.54 39.47 -1.11
N PRO B 293 -26.39 40.63 -1.75
CA PRO B 293 -25.48 40.72 -2.89
C PRO B 293 -24.05 40.41 -2.46
N PRO B 294 -23.22 39.95 -3.39
CA PRO B 294 -21.91 39.39 -3.01
C PRO B 294 -21.06 40.36 -2.23
N GLY B 295 -20.44 39.87 -1.16
CA GLY B 295 -19.57 40.69 -0.34
C GLY B 295 -20.24 41.72 0.54
N THR B 296 -21.56 41.92 0.45
CA THR B 296 -22.22 42.91 1.31
C THR B 296 -22.49 42.39 2.71
N ARG B 297 -22.32 41.10 2.96
CA ARG B 297 -22.40 40.58 4.33
C ARG B 297 -20.99 40.60 4.90
N LYS B 298 -20.55 41.79 5.30
CA LYS B 298 -19.15 42.04 5.60
C LYS B 298 -18.77 41.40 6.94
N LEU B 299 -17.67 40.64 6.93
CA LEU B 299 -17.12 40.10 8.17
C LEU B 299 -16.83 41.22 9.18
N HIS B 300 -16.52 42.42 8.67
CA HIS B 300 -16.40 43.60 9.51
C HIS B 300 -17.63 43.83 10.37
N ASN B 301 -18.82 43.60 9.81
CA ASN B 301 -20.05 43.79 10.57
C ASN B 301 -20.41 42.55 11.38
N ILE B 302 -20.14 41.37 10.83
CA ILE B 302 -20.43 40.11 11.53
C ILE B 302 -19.73 40.08 12.88
N LEU B 303 -18.45 40.44 12.89
CA LEU B 303 -17.67 40.44 14.12
C LEU B 303 -17.96 41.65 15.00
N GLY B 304 -18.75 42.61 14.52
CA GLY B 304 -19.00 43.81 15.29
C GLY B 304 -17.74 44.63 15.55
N VAL B 305 -16.83 44.67 14.58
CA VAL B 305 -15.50 45.23 14.80
C VAL B 305 -15.58 46.63 15.41
N GLU B 306 -16.32 47.53 14.77
CA GLU B 306 -16.37 48.90 15.22
C GLU B 306 -17.50 49.15 16.19
N THR B 307 -18.26 48.12 16.56
CA THR B 307 -19.48 48.29 17.35
C THR B 307 -19.43 47.52 18.66
N GLY B 308 -18.24 47.29 19.20
CA GLY B 308 -18.09 46.54 20.42
C GLY B 308 -17.70 45.09 20.18
N GLY B 309 -18.52 44.37 19.42
CA GLY B 309 -18.29 42.97 19.13
C GLY B 309 -19.59 42.38 18.62
N PRO B 310 -19.70 41.03 18.50
CA PRO B 310 -20.95 40.42 18.11
C PRO B 310 -22.08 41.01 18.98
N GLY B 311 -23.08 41.61 18.36
CA GLY B 311 -24.18 42.26 19.10
C GLY B 311 -23.73 43.56 19.77
N GLY B 312 -23.29 43.48 21.02
CA GLY B 312 -22.86 44.67 21.77
C GLY B 312 -22.08 44.27 23.00
N ARG B 313 -21.02 43.49 22.83
CA ARG B 313 -20.23 42.97 23.99
C ARG B 313 -21.09 41.94 24.75
N HIS B 320 -12.62 43.01 23.40
CA HIS B 320 -11.31 43.65 23.30
C HIS B 320 -11.38 44.92 22.43
N THR B 321 -10.22 45.52 22.11
CA THR B 321 -10.19 46.79 21.40
C THR B 321 -10.54 46.61 19.92
N VAL B 322 -10.80 47.74 19.26
CA VAL B 322 -11.03 47.74 17.81
C VAL B 322 -9.77 47.28 17.08
N ALA B 323 -8.59 47.61 17.61
CA ALA B 323 -7.36 47.08 17.03
C ALA B 323 -7.30 45.57 17.20
N ASP B 324 -7.75 45.06 18.34
CA ASP B 324 -7.84 43.62 18.53
C ASP B 324 -8.83 43.00 17.55
N TYR B 325 -10.00 43.62 17.36
CA TYR B 325 -10.99 43.06 16.44
C TYR B 325 -10.51 43.15 15.00
N LEU B 326 -9.81 44.23 14.66
CA LEU B 326 -9.23 44.33 13.32
C LEU B 326 -8.18 43.27 13.10
N LYS B 327 -7.36 42.97 14.11
CA LYS B 327 -6.38 41.92 13.98
C LYS B 327 -7.06 40.55 13.82
N PHE B 328 -8.15 40.32 14.56
CA PHE B 328 -8.94 39.10 14.39
C PHE B 328 -9.48 38.99 12.96
N LYS B 329 -10.23 40.01 12.52
CA LYS B 329 -10.80 40.01 11.18
C LYS B 329 -9.75 39.70 10.11
N ASP B 330 -8.61 40.39 10.15
CA ASP B 330 -7.51 40.08 9.24
C ASP B 330 -7.14 38.60 9.28
N LEU B 331 -7.03 38.02 10.48
CA LEU B 331 -6.64 36.62 10.57
C LEU B 331 -7.68 35.71 9.93
N ILE B 332 -8.96 35.93 10.22
CA ILE B 332 -10.01 35.10 9.61
C ILE B 332 -9.99 35.25 8.09
N LEU B 333 -9.86 36.49 7.61
CA LEU B 333 -9.92 36.69 6.16
C LEU B 333 -8.80 35.96 5.45
N ARG B 334 -7.63 35.86 6.09
CA ARG B 334 -6.55 35.04 5.55
C ARG B 334 -6.88 33.55 5.62
N MET B 335 -7.60 33.13 6.66
CA MET B 335 -8.04 31.74 6.71
C MET B 335 -9.11 31.46 5.67
N LEU B 336 -9.94 32.44 5.35
CA LEU B 336 -11.00 32.27 4.36
C LEU B 336 -10.58 32.76 2.97
N ASP B 337 -9.28 32.83 2.72
CA ASP B 337 -8.77 33.05 1.36
C ASP B 337 -9.36 32.01 0.41
N TYR B 338 -10.00 32.49 -0.66
CA TYR B 338 -10.59 31.61 -1.66
C TYR B 338 -9.56 30.69 -2.30
N ASP B 339 -8.33 31.18 -2.42
CA ASP B 339 -7.25 30.45 -3.06
C ASP B 339 -6.56 29.57 -2.03
N PRO B 340 -6.62 28.24 -2.15
CA PRO B 340 -5.90 27.40 -1.18
C PRO B 340 -4.39 27.53 -1.28
N LYS B 341 -3.86 27.96 -2.43
CA LYS B 341 -2.43 28.16 -2.57
C LYS B 341 -1.95 29.33 -1.71
N THR B 342 -2.74 30.40 -1.60
CA THR B 342 -2.34 31.57 -0.82
C THR B 342 -3.01 31.66 0.56
N ARG B 343 -3.99 30.80 0.86
CA ARG B 343 -4.57 30.78 2.20
C ARG B 343 -3.48 30.64 3.24
N ILE B 344 -3.64 31.32 4.38
CA ILE B 344 -2.58 31.34 5.37
C ILE B 344 -2.30 29.92 5.86
N GLN B 345 -1.02 29.62 6.01
CA GLN B 345 -0.60 28.27 6.44
C GLN B 345 -0.39 28.28 7.95
N PRO B 346 -0.40 27.11 8.63
CA PRO B 346 -0.31 27.10 10.10
C PRO B 346 0.88 27.85 10.68
N TYR B 347 2.08 27.66 10.12
CA TYR B 347 3.24 28.38 10.63
C TYR B 347 3.04 29.88 10.60
N TYR B 348 2.52 30.42 9.49
CA TYR B 348 2.35 31.86 9.38
C TYR B 348 1.23 32.37 10.27
N ALA B 349 0.15 31.58 10.40
CA ALA B 349 -0.96 32.01 11.26
C ALA B 349 -0.50 32.22 12.70
N LEU B 350 0.43 31.37 13.18
CA LEU B 350 0.97 31.53 14.52
C LEU B 350 1.82 32.78 14.67
N GLN B 351 2.37 33.31 13.57
CA GLN B 351 3.08 34.57 13.64
C GLN B 351 2.16 35.78 13.52
N HIS B 352 0.85 35.57 13.44
CA HIS B 352 -0.04 36.70 13.20
C HIS B 352 -0.14 37.59 14.43
N SER B 353 -0.32 38.90 14.18
CA SER B 353 -0.36 39.88 15.27
C SER B 353 -1.54 39.64 16.21
N PHE B 354 -2.58 38.94 15.76
CA PHE B 354 -3.69 38.57 16.64
C PHE B 354 -3.19 37.90 17.92
N PHE B 355 -2.06 37.20 17.86
CA PHE B 355 -1.59 36.39 18.97
C PHE B 355 -0.55 37.08 19.84
N LYS B 356 -0.04 38.24 19.45
CA LYS B 356 1.07 38.85 20.19
C LYS B 356 0.58 39.77 21.31
N LYS C 10 34.30 14.52 -10.25
CA LYS C 10 32.87 14.38 -9.95
C LYS C 10 32.70 13.94 -8.50
N VAL C 11 31.55 14.28 -7.93
CA VAL C 11 31.30 14.17 -6.49
C VAL C 11 29.88 13.67 -6.28
N TYR C 12 29.72 12.75 -5.32
CA TYR C 12 28.43 12.11 -5.06
C TYR C 12 28.01 12.40 -3.64
N ASN C 13 26.79 12.96 -3.48
CA ASN C 13 26.25 13.25 -2.16
C ASN C 13 27.20 14.16 -1.39
N ASP C 14 27.61 15.26 -2.04
CA ASP C 14 28.52 16.24 -1.47
C ASP C 14 29.87 15.65 -1.05
N GLY C 15 30.27 14.54 -1.68
CA GLY C 15 31.51 13.84 -1.38
C GLY C 15 31.40 12.73 -0.35
N TYR C 16 30.22 12.54 0.24
CA TYR C 16 30.05 11.52 1.26
C TYR C 16 29.86 10.13 0.68
N ASP C 17 29.53 10.01 -0.61
CA ASP C 17 29.26 8.72 -1.22
C ASP C 17 30.31 8.43 -2.29
N ASP C 18 30.47 7.15 -2.61
CA ASP C 18 31.24 6.75 -3.79
C ASP C 18 30.29 6.66 -4.99
N ASP C 19 30.76 6.13 -6.12
CA ASP C 19 29.91 6.10 -7.30
C ASP C 19 28.92 4.94 -7.31
N ASN C 20 28.88 4.13 -6.26
CA ASN C 20 27.84 3.13 -6.10
C ASN C 20 26.79 3.56 -5.08
N TYR C 21 26.73 4.86 -4.76
CA TYR C 21 25.82 5.41 -3.75
C TYR C 21 26.06 4.82 -2.36
N ASP C 22 27.22 4.21 -2.11
CA ASP C 22 27.58 3.79 -0.76
C ASP C 22 28.18 4.94 0.03
N TYR C 23 27.87 4.99 1.32
CA TYR C 23 28.54 5.95 2.18
C TYR C 23 30.02 5.58 2.29
N ILE C 24 30.90 6.57 2.14
CA ILE C 24 32.32 6.26 2.25
C ILE C 24 32.63 6.16 3.74
N VAL C 25 32.82 4.93 4.23
CA VAL C 25 33.00 4.76 5.67
C VAL C 25 34.41 5.20 6.05
N LYS C 26 34.50 6.10 7.03
CA LYS C 26 35.77 6.51 7.61
C LYS C 26 35.82 6.03 9.06
N ASN C 27 36.79 5.18 9.38
CA ASN C 27 36.93 4.73 10.75
C ASN C 27 37.20 5.91 11.67
N GLY C 28 36.46 6.00 12.78
CA GLY C 28 36.60 7.05 13.75
C GLY C 28 35.47 8.09 13.73
N GLU C 29 34.85 8.32 12.57
CA GLU C 29 33.83 9.35 12.45
C GLU C 29 32.76 9.21 13.52
N LYS C 30 32.27 10.34 14.02
CA LYS C 30 31.23 10.36 15.03
C LYS C 30 29.99 11.00 14.45
N TRP C 31 28.87 10.28 14.50
CA TRP C 31 27.61 10.74 13.93
C TRP C 31 26.70 11.29 15.01
N MET C 32 26.21 12.52 14.79
CA MET C 32 25.21 13.15 15.65
C MET C 32 25.64 13.13 17.12
N ASP C 33 26.93 13.34 17.36
N ASP C 33 26.93 13.35 17.34
CA ASP C 33 27.53 13.33 18.70
CA ASP C 33 27.54 13.34 18.67
C ASP C 33 27.11 12.09 19.49
C ASP C 33 27.11 12.11 19.48
N ARG C 34 26.98 10.96 18.80
CA ARG C 34 26.52 9.76 19.46
C ARG C 34 27.19 8.47 18.96
N TYR C 35 27.03 8.13 17.69
CA TYR C 35 27.56 6.89 17.17
C TYR C 35 28.99 7.09 16.66
N GLU C 36 29.94 6.42 17.29
CA GLU C 36 31.34 6.48 16.89
C GLU C 36 31.65 5.28 16.00
N ILE C 37 31.89 5.54 14.72
CA ILE C 37 32.12 4.45 13.77
C ILE C 37 33.48 3.81 14.05
N ASP C 38 33.53 2.48 13.99
CA ASP C 38 34.75 1.76 14.24
C ASP C 38 35.34 1.11 12.99
N SER C 39 34.57 0.29 12.26
CA SER C 39 35.12 -0.44 11.13
C SER C 39 33.97 -1.04 10.33
N LEU C 40 34.29 -1.46 9.11
CA LEU C 40 33.35 -2.11 8.21
C LEU C 40 33.18 -3.57 8.58
N ILE C 41 31.97 -3.95 8.98
CA ILE C 41 31.65 -5.35 9.24
C ILE C 41 31.44 -6.12 7.93
N GLY C 42 30.75 -5.51 6.98
CA GLY C 42 30.48 -6.22 5.74
C GLY C 42 29.75 -5.33 4.75
N LYS C 43 29.51 -5.91 3.58
CA LYS C 43 28.84 -5.16 2.53
C LYS C 43 28.07 -6.12 1.63
N GLY C 44 26.97 -5.62 1.10
CA GLY C 44 26.12 -6.36 0.18
C GLY C 44 25.44 -5.41 -0.77
N SER C 45 24.54 -5.92 -1.59
CA SER C 45 23.84 -5.06 -2.55
C SER C 45 23.07 -3.94 -1.87
N PHE C 46 22.66 -4.13 -0.61
CA PHE C 46 21.90 -3.13 0.12
C PHE C 46 22.74 -1.92 0.51
N GLY C 47 24.06 -2.06 0.50
CA GLY C 47 24.93 -1.11 1.17
C GLY C 47 25.98 -1.77 2.05
N GLN C 48 26.06 -1.35 3.31
CA GLN C 48 27.19 -1.73 4.14
C GLN C 48 26.74 -1.93 5.59
N VAL C 49 27.54 -2.71 6.33
CA VAL C 49 27.36 -2.84 7.78
C VAL C 49 28.64 -2.39 8.47
N VAL C 50 28.50 -1.54 9.49
CA VAL C 50 29.65 -1.12 10.28
C VAL C 50 29.45 -1.48 11.75
N LYS C 51 30.56 -1.69 12.45
CA LYS C 51 30.59 -1.77 13.91
C LYS C 51 30.76 -0.36 14.47
N ALA C 52 29.96 0.00 15.48
CA ALA C 52 30.00 1.35 16.00
C ALA C 52 29.75 1.32 17.50
N TYR C 53 30.23 2.36 18.19
CA TYR C 53 30.03 2.47 19.63
C TYR C 53 29.08 3.62 19.93
N ASP C 54 28.04 3.30 20.70
CA ASP C 54 26.99 4.25 21.10
C ASP C 54 27.42 4.90 22.41
N ARG C 55 27.91 6.14 22.34
CA ARG C 55 28.41 6.85 23.51
C ARG C 55 27.30 7.20 24.49
N VAL C 56 26.16 7.67 23.96
CA VAL C 56 25.06 8.07 24.81
C VAL C 56 24.53 6.89 25.62
N GLU C 57 24.55 5.68 25.04
CA GLU C 57 24.08 4.50 25.75
C GLU C 57 25.20 3.61 26.27
N GLN C 58 26.45 3.88 25.92
CA GLN C 58 27.61 3.08 26.35
C GLN C 58 27.50 1.63 25.89
N GLU C 59 27.12 1.41 24.64
CA GLU C 59 27.04 0.05 24.12
C GLU C 59 27.52 0.02 22.67
N TRP C 60 28.02 -1.15 22.28
CA TRP C 60 28.47 -1.41 20.92
C TRP C 60 27.31 -1.89 20.07
N VAL C 61 27.25 -1.45 18.81
CA VAL C 61 26.15 -1.78 17.91
C VAL C 61 26.68 -2.00 16.50
N ALA C 62 25.83 -2.61 15.67
CA ALA C 62 26.10 -2.80 14.26
C ALA C 62 25.10 -1.95 13.49
N ILE C 63 25.59 -1.17 12.55
CA ILE C 63 24.77 -0.24 11.79
C ILE C 63 24.77 -0.65 10.32
N LYS C 64 23.59 -1.00 9.82
CA LYS C 64 23.39 -1.28 8.40
C LYS C 64 23.10 0.05 7.71
N ILE C 65 24.04 0.51 6.87
CA ILE C 65 23.96 1.81 6.20
C ILE C 65 23.43 1.56 4.79
N ILE C 66 22.14 1.81 4.58
CA ILE C 66 21.53 1.53 3.27
C ILE C 66 22.09 2.49 2.23
N LYS C 67 22.36 1.95 1.04
CA LYS C 67 22.79 2.76 -0.10
C LYS C 67 21.84 3.94 -0.31
N ASN C 68 22.41 5.08 -0.73
CA ASN C 68 21.64 6.30 -1.02
C ASN C 68 21.07 6.20 -2.45
N LYS C 69 20.13 5.27 -2.60
CA LYS C 69 19.44 5.01 -3.85
C LYS C 69 18.01 4.62 -3.50
N LYS C 70 17.04 5.13 -4.26
CA LYS C 70 15.64 4.95 -3.87
C LYS C 70 15.26 3.48 -3.75
N ALA C 71 15.64 2.66 -4.73
CA ALA C 71 15.28 1.25 -4.71
C ALA C 71 15.77 0.56 -3.44
N PHE C 72 16.96 0.89 -2.97
CA PHE C 72 17.47 0.23 -1.77
C PHE C 72 16.84 0.83 -0.52
N LEU C 73 16.66 2.14 -0.50
CA LEU C 73 15.89 2.75 0.58
C LEU C 73 14.51 2.10 0.68
N ASN C 74 13.84 1.89 -0.45
CA ASN C 74 12.50 1.35 -0.34
C ASN C 74 12.52 -0.10 0.15
N GLN C 75 13.47 -0.90 -0.33
CA GLN C 75 13.57 -2.26 0.17
CA GLN C 75 13.62 -2.26 0.17
C GLN C 75 13.85 -2.28 1.67
N ALA C 76 14.68 -1.34 2.16
CA ALA C 76 15.04 -1.34 3.57
C ALA C 76 13.90 -0.86 4.46
N GLN C 77 13.00 -0.02 3.95
CA GLN C 77 11.80 0.35 4.70
C GLN C 77 10.90 -0.86 4.92
N ILE C 78 10.83 -1.77 3.95
CA ILE C 78 10.13 -3.04 4.16
C ILE C 78 10.77 -3.79 5.32
N GLU C 79 12.11 -3.83 5.32
CA GLU C 79 12.84 -4.53 6.38
C GLU C 79 12.53 -3.92 7.74
N VAL C 80 12.57 -2.59 7.84
CA VAL C 80 12.22 -1.94 9.11
C VAL C 80 10.82 -2.35 9.53
N ARG C 81 9.86 -2.24 8.61
CA ARG C 81 8.48 -2.62 8.89
C ARG C 81 8.39 -4.03 9.46
N LEU C 82 9.04 -4.98 8.79
CA LEU C 82 9.00 -6.37 9.25
C LEU C 82 9.64 -6.52 10.63
N LEU C 83 10.78 -5.86 10.84
CA LEU C 83 11.46 -5.97 12.14
C LEU C 83 10.65 -5.32 13.24
N GLU C 84 10.08 -4.14 12.99
CA GLU C 84 9.26 -3.49 13.99
C GLU C 84 7.96 -4.25 14.26
N LEU C 85 7.48 -5.04 13.30
CA LEU C 85 6.38 -5.96 13.58
C LEU C 85 6.79 -7.02 14.59
N MET C 86 7.92 -7.69 14.33
CA MET C 86 8.51 -8.62 15.29
C MET C 86 8.58 -8.01 16.68
N ASN C 87 9.12 -6.78 16.79
CA ASN C 87 9.46 -6.22 18.09
C ASN C 87 8.23 -6.06 18.98
N LYS C 88 7.06 -5.97 18.33
CA LYS C 88 5.79 -5.73 19.04
C LYS C 88 5.31 -7.00 19.75
N HIS C 89 5.84 -8.15 19.34
CA HIS C 89 5.45 -9.41 19.95
C HIS C 89 6.22 -9.58 21.25
N ASP C 90 5.51 -9.52 22.37
CA ASP C 90 6.14 -9.62 23.69
C ASP C 90 6.32 -11.09 23.98
N THR C 91 7.43 -11.67 23.53
CA THR C 91 7.74 -13.07 23.74
C THR C 91 9.25 -13.26 23.84
N GLU C 92 9.63 -14.50 24.18
CA GLU C 92 11.04 -14.86 24.28
C GLU C 92 11.62 -15.34 22.95
N MET C 93 10.76 -15.70 22.00
CA MET C 93 11.23 -16.31 20.76
C MET C 93 11.77 -15.29 19.78
N LYS C 94 11.35 -14.03 19.88
CA LYS C 94 11.90 -12.99 19.02
C LYS C 94 13.39 -12.78 19.27
N TYR C 95 13.93 -13.38 20.33
CA TYR C 95 15.36 -13.33 20.62
C TYR C 95 16.18 -14.07 19.59
N TYR C 96 15.61 -15.04 18.90
CA TYR C 96 16.42 -15.72 17.90
C TYR C 96 16.55 -14.92 16.60
N ILE C 97 16.03 -13.69 16.57
CA ILE C 97 16.19 -12.78 15.43
C ILE C 97 17.11 -11.65 15.87
N VAL C 98 18.09 -11.31 15.00
CA VAL C 98 18.97 -10.21 15.34
C VAL C 98 18.13 -8.96 15.56
N HIS C 99 18.24 -8.36 16.73
CA HIS C 99 17.27 -7.38 17.20
C HIS C 99 17.55 -6.01 16.60
N LEU C 100 16.52 -5.41 16.00
CA LEU C 100 16.62 -4.05 15.47
C LEU C 100 16.38 -3.09 16.63
N LYS C 101 17.40 -2.32 16.98
CA LYS C 101 17.28 -1.40 18.11
C LYS C 101 16.59 -0.10 17.70
N ARG C 102 16.96 0.45 16.55
CA ARG C 102 16.39 1.72 16.11
C ARG C 102 16.90 2.02 14.71
N HIS C 103 16.32 3.05 14.12
CA HIS C 103 16.70 3.45 12.79
C HIS C 103 16.62 4.97 12.71
N PHE C 104 17.33 5.52 11.73
CA PHE C 104 17.43 6.97 11.52
C PHE C 104 18.04 7.23 10.15
N MET C 105 17.81 8.45 9.66
CA MET C 105 18.41 8.92 8.44
C MET C 105 19.65 9.73 8.79
N PHE C 106 20.76 9.48 8.08
CA PHE C 106 22.01 10.19 8.31
C PHE C 106 22.68 10.47 6.97
N ARG C 107 22.89 11.75 6.65
CA ARG C 107 23.50 12.19 5.39
C ARG C 107 22.90 11.48 4.17
N ASN C 108 21.57 11.36 4.15
CA ASN C 108 20.81 10.76 3.01
C ASN C 108 20.87 9.22 2.98
N HIS C 109 21.32 8.59 4.04
CA HIS C 109 21.34 7.14 4.13
C HIS C 109 20.43 6.69 5.27
N LEU C 110 19.51 5.78 4.98
CA LEU C 110 18.79 5.10 6.05
C LEU C 110 19.74 4.17 6.78
N CYS C 111 19.71 4.22 8.11
CA CYS C 111 20.63 3.47 8.96
C CYS C 111 19.84 2.66 9.95
N LEU C 112 20.08 1.35 9.97
CA LEU C 112 19.41 0.42 10.88
C LEU C 112 20.43 0.00 11.95
N VAL C 113 20.09 0.24 13.22
CA VAL C 113 20.98 -0.02 14.35
C VAL C 113 20.59 -1.38 14.95
N PHE C 114 21.48 -2.37 14.84
CA PHE C 114 21.21 -3.71 15.33
C PHE C 114 22.09 -3.98 16.55
N GLU C 115 21.62 -4.88 17.41
CA GLU C 115 22.56 -5.51 18.33
C GLU C 115 23.67 -6.16 17.53
N MET C 116 24.86 -6.21 18.11
CA MET C 116 26.01 -6.63 17.35
C MET C 116 26.42 -8.06 17.72
N LEU C 117 26.65 -8.88 16.71
CA LEU C 117 27.07 -10.26 16.84
C LEU C 117 28.51 -10.41 16.36
N SER C 118 29.05 -11.62 16.47
CA SER C 118 30.50 -11.82 16.33
C SER C 118 30.94 -12.29 14.95
N TYR C 119 30.28 -13.30 14.38
CA TYR C 119 30.63 -13.79 13.05
C TYR C 119 29.45 -14.59 12.52
N ASN C 120 29.59 -15.14 11.31
CA ASN C 120 28.49 -15.88 10.70
C ASN C 120 28.87 -17.34 10.53
N LEU C 121 27.88 -18.14 10.14
CA LEU C 121 28.04 -19.58 10.08
C LEU C 121 29.12 -19.98 9.09
N TYR C 122 29.31 -19.21 8.02
CA TYR C 122 30.34 -19.57 7.05
C TYR C 122 31.72 -19.43 7.66
N ASP C 123 31.94 -18.39 8.47
CA ASP C 123 33.20 -18.26 9.19
C ASP C 123 33.48 -19.48 10.05
N LEU C 124 32.46 -19.98 10.76
CA LEU C 124 32.65 -21.19 11.57
C LEU C 124 33.03 -22.38 10.70
N LEU C 125 32.36 -22.56 9.57
CA LEU C 125 32.71 -23.66 8.67
C LEU C 125 34.16 -23.56 8.21
N ARG C 126 34.59 -22.36 7.82
CA ARG C 126 36.01 -22.16 7.51
C ARG C 126 36.90 -22.53 8.69
N ASN C 127 36.47 -22.22 9.91
CA ASN C 127 37.27 -22.53 11.10
C ASN C 127 37.34 -24.03 11.34
N THR C 128 36.34 -24.79 10.93
CA THR C 128 36.45 -26.25 10.96
C THR C 128 37.30 -26.80 9.82
N ASN C 129 37.78 -25.92 8.94
CA ASN C 129 38.41 -26.29 7.67
C ASN C 129 37.43 -26.98 6.74
N PHE C 130 36.16 -26.58 6.81
CA PHE C 130 35.09 -27.18 6.01
C PHE C 130 34.98 -28.68 6.31
N ARG C 131 35.14 -29.02 7.58
CA ARG C 131 34.95 -30.39 8.05
C ARG C 131 33.74 -30.53 8.96
N GLY C 132 33.08 -29.42 9.30
CA GLY C 132 31.84 -29.45 10.05
C GLY C 132 32.02 -29.43 11.56
N VAL C 133 30.97 -29.01 12.25
CA VAL C 133 30.96 -29.00 13.72
C VAL C 133 30.31 -30.32 14.16
N SER C 134 30.34 -30.63 15.45
CA SER C 134 29.81 -31.86 15.99
C SER C 134 28.28 -31.95 15.83
N LEU C 135 27.77 -33.19 15.92
CA LEU C 135 26.32 -33.41 15.92
C LEU C 135 25.66 -32.78 17.14
N ASN C 136 26.42 -32.64 18.23
CA ASN C 136 25.87 -32.01 19.43
C ASN C 136 25.71 -30.50 19.26
N LEU C 137 26.68 -29.84 18.64
CA LEU C 137 26.53 -28.41 18.39
C LEU C 137 25.52 -28.18 17.29
N THR C 138 25.52 -29.05 16.28
CA THR C 138 24.54 -28.97 15.22
C THR C 138 23.13 -29.04 15.79
N ARG C 139 22.94 -29.94 16.76
CA ARG C 139 21.64 -30.11 17.40
C ARG C 139 21.19 -28.82 18.07
N LYS C 140 22.09 -28.16 18.79
CA LYS C 140 21.72 -26.94 19.49
C LYS C 140 21.32 -25.86 18.49
N PHE C 141 22.14 -25.67 17.45
CA PHE C 141 21.86 -24.67 16.43
C PHE C 141 20.53 -24.96 15.75
N ALA C 142 20.28 -26.23 15.41
CA ALA C 142 19.04 -26.62 14.77
C ALA C 142 17.83 -26.34 15.65
N GLN C 143 17.98 -26.49 16.96
CA GLN C 143 16.85 -26.22 17.86
C GLN C 143 16.52 -24.74 17.87
N GLN C 144 17.54 -23.90 18.00
CA GLN C 144 17.34 -22.46 17.95
C GLN C 144 16.76 -22.03 16.61
N MET C 145 17.32 -22.55 15.51
CA MET C 145 16.83 -22.18 14.19
C MET C 145 15.37 -22.60 14.01
N CYS C 146 15.01 -23.77 14.53
CA CYS C 146 13.61 -24.16 14.49
C CYS C 146 12.75 -23.19 15.30
N THR C 147 13.25 -22.74 16.44
CA THR C 147 12.50 -21.80 17.27
C THR C 147 12.36 -20.45 16.60
N ALA C 148 13.35 -20.04 15.82
CA ALA C 148 13.23 -18.83 15.01
C ALA C 148 12.15 -18.98 13.94
N LEU C 149 12.12 -20.13 13.26
CA LEU C 149 11.12 -20.30 12.22
C LEU C 149 9.72 -20.40 12.81
N LEU C 150 9.59 -20.93 14.03
CA LEU C 150 8.29 -20.95 14.69
C LEU C 150 7.82 -19.53 14.99
N PHE C 151 8.71 -18.69 15.51
CA PHE C 151 8.35 -17.30 15.76
C PHE C 151 7.90 -16.62 14.47
N LEU C 152 8.70 -16.76 13.41
CA LEU C 152 8.32 -16.23 12.10
C LEU C 152 6.94 -16.74 11.68
N ALA C 153 6.65 -18.00 11.96
CA ALA C 153 5.37 -18.59 11.57
C ALA C 153 4.20 -18.05 12.38
N THR C 154 4.45 -17.25 13.42
CA THR C 154 3.37 -16.65 14.19
C THR C 154 2.34 -16.04 13.24
N PRO C 155 1.05 -16.36 13.41
CA PRO C 155 0.06 -16.02 12.37
C PRO C 155 0.04 -14.55 11.98
N GLU C 156 0.06 -13.63 12.95
CA GLU C 156 0.07 -12.22 12.64
C GLU C 156 1.36 -11.77 11.95
N LEU C 157 2.39 -12.62 11.93
CA LEU C 157 3.64 -12.32 11.25
C LEU C 157 3.72 -13.05 9.92
N SER C 158 3.70 -14.38 9.95
CA SER C 158 3.74 -15.19 8.73
C SER C 158 4.88 -14.72 7.83
N ILE C 159 6.08 -14.59 8.40
CA ILE C 159 7.19 -13.96 7.70
C ILE C 159 8.04 -15.04 7.04
N ILE C 160 8.22 -14.93 5.73
CA ILE C 160 9.15 -15.78 4.99
C ILE C 160 10.47 -15.03 4.91
N HIS C 161 11.54 -15.63 5.42
CA HIS C 161 12.82 -14.92 5.38
C HIS C 161 13.35 -14.86 3.95
N CYS C 162 13.21 -15.95 3.19
CA CYS C 162 13.55 -16.05 1.77
C CYS C 162 15.04 -16.09 1.45
N ASP C 163 15.94 -15.88 2.42
CA ASP C 163 17.36 -15.90 2.08
C ASP C 163 18.17 -16.54 3.20
N LEU C 164 17.68 -17.66 3.71
CA LEU C 164 18.43 -18.40 4.71
C LEU C 164 19.67 -19.02 4.09
N LYS C 165 20.84 -18.69 4.66
CA LYS C 165 22.12 -19.22 4.22
C LYS C 165 23.11 -19.01 5.35
N PRO C 166 24.24 -19.73 5.36
CA PRO C 166 25.19 -19.56 6.47
C PRO C 166 25.59 -18.11 6.75
N GLU C 167 25.84 -17.32 5.70
CA GLU C 167 26.17 -15.91 5.91
C GLU C 167 25.08 -15.11 6.62
N ASN C 168 23.83 -15.59 6.63
CA ASN C 168 22.76 -14.86 7.30
C ASN C 168 22.37 -15.47 8.64
N ILE C 169 23.17 -16.40 9.14
CA ILE C 169 23.03 -16.96 10.49
C ILE C 169 24.26 -16.54 11.26
N LEU C 170 24.08 -15.73 12.30
CA LEU C 170 25.19 -15.15 13.05
C LEU C 170 25.37 -15.84 14.38
N LEU C 171 26.63 -16.06 14.78
CA LEU C 171 26.99 -16.60 16.09
C LEU C 171 27.08 -15.47 17.11
N CYS C 172 26.45 -15.66 18.25
CA CYS C 172 26.34 -14.56 19.19
C CYS C 172 27.65 -14.30 19.94
N ASN C 173 28.53 -15.32 20.05
CA ASN C 173 29.83 -15.21 20.72
C ASN C 173 30.52 -16.57 20.81
N PRO C 174 31.80 -16.67 20.42
CA PRO C 174 32.51 -17.97 20.44
C PRO C 174 32.25 -18.88 21.63
N LYS C 175 32.00 -18.33 22.83
CA LYS C 175 31.75 -19.15 24.01
C LYS C 175 30.28 -19.44 24.27
N ARG C 176 29.35 -18.66 23.72
CA ARG C 176 27.92 -18.86 23.91
C ARG C 176 27.33 -19.53 22.67
N SER C 177 26.58 -20.60 22.87
CA SER C 177 26.01 -21.40 21.79
C SER C 177 24.95 -20.66 20.98
N ALA C 178 24.70 -19.38 21.23
CA ALA C 178 23.56 -18.72 20.63
C ALA C 178 23.82 -18.39 19.16
N ILE C 179 22.81 -18.61 18.32
CA ILE C 179 22.82 -18.15 16.93
C ILE C 179 21.53 -17.40 16.66
N LYS C 180 21.60 -16.47 15.71
CA LYS C 180 20.44 -15.65 15.35
C LYS C 180 20.40 -15.45 13.84
N ILE C 181 19.18 -15.21 13.35
CA ILE C 181 18.93 -15.00 11.93
C ILE C 181 19.02 -13.52 11.64
N VAL C 182 19.67 -13.18 10.53
CA VAL C 182 19.91 -11.79 10.17
C VAL C 182 19.48 -11.52 8.73
N ASP C 183 19.23 -10.24 8.45
CA ASP C 183 18.97 -9.67 7.13
C ASP C 183 17.60 -10.06 6.60
N PHE C 184 16.61 -9.24 6.89
CA PHE C 184 15.26 -9.42 6.41
C PHE C 184 14.93 -8.53 5.21
N GLY C 185 15.95 -8.07 4.49
CA GLY C 185 15.77 -7.23 3.33
C GLY C 185 15.19 -7.94 2.11
N SER C 186 15.29 -9.26 2.05
CA SER C 186 14.67 -10.04 0.97
C SER C 186 13.35 -10.66 1.40
N SER C 187 12.89 -10.34 2.60
CA SER C 187 11.81 -11.08 3.24
C SER C 187 10.44 -10.54 2.85
N CYS C 188 9.42 -11.34 3.14
CA CYS C 188 8.07 -10.90 2.88
C CYS C 188 7.14 -11.65 3.82
N GLN C 189 5.95 -11.10 3.99
CA GLN C 189 4.86 -11.77 4.67
C GLN C 189 4.13 -12.67 3.70
N LEU C 190 3.59 -13.77 4.21
CA LEU C 190 2.81 -14.68 3.38
C LEU C 190 1.71 -13.92 2.65
N GLY C 191 1.60 -14.14 1.35
CA GLY C 191 0.58 -13.46 0.57
C GLY C 191 0.62 -13.91 -0.87
N GLN C 192 -0.12 -13.17 -1.71
CA GLN C 192 -0.06 -13.36 -3.15
C GLN C 192 1.38 -13.29 -3.66
N ARG C 193 1.70 -14.12 -4.66
CA ARG C 193 3.07 -14.30 -5.11
C ARG C 193 3.51 -13.11 -5.98
N ILE C 194 4.69 -12.57 -5.69
CA ILE C 194 5.25 -11.43 -6.40
C ILE C 194 6.57 -11.76 -7.07
N TYR C 195 7.45 -12.46 -6.37
CA TYR C 195 8.77 -12.82 -6.86
C TYR C 195 8.84 -14.31 -7.07
N GLN C 196 9.57 -14.74 -8.08
CA GLN C 196 9.75 -16.18 -8.26
C GLN C 196 11.21 -16.63 -8.19
N ILE C 198 13.94 -16.49 -6.18
CA ILE C 198 14.25 -16.14 -4.79
C ILE C 198 15.06 -17.28 -4.17
N GLN C 199 15.66 -16.98 -3.00
CA GLN C 199 16.58 -17.84 -2.25
C GLN C 199 17.92 -17.93 -2.95
N SER C 200 19.01 -18.04 -2.18
CA SER C 200 20.31 -18.34 -2.76
C SER C 200 20.31 -19.75 -3.34
N ARG C 201 21.04 -19.91 -4.43
CA ARG C 201 20.86 -21.09 -5.28
C ARG C 201 21.05 -22.40 -4.50
N PHE C 202 22.09 -22.50 -3.64
CA PHE C 202 22.33 -23.76 -2.93
C PHE C 202 21.17 -24.15 -2.03
N TYR C 203 20.40 -23.17 -1.55
CA TYR C 203 19.37 -23.35 -0.53
C TYR C 203 17.97 -23.14 -1.08
N ARG C 204 17.82 -23.10 -2.40
CA ARG C 204 16.58 -22.76 -3.08
C ARG C 204 15.66 -23.98 -3.15
N SER C 205 14.43 -23.81 -2.67
CA SER C 205 13.51 -24.93 -2.55
C SER C 205 13.06 -25.45 -3.92
N PRO C 206 12.63 -26.71 -3.99
CA PRO C 206 12.16 -27.25 -5.28
C PRO C 206 10.93 -26.55 -5.79
N GLU C 207 9.97 -26.19 -4.92
CA GLU C 207 8.81 -25.45 -5.40
C GLU C 207 9.25 -24.13 -6.05
N VAL C 208 10.27 -23.48 -5.51
CA VAL C 208 10.75 -22.27 -6.18
C VAL C 208 11.36 -22.63 -7.54
N LEU C 209 12.20 -23.66 -7.57
CA LEU C 209 12.85 -24.09 -8.80
C LEU C 209 11.84 -24.48 -9.87
N LEU C 210 10.68 -24.99 -9.46
CA LEU C 210 9.65 -25.41 -10.37
C LEU C 210 8.63 -24.31 -10.66
N GLY C 211 8.82 -23.12 -10.08
CA GLY C 211 7.88 -22.03 -10.30
C GLY C 211 6.49 -22.26 -9.74
N MET C 212 6.39 -22.94 -8.63
CA MET C 212 5.09 -23.22 -8.01
C MET C 212 4.77 -22.19 -6.94
N PRO C 213 3.52 -22.13 -6.48
CA PRO C 213 3.22 -21.40 -5.24
C PRO C 213 4.13 -21.85 -4.11
N TYR C 214 4.36 -20.94 -3.17
CA TYR C 214 5.21 -21.27 -2.05
C TYR C 214 4.77 -20.48 -0.85
N ASP C 215 5.32 -20.84 0.31
CA ASP C 215 4.94 -20.23 1.55
C ASP C 215 6.15 -20.31 2.48
N LEU C 216 5.91 -20.26 3.79
CA LEU C 216 7.02 -20.29 4.75
C LEU C 216 7.84 -21.57 4.69
N ALA C 217 7.32 -22.62 4.02
CA ALA C 217 8.03 -23.88 4.00
C ALA C 217 9.34 -23.83 3.20
N ILE C 218 9.53 -22.83 2.34
CA ILE C 218 10.81 -22.75 1.64
C ILE C 218 11.94 -22.45 2.61
N ASP C 219 11.65 -21.82 3.76
CA ASP C 219 12.71 -21.61 4.73
C ASP C 219 13.11 -22.93 5.39
N MET C 220 12.12 -23.79 5.69
CA MET C 220 12.39 -25.13 6.22
C MET C 220 13.30 -25.92 5.28
N TRP C 221 13.08 -25.82 3.97
CA TRP C 221 13.98 -26.47 3.01
C TRP C 221 15.40 -25.94 3.16
N SER C 222 15.55 -24.61 3.19
CA SER C 222 16.88 -24.01 3.37
C SER C 222 17.53 -24.51 4.65
N LEU C 223 16.75 -24.62 5.74
CA LEU C 223 17.34 -25.02 7.01
C LEU C 223 17.87 -26.45 6.94
N GLY C 224 17.14 -27.34 6.27
CA GLY C 224 17.61 -28.70 6.13
C GLY C 224 18.94 -28.77 5.40
N CYS C 225 19.05 -28.02 4.30
CA CYS C 225 20.29 -27.95 3.55
C CYS C 225 21.43 -27.41 4.41
N ILE C 226 21.12 -26.42 5.24
CA ILE C 226 22.14 -25.77 6.06
C ILE C 226 22.61 -26.70 7.17
N LEU C 227 21.67 -27.38 7.83
CA LEU C 227 22.03 -28.25 8.95
C LEU C 227 22.97 -29.36 8.51
N VAL C 228 22.73 -29.96 7.34
CA VAL C 228 23.66 -30.93 6.79
C VAL C 228 25.03 -30.30 6.58
N GLU C 229 25.07 -29.16 5.87
CA GLU C 229 26.34 -28.47 5.63
C GLU C 229 27.05 -28.15 6.93
N MET C 230 26.29 -27.82 7.98
CA MET C 230 26.93 -27.50 9.26
CA MET C 230 26.92 -27.50 9.25
C MET C 230 27.69 -28.69 9.82
N HIS C 231 27.17 -29.90 9.62
CA HIS C 231 27.83 -31.08 10.17
C HIS C 231 28.89 -31.63 9.26
N THR C 232 28.73 -31.54 7.94
CA THR C 232 29.76 -32.04 7.03
C THR C 232 30.81 -30.99 6.69
N GLY C 233 30.46 -29.71 6.71
CA GLY C 233 31.37 -28.65 6.30
C GLY C 233 31.20 -28.19 4.87
N GLU C 234 30.43 -28.89 4.05
CA GLU C 234 30.32 -28.61 2.62
C GLU C 234 28.85 -28.49 2.20
N PRO C 235 28.55 -27.63 1.22
CA PRO C 235 27.17 -27.52 0.74
C PRO C 235 26.61 -28.85 0.29
N LEU C 236 25.36 -29.11 0.64
CA LEU C 236 24.73 -30.36 0.24
C LEU C 236 24.41 -30.35 -1.26
N PHE C 237 23.91 -29.22 -1.78
CA PHE C 237 23.52 -29.08 -3.18
C PHE C 237 24.25 -27.88 -3.78
N SER C 238 25.42 -28.10 -4.39
CA SER C 238 26.21 -26.99 -4.94
C SER C 238 25.95 -26.79 -6.43
N GLY C 239 24.73 -26.42 -6.78
CA GLY C 239 24.39 -26.23 -8.19
C GLY C 239 25.10 -25.02 -8.77
N ALA C 240 25.73 -25.18 -9.93
CA ALA C 240 26.35 -24.04 -10.60
C ALA C 240 25.32 -23.21 -11.37
N ASN C 241 24.12 -23.74 -11.53
CA ASN C 241 23.01 -23.10 -12.21
C ASN C 241 21.75 -23.86 -11.79
N GLU C 242 20.59 -23.36 -12.21
CA GLU C 242 19.34 -23.95 -11.72
C GLU C 242 19.19 -25.40 -12.15
N VAL C 243 19.66 -25.76 -13.35
CA VAL C 243 19.54 -27.15 -13.79
C VAL C 243 20.49 -28.02 -13.00
N ASP C 244 21.75 -27.58 -12.89
CA ASP C 244 22.70 -28.28 -12.04
C ASP C 244 22.17 -28.45 -10.63
N GLN C 245 21.50 -27.41 -10.11
CA GLN C 245 20.90 -27.48 -8.77
C GLN C 245 19.87 -28.58 -8.70
N MET C 246 18.85 -28.52 -9.56
CA MET C 246 17.80 -29.54 -9.54
C MET C 246 18.39 -30.94 -9.72
N ASN C 247 19.41 -31.07 -10.56
CA ASN C 247 19.97 -32.39 -10.83
C ASN C 247 20.78 -32.91 -9.66
N LYS C 248 21.34 -32.02 -8.84
CA LYS C 248 22.02 -32.49 -7.63
C LYS C 248 21.02 -32.86 -6.55
N ILE C 249 19.92 -32.11 -6.44
CA ILE C 249 18.83 -32.49 -5.56
C ILE C 249 18.31 -33.88 -5.92
N VAL C 250 18.10 -34.11 -7.21
CA VAL C 250 17.52 -35.39 -7.73
C VAL C 250 18.54 -36.50 -7.50
N GLU C 251 19.82 -36.18 -7.47
CA GLU C 251 20.85 -37.16 -7.14
C GLU C 251 20.65 -37.73 -5.74
N VAL C 252 20.28 -36.89 -4.79
CA VAL C 252 20.12 -37.34 -3.41
C VAL C 252 18.70 -37.80 -3.15
N LEU C 253 17.71 -37.14 -3.74
CA LEU C 253 16.32 -37.35 -3.36
C LEU C 253 15.47 -38.10 -4.38
N GLY C 254 15.99 -38.36 -5.58
CA GLY C 254 15.19 -38.98 -6.62
C GLY C 254 14.31 -37.99 -7.37
N ILE C 255 13.54 -38.53 -8.31
CA ILE C 255 12.61 -37.73 -9.12
C ILE C 255 11.46 -37.24 -8.25
N PRO C 256 11.09 -35.96 -8.30
CA PRO C 256 9.97 -35.48 -7.49
C PRO C 256 8.69 -36.21 -7.83
N PRO C 257 7.73 -36.23 -6.92
CA PRO C 257 6.44 -36.89 -7.19
C PRO C 257 5.75 -36.33 -8.42
N ALA C 258 5.04 -37.21 -9.13
CA ALA C 258 4.42 -36.82 -10.39
C ALA C 258 3.36 -35.75 -10.19
N HIS C 259 2.66 -35.76 -9.05
CA HIS C 259 1.60 -34.78 -8.84
C HIS C 259 2.17 -33.38 -8.67
N ILE C 260 3.38 -33.26 -8.13
CA ILE C 260 4.09 -31.98 -8.18
C ILE C 260 4.38 -31.61 -9.62
N LEU C 261 5.07 -32.50 -10.34
CA LEU C 261 5.52 -32.19 -11.70
C LEU C 261 4.34 -31.98 -12.64
N ASP C 262 3.22 -32.66 -12.40
CA ASP C 262 2.04 -32.44 -13.24
C ASP C 262 1.55 -31.01 -13.15
N GLN C 263 1.80 -30.33 -12.03
CA GLN C 263 1.39 -28.94 -11.87
C GLN C 263 2.53 -27.94 -11.92
N ALA C 264 3.76 -28.38 -12.17
CA ALA C 264 4.91 -27.47 -12.13
C ALA C 264 5.05 -26.70 -13.45
N PRO C 265 4.88 -25.38 -13.43
CA PRO C 265 5.12 -24.61 -14.67
C PRO C 265 6.51 -24.84 -15.27
N LYS C 266 7.55 -25.00 -14.46
CA LYS C 266 8.91 -25.17 -14.97
C LYS C 266 9.36 -26.64 -14.96
N ALA C 267 8.43 -27.59 -14.96
CA ALA C 267 8.80 -29.00 -14.93
C ALA C 267 9.65 -29.38 -16.13
N ARG C 268 9.28 -28.89 -17.33
CA ARG C 268 9.97 -29.28 -18.56
C ARG C 268 11.32 -28.62 -18.71
N LYS C 269 11.71 -27.74 -17.79
CA LYS C 269 13.09 -27.30 -17.74
C LYS C 269 14.02 -28.38 -17.23
N PHE C 270 13.50 -29.34 -16.46
CA PHE C 270 14.33 -30.37 -15.88
C PHE C 270 13.87 -31.78 -16.18
N PHE C 271 12.60 -31.98 -16.50
CA PHE C 271 12.04 -33.31 -16.61
C PHE C 271 11.26 -33.45 -17.90
N GLU C 272 11.27 -34.66 -18.41
CA GLU C 272 10.58 -35.06 -19.63
C GLU C 272 9.44 -35.99 -19.23
N LYS C 273 8.25 -35.76 -19.80
CA LYS C 273 7.07 -36.56 -19.47
C LYS C 273 6.85 -37.61 -20.55
N LEU C 274 7.00 -38.88 -20.20
CA LEU C 274 7.01 -39.96 -21.16
C LEU C 274 5.59 -40.28 -21.69
N PRO C 275 5.49 -40.98 -22.81
CA PRO C 275 4.15 -41.33 -23.31
C PRO C 275 3.34 -42.20 -22.36
N ASP C 276 3.98 -42.90 -21.43
CA ASP C 276 3.22 -43.63 -20.41
C ASP C 276 2.78 -42.72 -19.26
N GLY C 277 2.98 -41.40 -19.37
CA GLY C 277 2.56 -40.45 -18.36
C GLY C 277 3.54 -40.23 -17.22
N THR C 278 4.68 -40.91 -17.21
CA THR C 278 5.67 -40.83 -16.15
C THR C 278 6.77 -39.83 -16.50
N TRP C 279 7.46 -39.35 -15.45
CA TRP C 279 8.42 -38.26 -15.56
C TRP C 279 9.84 -38.78 -15.41
N ASN C 280 10.69 -38.37 -16.34
CA ASN C 280 12.11 -38.71 -16.25
C ASN C 280 12.92 -37.42 -16.42
N LEU C 281 14.19 -37.43 -16.04
CA LEU C 281 15.07 -36.31 -16.31
C LEU C 281 15.27 -36.14 -17.81
N LYS C 282 15.27 -34.89 -18.28
CA LYS C 282 15.67 -34.65 -19.66
C LYS C 282 17.18 -34.85 -19.81
N LYS C 283 17.63 -34.89 -21.06
CA LYS C 283 19.04 -34.95 -21.45
C LYS C 283 20.03 -34.33 -20.45
N GLU C 290 26.53 -37.60 -17.22
CA GLU C 290 26.45 -36.30 -16.55
C GLU C 290 26.45 -36.44 -15.03
N TYR C 291 25.40 -37.06 -14.49
CA TYR C 291 25.17 -37.13 -13.05
C TYR C 291 25.09 -38.57 -12.59
N LYS C 292 24.96 -38.74 -11.28
CA LYS C 292 24.63 -40.02 -10.71
C LYS C 292 23.14 -40.31 -10.92
N PRO C 293 22.76 -41.57 -11.09
CA PRO C 293 21.35 -41.89 -11.30
C PRO C 293 20.52 -41.43 -10.11
N PRO C 294 19.27 -41.04 -10.34
CA PRO C 294 18.48 -40.41 -9.27
C PRO C 294 18.33 -41.30 -8.05
N GLY C 295 18.39 -40.68 -6.87
CA GLY C 295 18.25 -41.36 -5.61
C GLY C 295 19.46 -42.16 -5.14
N THR C 296 20.55 -42.21 -5.91
CA THR C 296 21.66 -43.09 -5.56
C THR C 296 22.73 -42.40 -4.72
N ARG C 297 22.72 -41.07 -4.60
CA ARG C 297 23.67 -40.35 -3.73
C ARG C 297 23.02 -40.25 -2.35
N LYS C 298 23.20 -41.31 -1.56
CA LYS C 298 22.41 -41.46 -0.35
C LYS C 298 22.87 -40.46 0.71
N LEU C 299 21.88 -39.82 1.36
CA LEU C 299 22.19 -38.97 2.50
C LEU C 299 22.75 -39.80 3.64
N HIS C 300 22.32 -41.07 3.73
CA HIS C 300 22.94 -42.05 4.61
C HIS C 300 24.46 -42.04 4.51
N ASN C 301 24.97 -41.99 3.29
CA ASN C 301 26.40 -42.04 3.06
C ASN C 301 27.07 -40.67 3.18
N ILE C 302 26.31 -39.59 3.00
CA ILE C 302 26.90 -38.23 3.13
C ILE C 302 27.09 -37.94 4.61
N LEU C 303 26.10 -38.32 5.43
CA LEU C 303 26.21 -38.14 6.87
C LEU C 303 27.10 -39.18 7.53
N GLY C 304 27.33 -40.30 6.87
CA GLY C 304 28.15 -41.36 7.43
C GLY C 304 27.56 -42.04 8.64
N VAL C 305 26.24 -42.25 8.64
CA VAL C 305 25.46 -42.88 9.72
C VAL C 305 26.14 -44.11 10.31
N GLU C 306 26.87 -44.85 9.48
CA GLU C 306 27.44 -46.11 9.93
C GLU C 306 28.95 -46.11 10.01
N THR C 307 29.63 -45.06 9.56
CA THR C 307 31.07 -45.09 9.42
C THR C 307 31.76 -43.98 10.21
N GLY C 308 31.18 -43.58 11.33
CA GLY C 308 31.81 -42.56 12.16
C GLY C 308 31.53 -41.14 11.74
N GLY C 309 30.41 -40.91 11.06
CA GLY C 309 30.05 -39.58 10.63
C GLY C 309 30.87 -39.13 9.44
N PRO C 310 30.88 -37.82 9.18
CA PRO C 310 31.60 -37.31 8.02
C PRO C 310 33.09 -37.56 8.15
N GLY C 311 33.68 -38.10 7.09
CA GLY C 311 35.07 -38.46 7.11
C GLY C 311 35.42 -39.54 8.11
N GLY C 312 34.43 -40.17 8.74
CA GLY C 312 34.70 -41.10 9.82
C GLY C 312 35.26 -40.47 11.08
N ARG C 313 35.22 -39.14 11.19
CA ARG C 313 35.90 -38.42 12.25
C ARG C 313 35.18 -38.45 13.57
N ARG C 314 33.92 -38.89 13.59
CA ARG C 314 33.11 -38.86 14.80
C ARG C 314 32.98 -40.21 15.47
N ALA C 315 33.70 -41.23 14.97
CA ALA C 315 33.57 -42.59 15.48
C ALA C 315 33.82 -42.63 16.98
N GLY C 316 32.82 -43.10 17.73
CA GLY C 316 32.93 -43.28 19.16
C GLY C 316 32.68 -42.02 19.97
N GLU C 317 32.45 -40.89 19.31
CA GLU C 317 32.21 -39.64 20.01
C GLU C 317 30.83 -39.64 20.65
N SER C 318 30.73 -38.98 21.81
CA SER C 318 29.48 -38.89 22.53
C SER C 318 28.45 -38.13 21.70
N GLY C 319 27.24 -38.67 21.61
CA GLY C 319 26.19 -38.03 20.84
C GLY C 319 26.20 -38.33 19.36
N HIS C 320 27.06 -39.23 18.90
CA HIS C 320 27.15 -39.61 17.49
C HIS C 320 26.96 -41.11 17.33
N THR C 321 26.02 -41.70 18.07
CA THR C 321 25.79 -43.12 17.87
C THR C 321 25.09 -43.35 16.54
N VAL C 322 24.95 -44.62 16.19
CA VAL C 322 24.10 -44.99 15.07
C VAL C 322 22.70 -44.42 15.25
N ALA C 323 22.14 -44.61 16.45
CA ALA C 323 20.80 -44.09 16.74
C ALA C 323 20.74 -42.59 16.51
N ASP C 324 21.74 -41.85 17.01
CA ASP C 324 21.73 -40.39 16.88
C ASP C 324 21.75 -39.97 15.42
N TYR C 325 22.56 -40.64 14.60
CA TYR C 325 22.64 -40.29 13.19
C TYR C 325 21.36 -40.66 12.46
N LEU C 326 20.65 -41.70 12.93
CA LEU C 326 19.38 -42.06 12.32
C LEU C 326 18.30 -41.04 12.66
N LYS C 327 18.31 -40.52 13.89
CA LYS C 327 17.42 -39.42 14.21
C LYS C 327 17.71 -38.20 13.34
N PHE C 328 18.99 -37.97 13.00
CA PHE C 328 19.36 -36.79 12.21
C PHE C 328 18.96 -36.94 10.76
N LYS C 329 19.32 -38.08 10.15
CA LYS C 329 18.88 -38.41 8.80
C LYS C 329 17.38 -38.20 8.68
N ASP C 330 16.62 -38.77 9.62
CA ASP C 330 15.16 -38.71 9.54
C ASP C 330 14.65 -37.27 9.57
N LEU C 331 15.16 -36.45 10.49
CA LEU C 331 14.67 -35.07 10.59
C LEU C 331 15.01 -34.27 9.32
N ILE C 332 16.27 -34.29 8.90
CA ILE C 332 16.67 -33.64 7.65
C ILE C 332 15.78 -34.10 6.51
N LEU C 333 15.63 -35.41 6.36
CA LEU C 333 14.78 -35.95 5.30
C LEU C 333 13.36 -35.41 5.40
N ARG C 334 12.88 -35.13 6.62
CA ARG C 334 11.58 -34.49 6.77
C ARG C 334 11.63 -33.03 6.32
N MET C 335 12.75 -32.36 6.52
CA MET C 335 12.88 -30.98 6.09
C MET C 335 13.08 -30.88 4.59
N LEU C 336 13.57 -31.95 3.96
CA LEU C 336 13.79 -31.95 2.52
C LEU C 336 12.69 -32.72 1.79
N ASP C 337 11.54 -32.87 2.42
CA ASP C 337 10.32 -33.31 1.74
C ASP C 337 10.11 -32.50 0.47
N TYR C 338 10.01 -33.20 -0.67
CA TYR C 338 9.73 -32.50 -1.92
C TYR C 338 8.44 -31.68 -1.83
N ASP C 339 7.49 -32.10 -0.98
CA ASP C 339 6.15 -31.55 -1.02
C ASP C 339 6.01 -30.52 0.09
N PRO C 340 5.80 -29.24 -0.23
CA PRO C 340 5.75 -28.23 0.84
C PRO C 340 4.51 -28.34 1.74
N LYS C 341 3.47 -29.07 1.33
CA LYS C 341 2.36 -29.27 2.27
C LYS C 341 2.70 -30.30 3.34
N THR C 342 3.49 -31.32 3.01
CA THR C 342 3.85 -32.37 3.96
C THR C 342 5.24 -32.19 4.56
N ARG C 343 5.97 -31.13 4.19
CA ARG C 343 7.26 -30.85 4.80
C ARG C 343 7.08 -30.52 6.28
N ILE C 344 8.03 -30.94 7.11
CA ILE C 344 7.89 -30.74 8.54
C ILE C 344 7.83 -29.25 8.86
N GLN C 345 7.11 -28.90 9.93
CA GLN C 345 6.90 -27.51 10.31
C GLN C 345 7.53 -27.22 11.66
N PRO C 346 7.89 -25.96 11.92
CA PRO C 346 8.68 -25.63 13.13
C PRO C 346 8.14 -26.23 14.41
N TYR C 347 6.83 -26.18 14.65
CA TYR C 347 6.28 -26.81 15.84
C TYR C 347 6.66 -28.29 15.90
N TYR C 348 6.33 -29.03 14.85
CA TYR C 348 6.56 -30.46 14.85
C TYR C 348 8.04 -30.80 14.74
N ALA C 349 8.81 -29.98 14.04
CA ALA C 349 10.25 -30.20 14.00
C ALA C 349 10.85 -30.17 15.39
N LEU C 350 10.26 -29.36 16.28
CA LEU C 350 10.81 -29.20 17.63
C LEU C 350 10.43 -30.34 18.56
N GLN C 351 9.43 -31.14 18.22
CA GLN C 351 9.14 -32.33 19.00
C GLN C 351 9.91 -33.55 18.53
N HIS C 352 10.68 -33.43 17.46
CA HIS C 352 11.39 -34.57 16.90
C HIS C 352 12.32 -35.21 17.94
N SER C 353 12.43 -36.54 17.87
CA SER C 353 13.27 -37.26 18.82
C SER C 353 14.72 -36.82 18.76
N PHE C 354 15.15 -36.28 17.61
CA PHE C 354 16.52 -35.79 17.50
C PHE C 354 16.86 -34.73 18.52
N PHE C 355 15.86 -34.10 19.12
CA PHE C 355 16.06 -33.14 20.19
C PHE C 355 15.76 -33.71 21.58
N LYS C 356 15.43 -35.00 21.68
CA LYS C 356 15.05 -35.60 22.96
C LYS C 356 16.26 -35.97 23.79
N LYS D 10 -31.55 17.21 7.84
CA LYS D 10 -32.80 17.35 7.06
C LYS D 10 -32.56 16.83 5.63
N VAL D 11 -31.73 17.53 4.85
CA VAL D 11 -31.38 17.07 3.48
C VAL D 11 -29.99 16.42 3.51
N TYR D 12 -29.79 15.39 2.68
CA TYR D 12 -28.49 14.69 2.59
C TYR D 12 -28.06 14.64 1.13
N ASN D 13 -26.81 15.03 0.87
CA ASN D 13 -26.27 15.02 -0.48
C ASN D 13 -27.16 15.78 -1.46
N ASP D 14 -27.53 17.00 -1.06
CA ASP D 14 -28.41 17.86 -1.84
C ASP D 14 -29.77 17.23 -2.11
N GLY D 15 -30.18 16.27 -1.28
CA GLY D 15 -31.46 15.59 -1.43
C GLY D 15 -31.41 14.26 -2.14
N TYR D 16 -30.25 13.87 -2.67
CA TYR D 16 -30.14 12.63 -3.44
C TYR D 16 -30.00 11.39 -2.57
N ASP D 17 -29.72 11.54 -1.28
CA ASP D 17 -29.43 10.41 -0.40
C ASP D 17 -30.43 10.35 0.75
N ASP D 18 -30.66 9.15 1.26
CA ASP D 18 -31.39 9.01 2.52
C ASP D 18 -30.42 9.27 3.66
N ASP D 19 -30.83 8.97 4.90
CA ASP D 19 -29.97 9.16 6.07
C ASP D 19 -29.05 7.98 6.34
N ASN D 20 -28.95 7.06 5.37
CA ASN D 20 -28.00 5.92 5.49
C ASN D 20 -27.00 6.05 4.35
N TYR D 21 -26.81 7.26 3.84
CA TYR D 21 -25.90 7.54 2.73
C TYR D 21 -26.22 6.71 1.49
N ASP D 22 -27.43 6.13 1.41
CA ASP D 22 -27.88 5.43 0.23
C ASP D 22 -28.49 6.41 -0.76
N TYR D 23 -28.18 6.24 -2.04
CA TYR D 23 -28.85 7.00 -3.08
C TYR D 23 -30.31 6.58 -3.18
N ILE D 24 -31.22 7.56 -3.16
CA ILE D 24 -32.68 7.29 -3.28
C ILE D 24 -32.93 6.84 -4.70
N VAL D 25 -33.17 5.55 -4.90
CA VAL D 25 -33.32 5.01 -6.25
C VAL D 25 -34.71 5.35 -6.77
N LYS D 26 -34.76 5.89 -7.99
CA LYS D 26 -36.01 6.28 -8.63
C LYS D 26 -36.06 5.60 -9.99
N ASN D 27 -37.09 4.80 -10.23
CA ASN D 27 -37.23 4.13 -11.52
C ASN D 27 -37.44 5.17 -12.61
N GLY D 28 -36.76 4.99 -13.73
CA GLY D 28 -36.89 5.86 -14.87
C GLY D 28 -35.81 6.92 -14.98
N GLU D 29 -35.07 7.17 -13.92
CA GLU D 29 -33.96 8.11 -14.00
C GLU D 29 -32.91 7.59 -14.97
N LYS D 30 -32.14 8.52 -15.53
CA LYS D 30 -31.02 8.18 -16.42
C LYS D 30 -29.71 8.71 -15.81
N TRP D 31 -28.92 7.84 -15.18
CA TRP D 31 -27.66 8.27 -14.57
C TRP D 31 -26.61 8.56 -15.64
N MET D 32 -25.98 9.74 -15.58
CA MET D 32 -25.06 10.24 -16.60
C MET D 32 -25.71 10.31 -17.97
N ASP D 33 -27.04 10.48 -17.99
CA ASP D 33 -27.81 10.51 -19.25
C ASP D 33 -27.57 9.26 -20.10
N ARG D 34 -27.34 8.11 -19.43
CA ARG D 34 -26.92 6.91 -20.16
C ARG D 34 -27.61 5.65 -19.65
N TYR D 35 -27.69 5.49 -18.33
CA TYR D 35 -28.14 4.24 -17.72
C TYR D 35 -29.55 4.48 -17.20
N GLU D 36 -30.55 3.86 -17.82
CA GLU D 36 -31.93 4.10 -17.43
C GLU D 36 -32.31 3.10 -16.34
N ILE D 37 -32.61 3.60 -15.13
CA ILE D 37 -32.83 2.75 -13.98
C ILE D 37 -34.19 2.05 -14.11
N ASP D 38 -34.18 0.71 -14.08
CA ASP D 38 -35.42 -0.06 -14.21
C ASP D 38 -36.01 -0.48 -12.85
N SER D 39 -35.19 -1.01 -11.94
CA SER D 39 -35.69 -1.59 -10.70
C SER D 39 -34.52 -1.93 -9.81
N LEU D 40 -34.83 -2.25 -8.56
CA LEU D 40 -33.81 -2.64 -7.59
C LEU D 40 -33.57 -4.14 -7.68
N ILE D 41 -32.30 -4.52 -7.84
CA ILE D 41 -31.89 -5.91 -7.75
C ILE D 41 -31.70 -6.32 -6.29
N GLY D 42 -30.99 -5.51 -5.51
CA GLY D 42 -30.84 -5.85 -4.10
C GLY D 42 -30.28 -4.71 -3.30
N LYS D 43 -30.22 -4.94 -1.98
CA LYS D 43 -29.72 -4.00 -0.99
C LYS D 43 -28.63 -4.70 -0.19
N GLY D 44 -27.68 -3.92 0.32
CA GLY D 44 -26.72 -4.47 1.25
C GLY D 44 -26.12 -3.40 2.13
N SER D 45 -25.24 -3.83 3.04
CA SER D 45 -24.47 -2.86 3.80
C SER D 45 -23.68 -1.93 2.89
N PHE D 46 -23.14 -2.49 1.79
CA PHE D 46 -22.37 -1.69 0.84
C PHE D 46 -23.22 -0.63 0.16
N GLY D 47 -24.51 -0.89 -0.03
CA GLY D 47 -25.33 0.03 -0.81
C GLY D 47 -26.49 -0.66 -1.50
N GLN D 48 -26.63 -0.44 -2.80
CA GLN D 48 -27.73 -1.03 -3.55
C GLN D 48 -27.21 -1.55 -4.90
N VAL D 49 -27.99 -2.45 -5.49
CA VAL D 49 -27.78 -2.90 -6.86
C VAL D 49 -29.08 -2.68 -7.61
N VAL D 50 -28.99 -2.07 -8.80
CA VAL D 50 -30.16 -1.77 -9.62
C VAL D 50 -29.98 -2.46 -10.97
N LYS D 51 -31.11 -2.86 -11.54
CA LYS D 51 -31.17 -3.23 -12.95
C LYS D 51 -31.33 -1.96 -13.80
N ALA D 52 -30.46 -1.77 -14.80
CA ALA D 52 -30.46 -0.57 -15.63
C ALA D 52 -30.24 -0.95 -17.08
N TYR D 53 -30.80 -0.14 -17.99
CA TYR D 53 -30.57 -0.29 -19.41
C TYR D 53 -29.53 0.73 -19.87
N ASP D 54 -28.44 0.25 -20.43
CA ASP D 54 -27.38 1.08 -20.99
C ASP D 54 -27.84 1.56 -22.36
N ARG D 55 -28.26 2.84 -22.45
CA ARG D 55 -28.71 3.46 -23.69
C ARG D 55 -27.57 3.76 -24.65
N VAL D 56 -26.33 3.46 -24.29
CA VAL D 56 -25.23 3.61 -25.23
C VAL D 56 -24.90 2.29 -25.89
N GLU D 57 -24.67 1.26 -25.08
CA GLU D 57 -24.35 -0.08 -25.53
C GLU D 57 -25.59 -0.91 -25.86
N GLN D 58 -26.78 -0.37 -25.61
CA GLN D 58 -28.04 -1.06 -25.84
C GLN D 58 -28.04 -2.44 -25.17
N GLU D 59 -27.82 -2.43 -23.87
CA GLU D 59 -27.83 -3.71 -23.14
C GLU D 59 -28.21 -3.47 -21.69
N TRP D 60 -28.74 -4.52 -21.08
CA TRP D 60 -29.00 -4.48 -19.65
C TRP D 60 -27.69 -4.63 -18.88
N VAL D 61 -27.57 -3.90 -17.78
CA VAL D 61 -26.43 -4.05 -16.87
C VAL D 61 -26.95 -4.10 -15.45
N ALA D 62 -26.12 -4.63 -14.55
CA ALA D 62 -26.36 -4.48 -13.12
C ALA D 62 -25.38 -3.43 -12.60
N ILE D 63 -25.92 -2.43 -11.90
CA ILE D 63 -25.10 -1.34 -11.39
C ILE D 63 -25.17 -1.40 -9.88
N LYS D 64 -24.01 -1.50 -9.25
CA LYS D 64 -23.87 -1.51 -7.80
C LYS D 64 -23.56 -0.09 -7.38
N ILE D 65 -24.46 0.56 -6.66
CA ILE D 65 -24.27 1.94 -6.26
C ILE D 65 -23.87 1.97 -4.78
N ILE D 66 -22.60 2.30 -4.54
CA ILE D 66 -22.05 2.24 -3.19
C ILE D 66 -22.56 3.40 -2.36
N LYS D 67 -22.84 3.14 -1.08
CA LYS D 67 -23.19 4.19 -0.13
C LYS D 67 -22.20 5.35 -0.18
N ASN D 68 -22.75 6.58 -0.06
CA ASN D 68 -21.93 7.83 -0.11
C ASN D 68 -21.30 8.03 1.26
N LYS D 69 -20.39 7.15 1.60
CA LYS D 69 -19.70 7.15 2.90
C LYS D 69 -18.29 6.62 2.72
N LYS D 70 -17.31 7.31 3.31
CA LYS D 70 -15.89 6.97 3.10
C LYS D 70 -15.60 5.50 3.36
N ALA D 71 -16.12 4.95 4.45
CA ALA D 71 -15.84 3.56 4.78
C ALA D 71 -16.30 2.62 3.67
N PHE D 72 -17.46 2.92 3.07
CA PHE D 72 -17.95 2.02 2.05
C PHE D 72 -17.31 2.28 0.69
N LEU D 73 -16.93 3.53 0.40
CA LEU D 73 -16.16 3.80 -0.81
C LEU D 73 -14.81 3.07 -0.77
N ASN D 74 -14.14 3.12 0.37
CA ASN D 74 -12.84 2.46 0.49
C ASN D 74 -12.96 0.96 0.24
N GLN D 75 -13.94 0.31 0.88
CA GLN D 75 -14.18 -1.10 0.66
C GLN D 75 -14.44 -1.38 -0.82
N ALA D 76 -15.31 -0.58 -1.44
CA ALA D 76 -15.62 -0.81 -2.84
C ALA D 76 -14.40 -0.58 -3.73
N GLN D 77 -13.48 0.27 -3.32
CA GLN D 77 -12.28 0.45 -4.13
C GLN D 77 -11.40 -0.81 -4.12
N ILE D 78 -11.37 -1.53 -2.98
CA ILE D 78 -10.68 -2.82 -2.91
C ILE D 78 -11.33 -3.81 -3.89
N GLU D 79 -12.67 -3.84 -3.94
CA GLU D 79 -13.35 -4.72 -4.89
C GLU D 79 -12.99 -4.38 -6.33
N VAL D 80 -13.01 -3.08 -6.68
CA VAL D 80 -12.65 -2.69 -8.03
C VAL D 80 -11.24 -3.18 -8.36
N ARG D 81 -10.29 -2.92 -7.46
CA ARG D 81 -8.92 -3.34 -7.72
C ARG D 81 -8.81 -4.86 -7.91
N LEU D 82 -9.49 -5.64 -7.07
CA LEU D 82 -9.44 -7.09 -7.24
C LEU D 82 -10.07 -7.52 -8.56
N LEU D 83 -11.20 -6.91 -8.92
CA LEU D 83 -11.85 -7.27 -10.16
C LEU D 83 -10.96 -6.94 -11.36
N GLU D 84 -10.30 -5.76 -11.32
CA GLU D 84 -9.42 -5.36 -12.41
C GLU D 84 -8.13 -6.19 -12.41
N LEU D 85 -7.68 -6.66 -11.24
CA LEU D 85 -6.54 -7.56 -11.20
C LEU D 85 -6.87 -8.91 -11.83
N MET D 86 -8.02 -9.47 -11.47
CA MET D 86 -8.48 -10.71 -12.10
C MET D 86 -8.54 -10.57 -13.60
N ASN D 87 -9.02 -9.42 -14.08
CA ASN D 87 -9.27 -9.25 -15.51
C ASN D 87 -7.99 -9.22 -16.32
N LYS D 88 -6.83 -8.97 -15.70
CA LYS D 88 -5.61 -9.05 -16.50
C LYS D 88 -5.18 -10.48 -16.79
N HIS D 89 -5.84 -11.47 -16.23
CA HIS D 89 -5.47 -12.85 -16.49
C HIS D 89 -6.16 -13.36 -17.75
N ASP D 90 -5.39 -14.04 -18.60
CA ASP D 90 -5.85 -14.49 -19.91
C ASP D 90 -6.66 -15.79 -19.86
N THR D 91 -6.68 -16.49 -18.73
CA THR D 91 -7.29 -17.81 -18.68
C THR D 91 -8.81 -17.74 -18.92
N GLU D 92 -9.34 -18.77 -19.59
CA GLU D 92 -10.78 -18.89 -19.71
C GLU D 92 -11.46 -19.13 -18.37
N MET D 93 -10.71 -19.47 -17.32
CA MET D 93 -11.30 -19.67 -16.01
C MET D 93 -11.86 -18.39 -15.40
N LYS D 94 -11.44 -17.22 -15.89
CA LYS D 94 -11.93 -15.99 -15.30
C LYS D 94 -13.40 -15.76 -15.59
N TYR D 95 -13.94 -16.42 -16.62
CA TYR D 95 -15.34 -16.23 -17.01
C TYR D 95 -16.33 -16.78 -15.99
N TYR D 96 -15.87 -17.42 -14.91
CA TYR D 96 -16.74 -17.81 -13.81
C TYR D 96 -16.84 -16.73 -12.75
N ILE D 97 -16.32 -15.54 -13.04
CA ILE D 97 -16.43 -14.36 -12.19
C ILE D 97 -17.26 -13.32 -12.94
N VAL D 98 -18.29 -12.77 -12.29
CA VAL D 98 -19.11 -11.76 -12.94
C VAL D 98 -18.24 -10.58 -13.33
N HIS D 99 -18.32 -10.19 -14.60
CA HIS D 99 -17.35 -9.28 -15.20
C HIS D 99 -17.72 -7.84 -14.92
N LEU D 100 -16.77 -7.07 -14.40
CA LEU D 100 -16.92 -5.64 -14.20
C LEU D 100 -16.62 -4.92 -15.50
N LYS D 101 -17.61 -4.24 -16.06
CA LYS D 101 -17.44 -3.58 -17.35
C LYS D 101 -16.71 -2.25 -17.19
N ARG D 102 -17.14 -1.42 -16.25
CA ARG D 102 -16.54 -0.12 -16.00
C ARG D 102 -17.07 0.37 -14.65
N HIS D 103 -16.56 1.52 -14.21
CA HIS D 103 -17.06 2.18 -13.00
C HIS D 103 -16.96 3.68 -13.18
N PHE D 104 -17.72 4.42 -12.36
CA PHE D 104 -17.79 5.87 -12.47
C PHE D 104 -18.37 6.45 -11.18
N MET D 105 -18.11 7.75 -10.98
CA MET D 105 -18.67 8.52 -9.87
C MET D 105 -19.98 9.14 -10.36
N PHE D 106 -21.08 8.94 -9.63
CA PHE D 106 -22.36 9.56 -9.99
C PHE D 106 -22.98 10.12 -8.71
N ARG D 107 -23.11 11.45 -8.65
CA ARG D 107 -23.70 12.17 -7.53
C ARG D 107 -23.10 11.72 -6.20
N ASN D 108 -21.78 11.64 -6.19
CA ASN D 108 -20.95 11.32 -5.04
C ASN D 108 -21.08 9.86 -4.61
N HIS D 109 -21.59 8.98 -5.50
CA HIS D 109 -21.61 7.55 -5.27
C HIS D 109 -20.70 6.86 -6.28
N LEU D 110 -19.84 5.96 -5.81
CA LEU D 110 -19.13 5.09 -6.73
C LEU D 110 -20.09 4.04 -7.27
N CYS D 111 -20.14 3.90 -8.59
CA CYS D 111 -21.02 2.94 -9.25
C CYS D 111 -20.19 1.93 -10.01
N LEU D 112 -20.45 0.65 -9.79
CA LEU D 112 -19.80 -0.43 -10.50
C LEU D 112 -20.82 -1.04 -11.46
N VAL D 113 -20.47 -1.08 -12.75
CA VAL D 113 -21.33 -1.60 -13.81
C VAL D 113 -20.87 -3.01 -14.12
N PHE D 114 -21.75 -3.98 -13.89
CA PHE D 114 -21.50 -5.39 -14.16
C PHE D 114 -22.36 -5.86 -15.32
N GLU D 115 -21.87 -6.89 -16.01
CA GLU D 115 -22.72 -7.65 -16.91
C GLU D 115 -23.89 -8.22 -16.10
N MET D 116 -25.07 -8.23 -16.70
CA MET D 116 -26.23 -8.58 -15.91
C MET D 116 -26.50 -10.07 -16.06
N LEU D 117 -26.70 -10.77 -14.95
CA LEU D 117 -27.12 -12.17 -14.98
C LEU D 117 -28.58 -12.26 -14.53
N SER D 118 -29.14 -13.48 -14.58
CA SER D 118 -30.59 -13.61 -14.46
C SER D 118 -31.07 -13.46 -13.01
N TYR D 119 -30.53 -14.27 -12.11
CA TYR D 119 -30.84 -14.20 -10.68
C TYR D 119 -29.83 -15.06 -9.93
N ASN D 120 -29.97 -15.16 -8.60
CA ASN D 120 -28.96 -15.88 -7.83
C ASN D 120 -29.47 -17.27 -7.43
N LEU D 121 -28.57 -18.07 -6.84
CA LEU D 121 -28.93 -19.46 -6.52
C LEU D 121 -29.92 -19.55 -5.37
N TYR D 122 -30.05 -18.51 -4.55
CA TYR D 122 -31.13 -18.51 -3.58
C TYR D 122 -32.49 -18.35 -4.27
N ASP D 123 -32.58 -17.46 -5.26
CA ASP D 123 -33.78 -17.41 -6.09
C ASP D 123 -34.05 -18.80 -6.66
N LEU D 124 -33.00 -19.47 -7.14
CA LEU D 124 -33.17 -20.79 -7.73
C LEU D 124 -33.74 -21.77 -6.71
N LEU D 125 -33.17 -21.78 -5.51
CA LEU D 125 -33.67 -22.66 -4.46
C LEU D 125 -35.14 -22.39 -4.17
N ARG D 126 -35.51 -21.10 -4.06
CA ARG D 126 -36.91 -20.76 -3.86
C ARG D 126 -37.77 -21.27 -5.02
N ASN D 127 -37.25 -21.18 -6.25
CA ASN D 127 -38.00 -21.70 -7.39
C ASN D 127 -38.17 -23.21 -7.36
N THR D 128 -37.34 -23.92 -6.60
CA THR D 128 -37.53 -25.34 -6.34
C THR D 128 -38.40 -25.58 -5.12
N ASN D 129 -38.95 -24.51 -4.54
CA ASN D 129 -39.70 -24.59 -3.29
C ASN D 129 -38.87 -25.25 -2.18
N PHE D 130 -37.56 -25.04 -2.25
CA PHE D 130 -36.62 -25.47 -1.22
C PHE D 130 -36.62 -26.98 -1.07
N ARG D 131 -36.66 -27.68 -2.20
CA ARG D 131 -36.56 -29.12 -2.23
C ARG D 131 -35.42 -29.58 -3.14
N GLY D 132 -34.68 -28.62 -3.70
CA GLY D 132 -33.41 -28.87 -4.35
C GLY D 132 -33.54 -28.95 -5.87
N VAL D 133 -32.39 -28.87 -6.52
CA VAL D 133 -32.27 -29.18 -7.93
C VAL D 133 -31.66 -30.56 -8.09
N SER D 134 -31.71 -31.08 -9.31
CA SER D 134 -31.24 -32.44 -9.58
C SER D 134 -29.76 -32.58 -9.22
N LEU D 135 -29.34 -33.82 -9.00
CA LEU D 135 -27.92 -34.08 -8.81
C LEU D 135 -27.13 -33.73 -10.06
N ASN D 136 -27.74 -33.92 -11.24
CA ASN D 136 -27.05 -33.58 -12.48
C ASN D 136 -26.76 -32.08 -12.59
N LEU D 137 -27.73 -31.25 -12.23
CA LEU D 137 -27.48 -29.82 -12.23
C LEU D 137 -26.52 -29.44 -11.09
N THR D 138 -26.58 -30.15 -9.96
CA THR D 138 -25.65 -29.87 -8.87
C THR D 138 -24.21 -30.15 -9.31
N ARG D 139 -24.01 -31.22 -10.08
CA ARG D 139 -22.67 -31.54 -10.56
C ARG D 139 -22.13 -30.43 -11.47
N LYS D 140 -22.93 -29.99 -12.45
CA LYS D 140 -22.52 -28.86 -13.29
C LYS D 140 -22.14 -27.64 -12.46
N PHE D 141 -22.95 -27.33 -11.43
CA PHE D 141 -22.62 -26.21 -10.56
C PHE D 141 -21.28 -26.42 -9.86
N ALA D 142 -21.10 -27.58 -9.25
CA ALA D 142 -19.90 -27.86 -8.47
C ALA D 142 -18.65 -27.78 -9.34
N GLN D 143 -18.76 -28.24 -10.59
CA GLN D 143 -17.61 -28.21 -11.49
C GLN D 143 -17.24 -26.78 -11.85
N GLN D 144 -18.24 -25.92 -12.07
CA GLN D 144 -17.97 -24.51 -12.33
C GLN D 144 -17.37 -23.82 -11.12
N MET D 145 -17.91 -24.08 -9.92
CA MET D 145 -17.44 -23.41 -8.72
C MET D 145 -16.03 -23.85 -8.34
N CYS D 146 -15.71 -25.14 -8.46
CA CYS D 146 -14.34 -25.59 -8.27
C CYS D 146 -13.41 -24.89 -9.25
N THR D 147 -13.89 -24.68 -10.49
CA THR D 147 -13.10 -23.99 -11.49
C THR D 147 -12.91 -22.52 -11.12
N ALA D 148 -13.97 -21.86 -10.67
CA ALA D 148 -13.82 -20.50 -10.15
C ALA D 148 -12.82 -20.45 -9.00
N LEU D 149 -12.95 -21.36 -8.03
CA LEU D 149 -12.04 -21.37 -6.89
C LEU D 149 -10.60 -21.64 -7.32
N LEU D 150 -10.41 -22.45 -8.35
CA LEU D 150 -9.07 -22.66 -8.87
C LEU D 150 -8.50 -21.35 -9.40
N PHE D 151 -9.33 -20.59 -10.13
CA PHE D 151 -8.89 -19.30 -10.65
C PHE D 151 -8.46 -18.38 -9.52
N LEU D 152 -9.29 -18.25 -8.49
CA LEU D 152 -8.98 -17.39 -7.37
C LEU D 152 -7.68 -17.81 -6.68
N ALA D 153 -7.33 -19.10 -6.79
CA ALA D 153 -6.15 -19.66 -6.16
C ALA D 153 -4.88 -19.44 -6.96
N THR D 154 -4.96 -19.00 -8.22
CA THR D 154 -3.79 -18.52 -8.95
C THR D 154 -2.90 -17.72 -8.01
N PRO D 155 -1.61 -18.05 -7.93
CA PRO D 155 -0.76 -17.48 -6.86
C PRO D 155 -0.71 -15.96 -6.88
N GLU D 156 -0.63 -15.35 -8.06
CA GLU D 156 -0.59 -13.89 -8.14
C GLU D 156 -1.90 -13.26 -7.67
N LEU D 157 -2.97 -14.06 -7.63
CA LEU D 157 -4.23 -13.56 -7.10
C LEU D 157 -4.37 -13.97 -5.64
N SER D 158 -4.47 -15.27 -5.37
CA SER D 158 -4.64 -15.81 -4.01
C SER D 158 -5.75 -15.07 -3.28
N ILE D 159 -6.93 -15.07 -3.88
CA ILE D 159 -8.06 -14.30 -3.39
C ILE D 159 -8.99 -15.22 -2.61
N ILE D 160 -9.39 -14.76 -1.43
CA ILE D 160 -10.40 -15.42 -0.64
C ILE D 160 -11.70 -14.64 -0.80
N HIS D 161 -12.74 -15.27 -1.36
CA HIS D 161 -14.00 -14.57 -1.50
C HIS D 161 -14.54 -14.15 -0.15
N CYS D 162 -14.59 -15.07 0.81
CA CYS D 162 -14.98 -14.84 2.20
C CYS D 162 -16.48 -14.74 2.43
N ASP D 163 -17.31 -14.80 1.39
CA ASP D 163 -18.75 -14.71 1.62
C ASP D 163 -19.50 -15.52 0.57
N LEU D 164 -19.00 -16.72 0.27
CA LEU D 164 -19.70 -17.61 -0.64
C LEU D 164 -20.98 -18.09 0.03
N LYS D 165 -22.07 -17.99 -0.70
CA LYS D 165 -23.39 -18.40 -0.26
C LYS D 165 -24.25 -18.42 -1.51
N PRO D 166 -25.43 -19.05 -1.48
CA PRO D 166 -26.28 -19.06 -2.68
C PRO D 166 -26.57 -17.66 -3.22
N GLU D 167 -26.78 -16.69 -2.34
CA GLU D 167 -27.04 -15.33 -2.81
C GLU D 167 -25.91 -14.80 -3.70
N ASN D 168 -24.67 -15.26 -3.48
CA ASN D 168 -23.53 -14.69 -4.19
C ASN D 168 -23.08 -15.53 -5.36
N ILE D 169 -23.91 -16.46 -5.80
CA ILE D 169 -23.69 -17.18 -7.04
C ILE D 169 -24.87 -16.90 -7.97
N LEU D 170 -24.57 -16.48 -9.19
CA LEU D 170 -25.60 -16.02 -10.12
C LEU D 170 -25.72 -16.97 -11.28
N LEU D 171 -26.95 -17.18 -11.72
CA LEU D 171 -27.25 -18.00 -12.88
C LEU D 171 -27.36 -17.08 -14.09
N CYS D 172 -26.62 -17.40 -15.15
CA CYS D 172 -26.60 -16.56 -16.35
C CYS D 172 -27.99 -16.46 -16.97
N ASN D 173 -28.55 -17.60 -17.32
CA ASN D 173 -29.71 -17.72 -18.20
C ASN D 173 -30.58 -18.83 -17.62
N PRO D 174 -31.86 -18.55 -17.35
CA PRO D 174 -32.70 -19.56 -16.68
C PRO D 174 -32.81 -20.87 -17.45
N LYS D 175 -32.43 -20.89 -18.72
CA LYS D 175 -32.47 -22.10 -19.54
C LYS D 175 -31.12 -22.80 -19.63
N ARG D 176 -30.12 -22.37 -18.86
CA ARG D 176 -28.82 -22.99 -18.90
C ARG D 176 -28.27 -23.11 -17.48
N SER D 177 -27.19 -23.88 -17.37
CA SER D 177 -26.56 -24.18 -16.09
C SER D 177 -25.37 -23.30 -15.77
N ALA D 178 -24.98 -22.38 -16.66
CA ALA D 178 -23.85 -21.51 -16.43
C ALA D 178 -24.10 -20.60 -15.22
N ILE D 179 -23.10 -20.53 -14.34
CA ILE D 179 -23.15 -19.72 -13.13
C ILE D 179 -21.84 -18.95 -12.99
N LYS D 180 -21.89 -17.90 -12.16
CA LYS D 180 -20.72 -17.08 -11.89
C LYS D 180 -20.78 -16.59 -10.45
N ILE D 181 -19.60 -16.26 -9.91
CA ILE D 181 -19.48 -15.73 -8.55
C ILE D 181 -19.53 -14.22 -8.61
N VAL D 182 -20.17 -13.62 -7.62
CA VAL D 182 -20.38 -12.18 -7.56
C VAL D 182 -20.03 -11.64 -6.17
N ASP D 183 -19.84 -10.32 -6.13
CA ASP D 183 -19.59 -9.53 -4.92
C ASP D 183 -18.31 -9.93 -4.21
N PHE D 184 -17.21 -9.30 -4.62
CA PHE D 184 -15.95 -9.37 -3.90
C PHE D 184 -15.76 -8.21 -2.95
N GLY D 185 -16.84 -7.62 -2.46
CA GLY D 185 -16.70 -6.55 -1.49
C GLY D 185 -16.18 -7.01 -0.13
N SER D 186 -16.35 -8.29 0.21
CA SER D 186 -15.83 -8.82 1.46
C SER D 186 -14.52 -9.56 1.28
N SER D 187 -13.97 -9.58 0.08
CA SER D 187 -12.86 -10.45 -0.22
C SER D 187 -11.54 -9.82 0.27
N CYS D 188 -10.51 -10.65 0.26
CA CYS D 188 -9.17 -10.18 0.57
C CYS D 188 -8.21 -11.13 -0.11
N GLN D 189 -6.98 -10.68 -0.25
CA GLN D 189 -5.92 -11.58 -0.70
C GLN D 189 -5.26 -12.20 0.51
N LEU D 190 -4.65 -13.36 0.28
CA LEU D 190 -4.03 -14.15 1.34
C LEU D 190 -3.12 -13.31 2.23
N GLY D 191 -2.58 -12.23 1.70
CA GLY D 191 -1.71 -11.35 2.45
C GLY D 191 -2.39 -10.19 3.17
N GLN D 192 -3.72 -10.15 3.19
CA GLN D 192 -4.47 -9.06 3.82
C GLN D 192 -5.58 -9.64 4.72
N ARG D 193 -5.19 -10.37 5.76
CA ARG D 193 -6.13 -11.04 6.66
C ARG D 193 -5.87 -10.64 8.10
N ILE D 194 -6.76 -9.81 8.64
CA ILE D 194 -6.74 -9.45 10.06
C ILE D 194 -8.10 -9.77 10.67
N TYR D 195 -9.15 -9.66 9.86
CA TYR D 195 -10.51 -9.86 10.34
C TYR D 195 -10.78 -11.34 10.54
N GLN D 196 -11.18 -11.73 11.74
CA GLN D 196 -11.41 -13.15 12.01
C GLN D 196 -12.90 -13.53 12.06
N ILE D 198 -15.52 -13.63 9.90
CA ILE D 198 -15.83 -13.55 8.47
C ILE D 198 -16.76 -14.70 8.06
N GLN D 199 -17.21 -14.65 6.80
CA GLN D 199 -18.16 -15.58 6.18
C GLN D 199 -19.56 -15.48 6.76
N SER D 200 -20.57 -15.75 5.93
CA SER D 200 -21.94 -15.90 6.45
C SER D 200 -22.04 -17.14 7.33
N ARG D 201 -22.78 -17.02 8.42
CA ARG D 201 -22.72 -18.01 9.50
C ARG D 201 -23.02 -19.43 9.01
N PHE D 202 -24.11 -19.60 8.24
CA PHE D 202 -24.44 -20.93 7.74
C PHE D 202 -23.27 -21.56 6.99
N TYR D 203 -22.43 -20.73 6.36
CA TYR D 203 -21.33 -21.15 5.50
C TYR D 203 -19.98 -20.90 6.13
N ARG D 204 -19.94 -20.59 7.44
CA ARG D 204 -18.72 -20.26 8.14
C ARG D 204 -17.92 -21.51 8.49
N SER D 205 -16.64 -21.51 8.13
CA SER D 205 -15.78 -22.66 8.33
C SER D 205 -15.43 -22.85 9.81
N PRO D 206 -15.06 -24.07 10.23
CA PRO D 206 -14.76 -24.28 11.66
C PRO D 206 -13.49 -23.57 12.10
N GLU D 207 -12.49 -23.41 11.23
CA GLU D 207 -11.29 -22.66 11.63
C GLU D 207 -11.65 -21.23 11.99
N VAL D 208 -12.63 -20.65 11.30
CA VAL D 208 -13.07 -19.30 11.65
C VAL D 208 -13.80 -19.31 12.99
N LEU D 209 -14.75 -20.24 13.16
CA LEU D 209 -15.46 -20.34 14.43
C LEU D 209 -14.50 -20.59 15.59
N LEU D 210 -13.38 -21.25 15.33
CA LEU D 210 -12.42 -21.58 16.36
C LEU D 210 -11.36 -20.51 16.60
N GLY D 211 -11.15 -19.61 15.64
CA GLY D 211 -10.09 -18.62 15.78
C GLY D 211 -8.73 -19.07 15.28
N MET D 212 -8.67 -19.93 14.29
CA MET D 212 -7.42 -20.44 13.78
C MET D 212 -6.98 -19.64 12.58
N PRO D 213 -5.73 -19.85 12.12
CA PRO D 213 -5.31 -19.35 10.79
C PRO D 213 -6.31 -19.79 9.75
N TYR D 214 -6.59 -18.92 8.80
CA TYR D 214 -7.47 -19.27 7.69
C TYR D 214 -6.82 -18.81 6.38
N ASP D 215 -7.22 -19.46 5.30
CA ASP D 215 -6.70 -19.22 3.98
C ASP D 215 -7.83 -19.48 3.00
N LEU D 216 -7.48 -19.80 1.75
CA LEU D 216 -8.48 -19.98 0.71
C LEU D 216 -9.39 -21.17 0.98
N ALA D 217 -8.94 -22.11 1.83
CA ALA D 217 -9.69 -23.32 2.10
C ALA D 217 -11.04 -23.04 2.71
N ILE D 218 -11.19 -21.89 3.38
CA ILE D 218 -12.51 -21.54 3.91
C ILE D 218 -13.56 -21.44 2.81
N ASP D 219 -13.18 -21.06 1.58
CA ASP D 219 -14.17 -21.00 0.51
C ASP D 219 -14.63 -22.39 0.09
N MET D 220 -13.70 -23.35 0.13
CA MET D 220 -14.03 -24.75 -0.13
C MET D 220 -15.03 -25.29 0.89
N TRP D 221 -14.86 -24.92 2.17
CA TRP D 221 -15.85 -25.33 3.16
C TRP D 221 -17.22 -24.77 2.79
N SER D 222 -17.27 -23.47 2.44
CA SER D 222 -18.55 -22.89 2.01
C SER D 222 -19.10 -23.63 0.81
N LEU D 223 -18.24 -23.96 -0.17
CA LEU D 223 -18.70 -24.66 -1.36
C LEU D 223 -19.40 -25.97 -0.98
N GLY D 224 -18.78 -26.75 -0.09
CA GLY D 224 -19.40 -28.00 0.33
C GLY D 224 -20.77 -27.80 0.93
N CYS D 225 -20.92 -26.78 1.79
CA CYS D 225 -22.22 -26.51 2.38
C CYS D 225 -23.22 -26.15 1.31
N ILE D 226 -22.80 -25.32 0.35
CA ILE D 226 -23.69 -24.82 -0.68
C ILE D 226 -24.16 -25.96 -1.57
N LEU D 227 -23.25 -26.83 -1.99
CA LEU D 227 -23.60 -27.93 -2.89
C LEU D 227 -24.66 -28.85 -2.26
N VAL D 228 -24.51 -29.16 -0.96
CA VAL D 228 -25.53 -29.96 -0.29
C VAL D 228 -26.88 -29.23 -0.31
N GLU D 229 -26.85 -27.94 0.00
CA GLU D 229 -28.09 -27.17 0.03
C GLU D 229 -28.74 -27.07 -1.35
N MET D 230 -27.92 -26.99 -2.40
CA MET D 230 -28.48 -26.93 -3.75
C MET D 230 -29.26 -28.19 -4.08
N HIS D 231 -28.80 -29.35 -3.60
CA HIS D 231 -29.48 -30.59 -3.91
C HIS D 231 -30.60 -30.93 -2.92
N THR D 232 -30.43 -30.64 -1.63
CA THR D 232 -31.53 -30.89 -0.71
C THR D 232 -32.58 -29.79 -0.75
N GLY D 233 -32.16 -28.56 -1.06
CA GLY D 233 -33.01 -27.41 -0.97
C GLY D 233 -32.92 -26.66 0.35
N GLU D 234 -32.24 -27.22 1.35
CA GLU D 234 -32.19 -26.56 2.65
C GLU D 234 -30.75 -26.34 3.09
N PRO D 235 -30.49 -25.29 3.88
CA PRO D 235 -29.13 -25.08 4.40
C PRO D 235 -28.66 -26.31 5.15
N LEU D 236 -27.38 -26.63 4.99
CA LEU D 236 -26.84 -27.80 5.67
C LEU D 236 -26.72 -27.57 7.19
N PHE D 237 -26.20 -26.41 7.58
CA PHE D 237 -25.90 -26.04 8.97
C PHE D 237 -26.57 -24.71 9.29
N SER D 238 -27.82 -24.74 9.74
CA SER D 238 -28.62 -23.52 9.89
C SER D 238 -28.48 -22.94 11.30
N GLY D 239 -27.25 -22.56 11.64
CA GLY D 239 -26.98 -22.10 13.00
C GLY D 239 -27.67 -20.78 13.31
N ALA D 240 -28.18 -20.67 14.53
CA ALA D 240 -28.76 -19.41 14.98
C ALA D 240 -27.73 -18.50 15.62
N ASN D 241 -26.60 -19.07 16.02
CA ASN D 241 -25.47 -18.35 16.61
C ASN D 241 -24.24 -19.24 16.39
N GLU D 242 -23.11 -18.84 16.97
CA GLU D 242 -21.87 -19.58 16.70
C GLU D 242 -21.87 -20.93 17.41
N VAL D 243 -22.38 -20.98 18.65
CA VAL D 243 -22.47 -22.26 19.34
C VAL D 243 -23.47 -23.18 18.65
N ASP D 244 -24.66 -22.66 18.34
CA ASP D 244 -25.61 -23.42 17.54
C ASP D 244 -24.99 -23.86 16.20
N GLN D 245 -24.26 -22.95 15.54
CA GLN D 245 -23.60 -23.30 14.28
C GLN D 245 -22.65 -24.48 14.46
N MET D 246 -21.78 -24.41 15.48
CA MET D 246 -20.86 -25.52 15.69
C MET D 246 -21.61 -26.80 16.09
N ASN D 247 -22.69 -26.66 16.85
CA ASN D 247 -23.44 -27.84 17.27
C ASN D 247 -24.12 -28.52 16.08
N LYS D 248 -24.65 -27.72 15.16
CA LYS D 248 -25.25 -28.28 13.95
C LYS D 248 -24.20 -28.89 13.04
N ILE D 249 -22.99 -28.34 13.01
CA ILE D 249 -21.90 -29.01 12.30
C ILE D 249 -21.61 -30.35 12.96
N VAL D 250 -21.44 -30.35 14.29
CA VAL D 250 -21.05 -31.56 15.02
C VAL D 250 -22.11 -32.65 14.90
N GLU D 251 -23.40 -32.27 14.86
CA GLU D 251 -24.46 -33.25 14.64
C GLU D 251 -24.15 -34.12 13.42
N VAL D 252 -23.63 -33.51 12.36
CA VAL D 252 -23.38 -34.21 11.09
C VAL D 252 -21.99 -34.82 11.04
N LEU D 253 -20.99 -34.11 11.56
CA LEU D 253 -19.59 -34.43 11.35
C LEU D 253 -18.88 -34.84 12.64
N GLY D 254 -19.57 -34.83 13.78
CA GLY D 254 -19.00 -35.25 15.04
C GLY D 254 -18.02 -34.26 15.63
N ILE D 255 -17.33 -34.73 16.67
CA ILE D 255 -16.33 -33.95 17.40
C ILE D 255 -15.10 -33.77 16.53
N PRO D 256 -14.59 -32.54 16.37
CA PRO D 256 -13.42 -32.32 15.50
C PRO D 256 -12.20 -33.09 15.99
N PRO D 257 -11.16 -33.21 15.16
CA PRO D 257 -9.92 -33.86 15.62
C PRO D 257 -9.35 -33.18 16.84
N ALA D 258 -8.78 -33.99 17.74
CA ALA D 258 -8.20 -33.45 18.97
C ALA D 258 -7.00 -32.55 18.70
N HIS D 259 -6.20 -32.86 17.69
CA HIS D 259 -5.03 -32.01 17.40
C HIS D 259 -5.43 -30.61 16.96
N ILE D 260 -6.61 -30.47 16.35
CA ILE D 260 -7.12 -29.14 15.93
C ILE D 260 -7.64 -28.41 17.16
N LEU D 261 -8.55 -29.04 17.91
CA LEU D 261 -9.10 -28.40 19.10
C LEU D 261 -8.00 -28.03 20.09
N ASP D 262 -6.90 -28.79 20.12
CA ASP D 262 -5.79 -28.47 21.00
C ASP D 262 -5.22 -27.09 20.71
N GLN D 263 -5.15 -26.75 19.42
CA GLN D 263 -4.54 -25.46 18.99
C GLN D 263 -5.63 -24.46 18.65
N ALA D 264 -6.82 -24.64 19.23
CA ALA D 264 -7.96 -23.78 18.92
C ALA D 264 -8.16 -22.77 20.02
N PRO D 265 -7.95 -21.47 19.76
CA PRO D 265 -8.16 -20.47 20.82
C PRO D 265 -9.58 -20.46 21.36
N LYS D 266 -10.59 -20.68 20.52
CA LYS D 266 -11.98 -20.69 20.96
C LYS D 266 -12.52 -22.12 21.12
N ALA D 267 -11.66 -23.08 21.42
CA ALA D 267 -12.11 -24.45 21.66
C ALA D 267 -13.13 -24.49 22.78
N ARG D 268 -12.75 -24.00 23.96
CA ARG D 268 -13.61 -24.09 25.15
C ARG D 268 -14.86 -23.22 25.03
N LYS D 269 -14.99 -22.41 23.97
CA LYS D 269 -16.29 -21.79 23.70
C LYS D 269 -17.33 -22.84 23.35
N PHE D 270 -16.91 -23.97 22.80
CA PHE D 270 -17.80 -25.03 22.34
C PHE D 270 -17.56 -26.38 22.98
N PHE D 271 -16.34 -26.70 23.37
CA PHE D 271 -15.96 -28.04 23.77
C PHE D 271 -15.31 -28.03 25.14
N GLU D 272 -15.29 -29.19 25.78
CA GLU D 272 -14.74 -29.34 27.13
C GLU D 272 -13.32 -29.89 27.11
N TRP D 279 -11.73 -34.78 24.55
CA TRP D 279 -12.43 -33.65 23.95
C TRP D 279 -13.91 -33.98 23.76
N ASN D 280 -14.77 -33.32 24.52
CA ASN D 280 -16.21 -33.52 24.43
C ASN D 280 -16.90 -32.17 24.24
N LEU D 281 -18.15 -32.23 23.79
CA LEU D 281 -18.95 -31.06 23.52
C LEU D 281 -19.49 -30.47 24.83
N LYS D 282 -19.49 -29.14 24.92
CA LYS D 282 -20.16 -28.48 26.03
C LYS D 282 -21.65 -28.36 25.74
N LYS D 283 -22.44 -28.17 26.80
CA LYS D 283 -23.89 -28.08 26.67
C LYS D 283 -24.34 -26.63 26.64
N THR D 284 -25.37 -26.35 25.85
CA THR D 284 -25.84 -24.99 25.60
C THR D 284 -26.29 -24.27 26.87
N ARG D 289 -34.95 -28.92 21.35
CA ARG D 289 -34.01 -28.39 22.34
C ARG D 289 -32.66 -29.12 22.25
N GLU D 290 -32.60 -30.30 22.87
CA GLU D 290 -31.38 -31.10 22.84
C GLU D 290 -30.97 -31.42 21.40
N TYR D 291 -29.67 -31.27 21.13
CA TYR D 291 -29.10 -31.57 19.82
C TYR D 291 -28.95 -33.07 19.61
N LYS D 292 -29.00 -33.49 18.35
CA LYS D 292 -28.67 -34.86 18.02
C LYS D 292 -27.22 -35.17 18.44
N PRO D 293 -26.94 -36.40 18.87
CA PRO D 293 -25.58 -36.77 19.30
C PRO D 293 -24.59 -36.67 18.14
N PRO D 294 -23.29 -36.55 18.45
CA PRO D 294 -22.31 -36.25 17.39
C PRO D 294 -22.26 -37.32 16.31
N GLY D 295 -22.30 -36.87 15.05
CA GLY D 295 -22.24 -37.77 13.90
C GLY D 295 -23.51 -38.53 13.58
N THR D 296 -24.56 -38.44 14.40
CA THR D 296 -25.76 -39.22 14.13
C THR D 296 -26.58 -38.65 12.98
N ARG D 297 -26.45 -37.35 12.69
CA ARG D 297 -27.11 -36.75 11.54
C ARG D 297 -26.23 -36.98 10.30
N LYS D 298 -26.21 -38.23 9.85
CA LYS D 298 -25.29 -38.64 8.80
C LYS D 298 -25.62 -37.99 7.45
N LEU D 299 -24.58 -37.56 6.75
CA LEU D 299 -24.75 -37.03 5.39
C LEU D 299 -25.34 -38.10 4.47
N HIS D 300 -25.02 -39.37 4.71
CA HIS D 300 -25.61 -40.49 3.96
C HIS D 300 -27.13 -40.41 3.98
N ASN D 301 -27.71 -39.99 5.11
CA ASN D 301 -29.15 -39.90 5.27
C ASN D 301 -29.70 -38.56 4.75
N ILE D 302 -28.95 -37.47 5.00
CA ILE D 302 -29.30 -36.15 4.46
C ILE D 302 -29.44 -36.22 2.95
N LEU D 303 -28.46 -36.83 2.28
CA LEU D 303 -28.51 -36.98 0.84
C LEU D 303 -29.51 -38.03 0.39
N GLY D 304 -29.85 -38.98 1.26
CA GLY D 304 -30.73 -40.08 0.90
C GLY D 304 -30.06 -41.02 -0.08
N VAL D 305 -28.80 -41.39 0.22
CA VAL D 305 -27.97 -42.13 -0.74
C VAL D 305 -28.67 -43.38 -1.24
N GLU D 306 -29.22 -44.18 -0.33
CA GLU D 306 -29.85 -45.43 -0.70
C GLU D 306 -31.36 -45.37 -0.63
N THR D 307 -31.93 -44.19 -0.39
CA THR D 307 -33.36 -44.03 -0.16
C THR D 307 -34.00 -43.04 -1.14
N GLY D 308 -33.44 -42.94 -2.35
CA GLY D 308 -34.05 -42.12 -3.38
C GLY D 308 -33.79 -40.63 -3.24
N GLY D 309 -32.64 -40.25 -2.69
CA GLY D 309 -32.28 -38.85 -2.60
C GLY D 309 -33.06 -38.12 -1.53
N PRO D 310 -32.96 -36.80 -1.53
CA PRO D 310 -33.69 -35.99 -0.53
C PRO D 310 -35.19 -36.25 -0.58
N GLY D 311 -35.77 -36.53 0.58
CA GLY D 311 -37.18 -36.85 0.68
C GLY D 311 -37.65 -38.03 -0.14
N GLY D 312 -36.73 -38.84 -0.65
CA GLY D 312 -37.07 -39.90 -1.58
C GLY D 312 -37.50 -39.44 -2.96
N ARG D 313 -37.46 -38.13 -3.24
CA ARG D 313 -38.05 -37.60 -4.46
C ARG D 313 -37.28 -37.96 -5.72
N ARG D 314 -36.03 -38.39 -5.59
CA ARG D 314 -35.19 -38.68 -6.75
C ARG D 314 -35.18 -40.16 -7.12
N ALA D 315 -36.03 -40.97 -6.50
CA ALA D 315 -36.06 -42.39 -6.80
C ALA D 315 -36.26 -42.62 -8.30
N GLY D 316 -35.26 -43.22 -8.93
CA GLY D 316 -35.34 -43.66 -10.30
C GLY D 316 -34.74 -42.71 -11.33
N GLU D 317 -34.71 -41.41 -11.05
CA GLU D 317 -34.28 -40.44 -12.04
C GLU D 317 -32.85 -40.75 -12.50
N SER D 318 -32.61 -40.53 -13.80
CA SER D 318 -31.28 -40.80 -14.35
C SER D 318 -30.22 -39.99 -13.62
N GLY D 319 -29.03 -40.58 -13.51
CA GLY D 319 -27.95 -39.92 -12.82
C GLY D 319 -28.23 -39.63 -11.36
N HIS D 320 -29.12 -40.39 -10.74
CA HIS D 320 -29.38 -40.31 -9.31
C HIS D 320 -29.24 -41.69 -8.68
N THR D 321 -28.25 -42.47 -9.15
CA THR D 321 -28.09 -43.83 -8.64
C THR D 321 -27.35 -43.83 -7.30
N VAL D 322 -27.26 -45.02 -6.70
CA VAL D 322 -26.45 -45.18 -5.51
C VAL D 322 -24.99 -44.84 -5.82
N ALA D 323 -24.48 -45.35 -6.94
CA ALA D 323 -23.13 -45.01 -7.38
C ALA D 323 -22.94 -43.50 -7.51
N ASP D 324 -23.92 -42.80 -8.07
CA ASP D 324 -23.80 -41.34 -8.21
C ASP D 324 -23.77 -40.68 -6.84
N TYR D 325 -24.70 -41.08 -5.97
CA TYR D 325 -24.83 -40.41 -4.67
C TYR D 325 -23.59 -40.65 -3.81
N LEU D 326 -23.02 -41.86 -3.86
CA LEU D 326 -21.83 -42.14 -3.08
C LEU D 326 -20.66 -41.26 -3.54
N LYS D 327 -20.53 -41.05 -4.85
CA LYS D 327 -19.48 -40.17 -5.36
C LYS D 327 -19.67 -38.75 -4.85
N PHE D 328 -20.92 -38.25 -4.86
CA PHE D 328 -21.19 -36.91 -4.35
C PHE D 328 -20.91 -36.82 -2.85
N LYS D 329 -21.34 -37.81 -2.07
CA LYS D 329 -21.07 -37.81 -0.65
C LYS D 329 -19.56 -37.73 -0.38
N ASP D 330 -18.77 -38.43 -1.19
CA ASP D 330 -17.33 -38.46 -1.00
C ASP D 330 -16.72 -37.09 -1.26
N LEU D 331 -17.16 -36.43 -2.34
CA LEU D 331 -16.63 -35.11 -2.65
C LEU D 331 -17.01 -34.11 -1.56
N ILE D 332 -18.28 -34.11 -1.16
CA ILE D 332 -18.74 -33.19 -0.12
C ILE D 332 -17.92 -33.42 1.15
N LEU D 333 -17.74 -34.69 1.52
CA LEU D 333 -17.00 -35.00 2.74
C LEU D 333 -15.56 -34.50 2.65
N ARG D 334 -14.93 -34.63 1.49
CA ARG D 334 -13.58 -34.06 1.30
C ARG D 334 -13.60 -32.53 1.41
N MET D 335 -14.70 -31.89 1.00
CA MET D 335 -14.82 -30.44 1.12
C MET D 335 -15.08 -30.01 2.56
N LEU D 336 -15.68 -30.87 3.36
CA LEU D 336 -16.04 -30.52 4.73
C LEU D 336 -15.08 -31.09 5.74
N ASP D 337 -13.90 -31.50 5.28
CA ASP D 337 -12.78 -31.80 6.16
C ASP D 337 -12.67 -30.73 7.24
N TYR D 338 -12.55 -31.19 8.49
CA TYR D 338 -12.32 -30.29 9.62
C TYR D 338 -11.01 -29.54 9.51
N ASP D 339 -9.98 -30.18 8.96
CA ASP D 339 -8.64 -29.58 8.93
C ASP D 339 -8.42 -28.88 7.60
N PRO D 340 -8.14 -27.57 7.59
CA PRO D 340 -8.00 -26.86 6.31
C PRO D 340 -6.72 -27.17 5.56
N LYS D 341 -5.73 -27.79 6.20
CA LYS D 341 -4.54 -28.20 5.48
C LYS D 341 -4.74 -29.48 4.70
N THR D 342 -5.74 -30.30 5.04
CA THR D 342 -6.08 -31.49 4.27
C THR D 342 -7.44 -31.41 3.59
N ARG D 343 -8.17 -30.31 3.74
CA ARG D 343 -9.37 -30.10 2.95
C ARG D 343 -9.03 -30.17 1.46
N ILE D 344 -9.87 -30.85 0.69
CA ILE D 344 -9.62 -30.99 -0.75
C ILE D 344 -9.48 -29.61 -1.37
N GLN D 345 -8.54 -29.49 -2.31
CA GLN D 345 -8.21 -28.23 -2.95
C GLN D 345 -8.71 -28.21 -4.38
N PRO D 346 -8.93 -27.00 -4.95
CA PRO D 346 -9.66 -26.91 -6.24
C PRO D 346 -9.11 -27.80 -7.36
N TYR D 347 -7.80 -27.79 -7.58
CA TYR D 347 -7.22 -28.62 -8.62
C TYR D 347 -7.63 -30.09 -8.44
N TYR D 348 -7.51 -30.59 -7.22
CA TYR D 348 -7.84 -31.99 -6.95
C TYR D 348 -9.35 -32.23 -7.01
N ALA D 349 -10.14 -31.26 -6.53
CA ALA D 349 -11.58 -31.43 -6.57
C ALA D 349 -12.06 -31.63 -8.00
N LEU D 350 -11.43 -30.96 -8.96
CA LEU D 350 -11.89 -31.04 -10.34
C LEU D 350 -11.63 -32.41 -10.95
N GLN D 351 -10.74 -33.20 -10.36
CA GLN D 351 -10.42 -34.53 -10.87
C GLN D 351 -11.22 -35.64 -10.20
N HIS D 352 -12.11 -35.30 -9.27
CA HIS D 352 -12.90 -36.29 -8.55
C HIS D 352 -13.82 -37.05 -9.49
N SER D 353 -14.07 -38.32 -9.16
CA SER D 353 -14.91 -39.18 -10.03
C SER D 353 -16.31 -38.61 -10.22
N PHE D 354 -16.82 -37.89 -9.23
CA PHE D 354 -18.11 -37.22 -9.35
C PHE D 354 -18.25 -36.42 -10.63
N PHE D 355 -17.13 -35.93 -11.19
CA PHE D 355 -17.17 -35.14 -12.41
C PHE D 355 -16.94 -35.96 -13.67
N LYS D 356 -16.27 -37.11 -13.57
CA LYS D 356 -16.02 -37.96 -14.73
C LYS D 356 -17.32 -38.36 -15.41
#